data_2ODM
# 
_entry.id   2ODM 
# 
_audit_conform.dict_name       mmcif_pdbx.dic 
_audit_conform.dict_version    5.397 
_audit_conform.dict_location   http://mmcif.pdb.org/dictionaries/ascii/mmcif_pdbx.dic 
# 
loop_
_database_2.database_id 
_database_2.database_code 
_database_2.pdbx_database_accession 
_database_2.pdbx_DOI 
PDB   2ODM         pdb_00002odm 10.2210/pdb2odm/pdb 
RCSB  RCSB041002   ?            ?                   
WWPDB D_1000041002 ?            ?                   
# 
loop_
_pdbx_audit_revision_history.ordinal 
_pdbx_audit_revision_history.data_content_type 
_pdbx_audit_revision_history.major_revision 
_pdbx_audit_revision_history.minor_revision 
_pdbx_audit_revision_history.revision_date 
1 'Structure model' 1 0 2007-06-05 
2 'Structure model' 1 1 2008-05-01 
3 'Structure model' 1 2 2011-07-13 
4 'Structure model' 1 3 2023-12-27 
5 'Structure model' 1 4 2024-10-30 
# 
_pdbx_audit_revision_details.ordinal             1 
_pdbx_audit_revision_details.revision_ordinal    1 
_pdbx_audit_revision_details.data_content_type   'Structure model' 
_pdbx_audit_revision_details.provider            repository 
_pdbx_audit_revision_details.type                'Initial release' 
_pdbx_audit_revision_details.description         ? 
_pdbx_audit_revision_details.details             ? 
# 
loop_
_pdbx_audit_revision_group.ordinal 
_pdbx_audit_revision_group.revision_ordinal 
_pdbx_audit_revision_group.data_content_type 
_pdbx_audit_revision_group.group 
1 2 'Structure model' 'Version format compliance' 
2 3 'Structure model' 'Source and taxonomy'       
3 3 'Structure model' 'Version format compliance' 
4 4 'Structure model' 'Data collection'           
5 4 'Structure model' 'Database references'       
6 4 'Structure model' 'Derived calculations'      
7 5 'Structure model' 'Structure summary'         
# 
loop_
_pdbx_audit_revision_category.ordinal 
_pdbx_audit_revision_category.revision_ordinal 
_pdbx_audit_revision_category.data_content_type 
_pdbx_audit_revision_category.category 
1 4 'Structure model' chem_comp_atom            
2 4 'Structure model' chem_comp_bond            
3 4 'Structure model' database_2                
4 4 'Structure model' struct_conn               
5 4 'Structure model' struct_ref_seq_dif        
6 5 'Structure model' pdbx_entry_details        
7 5 'Structure model' pdbx_modification_feature 
# 
loop_
_pdbx_audit_revision_item.ordinal 
_pdbx_audit_revision_item.revision_ordinal 
_pdbx_audit_revision_item.data_content_type 
_pdbx_audit_revision_item.item 
1 4 'Structure model' '_database_2.pdbx_DOI'                
2 4 'Structure model' '_database_2.pdbx_database_accession' 
3 4 'Structure model' '_struct_conn.pdbx_leaving_atom_flag' 
4 4 'Structure model' '_struct_ref_seq_dif.details'         
# 
_pdbx_database_status.status_code                     REL 
_pdbx_database_status.entry_id                        2ODM 
_pdbx_database_status.recvd_initial_deposition_date   2006-12-23 
_pdbx_database_status.deposit_site                    RCSB 
_pdbx_database_status.process_site                    RCSB 
_pdbx_database_status.status_code_sf                  REL 
_pdbx_database_status.status_code_mr                  ? 
_pdbx_database_status.SG_entry                        ? 
_pdbx_database_status.pdb_format_compatible           Y 
_pdbx_database_status.status_code_cs                  ? 
_pdbx_database_status.status_code_nmr_data            ? 
_pdbx_database_status.methods_development_category    ? 
# 
loop_
_audit_author.name 
_audit_author.pdbx_ordinal 
'Xu, L.'            1 
'Sedelnikova, S.E.' 2 
'Baker, P.J.'       3 
'Errington, J.'     4 
'Hunt, A.'          5 
'Rice, D.W.'        6 
# 
_citation.id                        primary 
_citation.title                     
'Crystal structure of S. aureus YlaN, an essential leucine rich protein involved in the control of cell shape.' 
_citation.journal_abbrev            Proteins 
_citation.journal_volume            68 
_citation.page_first                438 
_citation.page_last                 455 
_citation.year                      2007 
_citation.journal_id_ASTM           PSFGEY 
_citation.country                   US 
_citation.journal_id_ISSN           0887-3585 
_citation.journal_id_CSD            0867 
_citation.book_publisher            ? 
_citation.pdbx_database_id_PubMed   17469204 
_citation.pdbx_database_id_DOI      10.1002/prot.21377 
# 
loop_
_citation_author.citation_id 
_citation_author.name 
_citation_author.ordinal 
_citation_author.identifier_ORCID 
primary 'Xu, L.'            1 ? 
primary 'Sedelnikova, S.E.' 2 ? 
primary 'Baker, P.J.'       3 ? 
primary 'Hunt, A.'          4 ? 
primary 'Errington, J.'     5 ? 
primary 'Rice, D.W.'        6 ? 
# 
_entity.id                         1 
_entity.type                       polymer 
_entity.src_method                 man 
_entity.pdbx_description           'UPF0358 protein MW0995' 
_entity.formula_weight             10556.743 
_entity.pdbx_number_of_molecules   2 
_entity.pdbx_ec                    ? 
_entity.pdbx_mutation              ? 
_entity.pdbx_fragment              ? 
_entity.details                    ? 
# 
_entity_name_com.entity_id   1 
_entity_name_com.name        YlaN 
# 
_entity_poly.entity_id                      1 
_entity_poly.type                           'polypeptide(L)' 
_entity_poly.nstd_linkage                   no 
_entity_poly.nstd_monomer                   yes 
_entity_poly.pdbx_seq_one_letter_code       
;(MSE)AKQAT(MSE)KNAALKQLTKDADEILHLIKVQLDNLTLPSCPLYEEVLDTQ(MSE)FGLQKEVDFAVKLGLVDRE
DGKQI(MSE)LRLEKELSKLHEAFTLV
;
_entity_poly.pdbx_seq_one_letter_code_can   
;MAKQATMKNAALKQLTKDADEILHLIKVQLDNLTLPSCPLYEEVLDTQMFGLQKEVDFAVKLGLVDREDGKQIMLRLEKE
LSKLHEAFTLV
;
_entity_poly.pdbx_strand_id                 A,B 
_entity_poly.pdbx_target_identifier         ? 
# 
loop_
_entity_poly_seq.entity_id 
_entity_poly_seq.num 
_entity_poly_seq.mon_id 
_entity_poly_seq.hetero 
1 1  MSE n 
1 2  ALA n 
1 3  LYS n 
1 4  GLN n 
1 5  ALA n 
1 6  THR n 
1 7  MSE n 
1 8  LYS n 
1 9  ASN n 
1 10 ALA n 
1 11 ALA n 
1 12 LEU n 
1 13 LYS n 
1 14 GLN n 
1 15 LEU n 
1 16 THR n 
1 17 LYS n 
1 18 ASP n 
1 19 ALA n 
1 20 ASP n 
1 21 GLU n 
1 22 ILE n 
1 23 LEU n 
1 24 HIS n 
1 25 LEU n 
1 26 ILE n 
1 27 LYS n 
1 28 VAL n 
1 29 GLN n 
1 30 LEU n 
1 31 ASP n 
1 32 ASN n 
1 33 LEU n 
1 34 THR n 
1 35 LEU n 
1 36 PRO n 
1 37 SER n 
1 38 CYS n 
1 39 PRO n 
1 40 LEU n 
1 41 TYR n 
1 42 GLU n 
1 43 GLU n 
1 44 VAL n 
1 45 LEU n 
1 46 ASP n 
1 47 THR n 
1 48 GLN n 
1 49 MSE n 
1 50 PHE n 
1 51 GLY n 
1 52 LEU n 
1 53 GLN n 
1 54 LYS n 
1 55 GLU n 
1 56 VAL n 
1 57 ASP n 
1 58 PHE n 
1 59 ALA n 
1 60 VAL n 
1 61 LYS n 
1 62 LEU n 
1 63 GLY n 
1 64 LEU n 
1 65 VAL n 
1 66 ASP n 
1 67 ARG n 
1 68 GLU n 
1 69 ASP n 
1 70 GLY n 
1 71 LYS n 
1 72 GLN n 
1 73 ILE n 
1 74 MSE n 
1 75 LEU n 
1 76 ARG n 
1 77 LEU n 
1 78 GLU n 
1 79 LYS n 
1 80 GLU n 
1 81 LEU n 
1 82 SER n 
1 83 LYS n 
1 84 LEU n 
1 85 HIS n 
1 86 GLU n 
1 87 ALA n 
1 88 PHE n 
1 89 THR n 
1 90 LEU n 
1 91 VAL n 
# 
_entity_src_gen.entity_id                          1 
_entity_src_gen.pdbx_src_id                        1 
_entity_src_gen.pdbx_alt_source_flag               sample 
_entity_src_gen.pdbx_seq_type                      ? 
_entity_src_gen.pdbx_beg_seq_num                   ? 
_entity_src_gen.pdbx_end_seq_num                   ? 
_entity_src_gen.gene_src_common_name               ? 
_entity_src_gen.gene_src_genus                     Staphylococcus 
_entity_src_gen.pdbx_gene_src_gene                 ylaN 
_entity_src_gen.gene_src_species                   'Staphylococcus aureus' 
_entity_src_gen.gene_src_strain                    MW2 
_entity_src_gen.gene_src_tissue                    ? 
_entity_src_gen.gene_src_tissue_fraction           ? 
_entity_src_gen.gene_src_details                   ? 
_entity_src_gen.pdbx_gene_src_fragment             ? 
_entity_src_gen.pdbx_gene_src_scientific_name      'Staphylococcus aureus subsp. aureus' 
_entity_src_gen.pdbx_gene_src_ncbi_taxonomy_id     196620 
_entity_src_gen.pdbx_gene_src_variant              ? 
_entity_src_gen.pdbx_gene_src_cell_line            ? 
_entity_src_gen.pdbx_gene_src_atcc                 ? 
_entity_src_gen.pdbx_gene_src_organ                ? 
_entity_src_gen.pdbx_gene_src_organelle            ? 
_entity_src_gen.pdbx_gene_src_cell                 ? 
_entity_src_gen.pdbx_gene_src_cellular_location    ? 
_entity_src_gen.host_org_common_name               ? 
_entity_src_gen.pdbx_host_org_scientific_name      'Escherichia coli' 
_entity_src_gen.pdbx_host_org_ncbi_taxonomy_id     562 
_entity_src_gen.host_org_genus                     Escherichia 
_entity_src_gen.pdbx_host_org_gene                 ? 
_entity_src_gen.pdbx_host_org_organ                ? 
_entity_src_gen.host_org_species                   ? 
_entity_src_gen.pdbx_host_org_tissue               ? 
_entity_src_gen.pdbx_host_org_tissue_fraction      ? 
_entity_src_gen.pdbx_host_org_strain               ? 
_entity_src_gen.pdbx_host_org_variant              ? 
_entity_src_gen.pdbx_host_org_cell_line            ? 
_entity_src_gen.pdbx_host_org_atcc                 ? 
_entity_src_gen.pdbx_host_org_culture_collection   ? 
_entity_src_gen.pdbx_host_org_cell                 ? 
_entity_src_gen.pdbx_host_org_organelle            ? 
_entity_src_gen.pdbx_host_org_cellular_location    ? 
_entity_src_gen.pdbx_host_org_vector_type          Plasmid 
_entity_src_gen.pdbx_host_org_vector               ? 
_entity_src_gen.host_org_details                   ? 
_entity_src_gen.expression_system_id               ? 
_entity_src_gen.plasmid_name                       pETBLUE1 
_entity_src_gen.plasmid_details                    ? 
_entity_src_gen.pdbx_description                   ? 
# 
loop_
_chem_comp.id 
_chem_comp.type 
_chem_comp.mon_nstd_flag 
_chem_comp.name 
_chem_comp.pdbx_synonyms 
_chem_comp.formula 
_chem_comp.formula_weight 
ALA 'L-peptide linking' y ALANINE          ? 'C3 H7 N O2'     89.093  
ARG 'L-peptide linking' y ARGININE         ? 'C6 H15 N4 O2 1' 175.209 
ASN 'L-peptide linking' y ASPARAGINE       ? 'C4 H8 N2 O3'    132.118 
ASP 'L-peptide linking' y 'ASPARTIC ACID'  ? 'C4 H7 N O4'     133.103 
CYS 'L-peptide linking' y CYSTEINE         ? 'C3 H7 N O2 S'   121.158 
GLN 'L-peptide linking' y GLUTAMINE        ? 'C5 H10 N2 O3'   146.144 
GLU 'L-peptide linking' y 'GLUTAMIC ACID'  ? 'C5 H9 N O4'     147.129 
GLY 'peptide linking'   y GLYCINE          ? 'C2 H5 N O2'     75.067  
HIS 'L-peptide linking' y HISTIDINE        ? 'C6 H10 N3 O2 1' 156.162 
ILE 'L-peptide linking' y ISOLEUCINE       ? 'C6 H13 N O2'    131.173 
LEU 'L-peptide linking' y LEUCINE          ? 'C6 H13 N O2'    131.173 
LYS 'L-peptide linking' y LYSINE           ? 'C6 H15 N2 O2 1' 147.195 
MET 'L-peptide linking' y METHIONINE       ? 'C5 H11 N O2 S'  149.211 
MSE 'L-peptide linking' n SELENOMETHIONINE ? 'C5 H11 N O2 Se' 196.106 
PHE 'L-peptide linking' y PHENYLALANINE    ? 'C9 H11 N O2'    165.189 
PRO 'L-peptide linking' y PROLINE          ? 'C5 H9 N O2'     115.130 
SER 'L-peptide linking' y SERINE           ? 'C3 H7 N O3'     105.093 
THR 'L-peptide linking' y THREONINE        ? 'C4 H9 N O3'     119.119 
TYR 'L-peptide linking' y TYROSINE         ? 'C9 H11 N O3'    181.189 
VAL 'L-peptide linking' y VALINE           ? 'C5 H11 N O2'    117.146 
# 
loop_
_pdbx_poly_seq_scheme.asym_id 
_pdbx_poly_seq_scheme.entity_id 
_pdbx_poly_seq_scheme.seq_id 
_pdbx_poly_seq_scheme.mon_id 
_pdbx_poly_seq_scheme.ndb_seq_num 
_pdbx_poly_seq_scheme.pdb_seq_num 
_pdbx_poly_seq_scheme.auth_seq_num 
_pdbx_poly_seq_scheme.pdb_mon_id 
_pdbx_poly_seq_scheme.auth_mon_id 
_pdbx_poly_seq_scheme.pdb_strand_id 
_pdbx_poly_seq_scheme.pdb_ins_code 
_pdbx_poly_seq_scheme.hetero 
A 1 1  MSE 1  1  ?  ?   ?   A . n 
A 1 2  ALA 2  2  ?  ?   ?   A . n 
A 1 3  LYS 3  3  ?  ?   ?   A . n 
A 1 4  GLN 4  4  ?  ?   ?   A . n 
A 1 5  ALA 5  5  5  ALA ALA A . n 
A 1 6  THR 6  6  6  THR THR A . n 
A 1 7  MSE 7  7  7  MSE MSE A . n 
A 1 8  LYS 8  8  8  LYS LYS A . n 
A 1 9  ASN 9  9  9  ASN ASN A . n 
A 1 10 ALA 10 10 10 ALA ALA A . n 
A 1 11 ALA 11 11 11 ALA ALA A . n 
A 1 12 LEU 12 12 12 LEU LEU A . n 
A 1 13 LYS 13 13 13 LYS LYS A . n 
A 1 14 GLN 14 14 14 GLN GLN A . n 
A 1 15 LEU 15 15 15 LEU LEU A . n 
A 1 16 THR 16 16 16 THR THR A . n 
A 1 17 LYS 17 17 17 LYS LYS A . n 
A 1 18 ASP 18 18 18 ASP ASP A . n 
A 1 19 ALA 19 19 19 ALA ALA A . n 
A 1 20 ASP 20 20 20 ASP ASP A . n 
A 1 21 GLU 21 21 21 GLU GLU A . n 
A 1 22 ILE 22 22 22 ILE ILE A . n 
A 1 23 LEU 23 23 23 LEU LEU A . n 
A 1 24 HIS 24 24 24 HIS HIS A . n 
A 1 25 LEU 25 25 25 LEU LEU A . n 
A 1 26 ILE 26 26 26 ILE ILE A . n 
A 1 27 LYS 27 27 27 LYS LYS A . n 
A 1 28 VAL 28 28 28 VAL VAL A . n 
A 1 29 GLN 29 29 29 GLN GLN A . n 
A 1 30 LEU 30 30 30 LEU LEU A . n 
A 1 31 ASP 31 31 31 ASP ASP A . n 
A 1 32 ASN 32 32 32 ASN ASN A . n 
A 1 33 LEU 33 33 33 LEU LEU A . n 
A 1 34 THR 34 34 ?  ?   ?   A . n 
A 1 35 LEU 35 35 ?  ?   ?   A . n 
A 1 36 PRO 36 36 ?  ?   ?   A . n 
A 1 37 SER 37 37 ?  ?   ?   A . n 
A 1 38 CYS 38 38 38 CYS CYS A . n 
A 1 39 PRO 39 39 39 PRO PRO A . n 
A 1 40 LEU 40 40 40 LEU LEU A . n 
A 1 41 TYR 41 41 41 TYR TYR A . n 
A 1 42 GLU 42 42 42 GLU GLU A . n 
A 1 43 GLU 43 43 43 GLU GLU A . n 
A 1 44 VAL 44 44 44 VAL VAL A . n 
A 1 45 LEU 45 45 45 LEU LEU A . n 
A 1 46 ASP 46 46 46 ASP ASP A . n 
A 1 47 THR 47 47 47 THR THR A . n 
A 1 48 GLN 48 48 48 GLN GLN A . n 
A 1 49 MSE 49 49 49 MSE MSE A . n 
A 1 50 PHE 50 50 50 PHE PHE A . n 
A 1 51 GLY 51 51 51 GLY GLY A . n 
A 1 52 LEU 52 52 52 LEU LEU A . n 
A 1 53 GLN 53 53 53 GLN GLN A . n 
A 1 54 LYS 54 54 54 LYS LYS A . n 
A 1 55 GLU 55 55 55 GLU GLU A . n 
A 1 56 VAL 56 56 56 VAL VAL A . n 
A 1 57 ASP 57 57 57 ASP ASP A . n 
A 1 58 PHE 58 58 58 PHE PHE A . n 
A 1 59 ALA 59 59 59 ALA ALA A . n 
A 1 60 VAL 60 60 60 VAL VAL A . n 
A 1 61 LYS 61 61 61 LYS LYS A . n 
A 1 62 LEU 62 62 62 LEU LEU A . n 
A 1 63 GLY 63 63 63 GLY GLY A . n 
A 1 64 LEU 64 64 64 LEU LEU A . n 
A 1 65 VAL 65 65 65 VAL VAL A . n 
A 1 66 ASP 66 66 66 ASP ASP A . n 
A 1 67 ARG 67 67 67 ARG ARG A . n 
A 1 68 GLU 68 68 68 GLU GLU A . n 
A 1 69 ASP 69 69 69 ASP ASP A . n 
A 1 70 GLY 70 70 70 GLY GLY A . n 
A 1 71 LYS 71 71 71 LYS LYS A . n 
A 1 72 GLN 72 72 72 GLN GLN A . n 
A 1 73 ILE 73 73 73 ILE ILE A . n 
A 1 74 MSE 74 74 74 MSE MSE A . n 
A 1 75 LEU 75 75 75 LEU LEU A . n 
A 1 76 ARG 76 76 76 ARG ARG A . n 
A 1 77 LEU 77 77 77 LEU LEU A . n 
A 1 78 GLU 78 78 78 GLU GLU A . n 
A 1 79 LYS 79 79 79 LYS LYS A . n 
A 1 80 GLU 80 80 80 GLU GLU A . n 
A 1 81 LEU 81 81 81 LEU LEU A . n 
A 1 82 SER 82 82 82 SER SER A . n 
A 1 83 LYS 83 83 83 LYS LYS A . n 
A 1 84 LEU 84 84 84 LEU LEU A . n 
A 1 85 HIS 85 85 85 HIS HIS A . n 
A 1 86 GLU 86 86 86 GLU GLU A . n 
A 1 87 ALA 87 87 87 ALA ALA A . n 
A 1 88 PHE 88 88 ?  ?   ?   A . n 
A 1 89 THR 89 89 ?  ?   ?   A . n 
A 1 90 LEU 90 90 ?  ?   ?   A . n 
A 1 91 VAL 91 91 ?  ?   ?   A . n 
B 1 1  MSE 1  1  ?  ?   ?   B . n 
B 1 2  ALA 2  2  ?  ?   ?   B . n 
B 1 3  LYS 3  3  ?  ?   ?   B . n 
B 1 4  GLN 4  4  4  GLN GLN B . n 
B 1 5  ALA 5  5  5  ALA ALA B . n 
B 1 6  THR 6  6  6  THR THR B . n 
B 1 7  MSE 7  7  7  MSE MSE B . n 
B 1 8  LYS 8  8  8  LYS LYS B . n 
B 1 9  ASN 9  9  9  ASN ASN B . n 
B 1 10 ALA 10 10 10 ALA ALA B . n 
B 1 11 ALA 11 11 11 ALA ALA B . n 
B 1 12 LEU 12 12 12 LEU LEU B . n 
B 1 13 LYS 13 13 13 LYS LYS B . n 
B 1 14 GLN 14 14 14 GLN GLN B . n 
B 1 15 LEU 15 15 15 LEU LEU B . n 
B 1 16 THR 16 16 16 THR THR B . n 
B 1 17 LYS 17 17 17 LYS LYS B . n 
B 1 18 ASP 18 18 18 ASP ASP B . n 
B 1 19 ALA 19 19 19 ALA ALA B . n 
B 1 20 ASP 20 20 20 ASP ASP B . n 
B 1 21 GLU 21 21 21 GLU GLU B . n 
B 1 22 ILE 22 22 22 ILE ILE B . n 
B 1 23 LEU 23 23 23 LEU LEU B . n 
B 1 24 HIS 24 24 24 HIS HIS B . n 
B 1 25 LEU 25 25 25 LEU LEU B . n 
B 1 26 ILE 26 26 26 ILE ILE B . n 
B 1 27 LYS 27 27 27 LYS LYS B . n 
B 1 28 VAL 28 28 28 VAL VAL B . n 
B 1 29 GLN 29 29 29 GLN GLN B . n 
B 1 30 LEU 30 30 30 LEU LEU B . n 
B 1 31 ASP 31 31 31 ASP ASP B . n 
B 1 32 ASN 32 32 32 ASN ASN B . n 
B 1 33 LEU 33 33 ?  ?   ?   B . n 
B 1 34 THR 34 34 ?  ?   ?   B . n 
B 1 35 LEU 35 35 ?  ?   ?   B . n 
B 1 36 PRO 36 36 ?  ?   ?   B . n 
B 1 37 SER 37 37 ?  ?   ?   B . n 
B 1 38 CYS 38 38 38 CYS CYS B . n 
B 1 39 PRO 39 39 39 PRO PRO B . n 
B 1 40 LEU 40 40 40 LEU LEU B . n 
B 1 41 TYR 41 41 41 TYR TYR B . n 
B 1 42 GLU 42 42 42 GLU GLU B . n 
B 1 43 GLU 43 43 43 GLU GLU B . n 
B 1 44 VAL 44 44 44 VAL VAL B . n 
B 1 45 LEU 45 45 45 LEU LEU B . n 
B 1 46 ASP 46 46 46 ASP ASP B . n 
B 1 47 THR 47 47 47 THR THR B . n 
B 1 48 GLN 48 48 48 GLN GLN B . n 
B 1 49 MSE 49 49 49 MSE MSE B . n 
B 1 50 PHE 50 50 50 PHE PHE B . n 
B 1 51 GLY 51 51 51 GLY GLY B . n 
B 1 52 LEU 52 52 52 LEU LEU B . n 
B 1 53 GLN 53 53 53 GLN GLN B . n 
B 1 54 LYS 54 54 54 LYS LYS B . n 
B 1 55 GLU 55 55 55 GLU GLU B . n 
B 1 56 VAL 56 56 56 VAL VAL B . n 
B 1 57 ASP 57 57 57 ASP ASP B . n 
B 1 58 PHE 58 58 58 PHE PHE B . n 
B 1 59 ALA 59 59 59 ALA ALA B . n 
B 1 60 VAL 60 60 60 VAL VAL B . n 
B 1 61 LYS 61 61 61 LYS LYS B . n 
B 1 62 LEU 62 62 62 LEU LEU B . n 
B 1 63 GLY 63 63 63 GLY GLY B . n 
B 1 64 LEU 64 64 64 LEU LEU B . n 
B 1 65 VAL 65 65 65 VAL VAL B . n 
B 1 66 ASP 66 66 66 ASP ASP B . n 
B 1 67 ARG 67 67 67 ARG ARG B . n 
B 1 68 GLU 68 68 68 GLU GLU B . n 
B 1 69 ASP 69 69 69 ASP ASP B . n 
B 1 70 GLY 70 70 70 GLY GLY B . n 
B 1 71 LYS 71 71 71 LYS LYS B . n 
B 1 72 GLN 72 72 72 GLN GLN B . n 
B 1 73 ILE 73 73 73 ILE ILE B . n 
B 1 74 MSE 74 74 74 MSE MSE B . n 
B 1 75 LEU 75 75 75 LEU LEU B . n 
B 1 76 ARG 76 76 76 ARG ARG B . n 
B 1 77 LEU 77 77 77 LEU LEU B . n 
B 1 78 GLU 78 78 78 GLU GLU B . n 
B 1 79 LYS 79 79 79 LYS LYS B . n 
B 1 80 GLU 80 80 80 GLU GLU B . n 
B 1 81 LEU 81 81 81 LEU LEU B . n 
B 1 82 SER 82 82 82 SER SER B . n 
B 1 83 LYS 83 83 83 LYS LYS B . n 
B 1 84 LEU 84 84 84 LEU LEU B . n 
B 1 85 HIS 85 85 85 HIS HIS B . n 
B 1 86 GLU 86 86 86 GLU GLU B . n 
B 1 87 ALA 87 87 87 ALA ALA B . n 
B 1 88 PHE 88 88 88 PHE PHE B . n 
B 1 89 THR 89 89 89 THR THR B . n 
B 1 90 LEU 90 90 90 LEU LEU B . n 
B 1 91 VAL 91 91 91 VAL VAL B . n 
# 
loop_
_software.name 
_software.classification 
_software.version 
_software.citation_id 
_software.pdbx_ordinal 
REFMAC refinement       5.2.0005 ? 1 
MOSFLM 'data reduction' .        ? 2 
SOLVE  phasing          .        ? 3 
SHARP  phasing          .        ? 4 
# 
_cell.entry_id           2ODM 
_cell.length_a           31.425 
_cell.length_b           42.771 
_cell.length_c           62.593 
_cell.angle_alpha        90.00 
_cell.angle_beta         92.42 
_cell.angle_gamma        90.00 
_cell.Z_PDB              4 
_cell.pdbx_unique_axis   ? 
_cell.length_a_esd       ? 
_cell.length_b_esd       ? 
_cell.length_c_esd       ? 
_cell.angle_alpha_esd    ? 
_cell.angle_beta_esd     ? 
_cell.angle_gamma_esd    ? 
# 
_symmetry.entry_id                         2ODM 
_symmetry.space_group_name_H-M             'P 1 21 1' 
_symmetry.pdbx_full_space_group_name_H-M   ? 
_symmetry.cell_setting                     ? 
_symmetry.Int_Tables_number                4 
_symmetry.space_group_name_Hall            ? 
# 
_exptl.entry_id          2ODM 
_exptl.method            'X-RAY DIFFRACTION' 
_exptl.crystals_number   1 
# 
_exptl_crystal.id                    1 
_exptl_crystal.density_meas          ? 
_exptl_crystal.density_Matthews      1.99 
_exptl_crystal.density_percent_sol   38.20 
_exptl_crystal.description           ? 
_exptl_crystal.F_000                 ? 
_exptl_crystal.preparation           ? 
# 
_exptl_crystal_grow.crystal_id      1 
_exptl_crystal_grow.method          'VAPOR DIFFUSION, HANGING DROP' 
_exptl_crystal_grow.temp            291 
_exptl_crystal_grow.temp_details    ? 
_exptl_crystal_grow.pH              8.0 
_exptl_crystal_grow.pdbx_details    
'0.2M Sodium acetate, 0.1M Tris-HCl pH 8.5, 20% PEG4000, pH 8.0, VAPOR DIFFUSION, HANGING DROP, temperature 291K' 
_exptl_crystal_grow.pdbx_pH_range   . 
# 
loop_
_diffrn.id 
_diffrn.ambient_temp 
_diffrn.ambient_temp_details 
_diffrn.crystal_id 
1 100 ? 1 
2 ?   ? 1 
# 
_diffrn_detector.diffrn_id              1 
_diffrn_detector.detector               CCD 
_diffrn_detector.type                   'MAR CCD 165 mm' 
_diffrn_detector.pdbx_collection_date   2005-06-26 
_diffrn_detector.details                ? 
# 
_diffrn_radiation.diffrn_id                        1 
_diffrn_radiation.wavelength_id                    1 
_diffrn_radiation.pdbx_monochromatic_or_laue_m_l   M 
_diffrn_radiation.monochromator                    'double crystal Si(III)' 
_diffrn_radiation.pdbx_diffrn_protocol             MAD 
_diffrn_radiation.pdbx_scattering_type             x-ray 
# 
loop_
_diffrn_radiation_wavelength.id 
_diffrn_radiation_wavelength.wavelength 
_diffrn_radiation_wavelength.wt 
1 0.98000 1.0 
2 1.50000 1.0 
# 
loop_
_diffrn_source.diffrn_id 
_diffrn_source.source 
_diffrn_source.type 
_diffrn_source.pdbx_synchrotron_site 
_diffrn_source.pdbx_synchrotron_beamline 
_diffrn_source.pdbx_wavelength 
_diffrn_source.pdbx_wavelength_list 
1 SYNCHROTRON 'SRS BEAMLINE PX10.1' SRS PX10.1 ? 0.98000 
2 SYNCHROTRON 'SRS BEAMLINE PX9.6'  SRS PX9.6  ? 1.50000 
# 
_reflns.entry_id                     2ODM 
_reflns.observed_criterion_sigma_F   0 
_reflns.observed_criterion_sigma_I   0 
_reflns.d_resolution_high            2.24 
_reflns.d_resolution_low             25 
_reflns.number_all                   7464 
_reflns.number_obs                   ? 
_reflns.percent_possible_obs         100 
_reflns.pdbx_Rmerge_I_obs            0.079 
_reflns.pdbx_Rsym_value              0.079 
_reflns.pdbx_netI_over_sigmaI        10.5 
_reflns.B_iso_Wilson_estimate        51 
_reflns.pdbx_redundancy              3.6 
_reflns.R_free_details               ? 
_reflns.limit_h_max                  ? 
_reflns.limit_h_min                  ? 
_reflns.limit_k_max                  ? 
_reflns.limit_k_min                  ? 
_reflns.limit_l_max                  ? 
_reflns.limit_l_min                  ? 
_reflns.observed_criterion_F_max     ? 
_reflns.observed_criterion_F_min     ? 
_reflns.pdbx_chi_squared             ? 
_reflns.pdbx_scaling_rejects         ? 
_reflns.pdbx_ordinal                 1 
_reflns.pdbx_diffrn_id               1 
# 
_reflns_shell.d_res_high             2.24 
_reflns_shell.d_res_low              ? 
_reflns_shell.percent_possible_all   99.7 
_reflns_shell.Rmerge_I_obs           0.429 
_reflns_shell.pdbx_Rsym_value        0.429 
_reflns_shell.meanI_over_sigI_obs    2.6 
_reflns_shell.pdbx_redundancy        3.6 
_reflns_shell.percent_possible_obs   ? 
_reflns_shell.number_unique_all      1072 
_reflns_shell.number_measured_all    ? 
_reflns_shell.number_measured_obs    ? 
_reflns_shell.number_unique_obs      ? 
_reflns_shell.pdbx_chi_squared       ? 
_reflns_shell.pdbx_ordinal           1 
_reflns_shell.pdbx_diffrn_id         1 
# 
_refine.entry_id                                 2ODM 
_refine.ls_number_reflns_obs                     7464 
_refine.ls_number_reflns_all                     7464 
_refine.pdbx_ls_sigma_I                          0 
_refine.pdbx_ls_sigma_F                          0 
_refine.pdbx_data_cutoff_high_absF               ? 
_refine.pdbx_data_cutoff_low_absF                ? 
_refine.pdbx_data_cutoff_high_rms_absF           ? 
_refine.ls_d_res_low                             15.00 
_refine.ls_d_res_high                            2.24 
_refine.ls_percent_reflns_obs                    99.16 
_refine.ls_R_factor_obs                          0.22659 
_refine.ls_R_factor_all                          ? 
_refine.ls_R_factor_R_work                       0.22373 
_refine.ls_R_factor_R_free                       0.28317 
_refine.ls_R_factor_R_free_error                 ? 
_refine.ls_R_factor_R_free_error_details         ? 
_refine.ls_percent_reflns_R_free                 4.5 
_refine.ls_number_reflns_R_free                  365 
_refine.ls_number_parameters                     ? 
_refine.ls_number_restraints                     ? 
_refine.occupancy_min                            ? 
_refine.occupancy_max                            ? 
_refine.correlation_coeff_Fo_to_Fc               0.950 
_refine.correlation_coeff_Fo_to_Fc_free          0.935 
_refine.B_iso_mean                               59.860 
_refine.aniso_B[1][1]                            -2.13 
_refine.aniso_B[2][2]                            -2.32 
_refine.aniso_B[3][3]                            4.44 
_refine.aniso_B[1][2]                            0.00 
_refine.aniso_B[1][3]                            -0.05 
_refine.aniso_B[2][3]                            0.00 
_refine.solvent_model_details                    MASK 
_refine.solvent_model_param_ksol                 ? 
_refine.solvent_model_param_bsol                 ? 
_refine.pdbx_solvent_vdw_probe_radii             1.20 
_refine.pdbx_solvent_ion_probe_radii             0.80 
_refine.pdbx_solvent_shrinkage_radii             0.80 
_refine.pdbx_ls_cross_valid_method               THROUGHOUT 
_refine.details                                  ? 
_refine.pdbx_starting_model                      ? 
_refine.pdbx_method_to_determine_struct          MAD 
_refine.pdbx_isotropic_thermal_model             isotropic 
_refine.pdbx_stereochemistry_target_values       'MAXIMUM LIKELIHOOD' 
_refine.pdbx_stereochem_target_val_spec_case     ? 
_refine.pdbx_R_Free_selection_details            RANDOM 
_refine.pdbx_overall_ESU_R                       0.369 
_refine.pdbx_overall_ESU_R_Free                  0.266 
_refine.overall_SU_ML                            0.214 
_refine.overall_SU_B                             8.566 
_refine.ls_redundancy_reflns_obs                 ? 
_refine.B_iso_min                                ? 
_refine.B_iso_max                                ? 
_refine.overall_SU_R_Cruickshank_DPI             ? 
_refine.overall_SU_R_free                        ? 
_refine.ls_wR_factor_R_free                      ? 
_refine.ls_wR_factor_R_work                      ? 
_refine.overall_FOM_free_R_set                   ? 
_refine.overall_FOM_work_R_set                   ? 
_refine.pdbx_refine_id                           'X-RAY DIFFRACTION' 
_refine.pdbx_diffrn_id                           1 
_refine.pdbx_TLS_residual_ADP_flag               ? 
_refine.pdbx_overall_phase_error                 ? 
_refine.pdbx_overall_SU_R_free_Cruickshank_DPI   ? 
_refine.pdbx_overall_SU_R_Blow_DPI               ? 
_refine.pdbx_overall_SU_R_free_Blow_DPI          ? 
# 
_refine_hist.pdbx_refine_id                   'X-RAY DIFFRACTION' 
_refine_hist.cycle_id                         LAST 
_refine_hist.pdbx_number_atoms_protein        1297 
_refine_hist.pdbx_number_atoms_nucleic_acid   0 
_refine_hist.pdbx_number_atoms_ligand         0 
_refine_hist.number_atoms_solvent             0 
_refine_hist.number_atoms_total               1297 
_refine_hist.d_res_high                       2.24 
_refine_hist.d_res_low                        15.00 
# 
loop_
_refine_ls_restr.type 
_refine_ls_restr.dev_ideal 
_refine_ls_restr.dev_ideal_target 
_refine_ls_restr.weight 
_refine_ls_restr.number 
_refine_ls_restr.pdbx_refine_id 
_refine_ls_restr.pdbx_restraint_function 
r_bond_refined_d         0.007  0.022  ? 1306 'X-RAY DIFFRACTION' ? 
r_angle_refined_deg      1.031  2.008  ? 1748 'X-RAY DIFFRACTION' ? 
r_dihedral_angle_1_deg   4.110  5.000  ? 158  'X-RAY DIFFRACTION' ? 
r_dihedral_angle_2_deg   42.665 26.833 ? 60   'X-RAY DIFFRACTION' ? 
r_dihedral_angle_3_deg   18.898 15.000 ? 279  'X-RAY DIFFRACTION' ? 
r_dihedral_angle_4_deg   25.064 15.000 ? 4    'X-RAY DIFFRACTION' ? 
r_chiral_restr           0.054  0.200  ? 210  'X-RAY DIFFRACTION' ? 
r_gen_planes_refined     0.002  0.020  ? 919  'X-RAY DIFFRACTION' ? 
r_nbd_refined            0.186  0.200  ? 563  'X-RAY DIFFRACTION' ? 
r_nbtor_refined          0.278  0.200  ? 912  'X-RAY DIFFRACTION' ? 
r_xyhbond_nbd_refined    0.067  0.200  ? 20   'X-RAY DIFFRACTION' ? 
r_symmetry_vdw_refined   0.160  0.200  ? 31   'X-RAY DIFFRACTION' ? 
r_symmetry_hbond_refined 0.101  0.200  ? 1    'X-RAY DIFFRACTION' ? 
r_mcbond_it              7.141  10.000 ? 831  'X-RAY DIFFRACTION' ? 
r_mcangle_it             8.774  10.000 ? 1286 'X-RAY DIFFRACTION' ? 
r_scbond_it              8.945  10.000 ? 514  'X-RAY DIFFRACTION' ? 
r_scangle_it             10.970 10.000 ? 462  'X-RAY DIFFRACTION' ? 
# 
_refine_ls_shell.pdbx_total_number_of_bins_used   20 
_refine_ls_shell.d_res_high                       2.240 
_refine_ls_shell.d_res_low                        2.296 
_refine_ls_shell.number_reflns_R_work             510 
_refine_ls_shell.R_factor_R_work                  0.292 
_refine_ls_shell.percent_reflns_obs               92.06 
_refine_ls_shell.R_factor_R_free                  0.418 
_refine_ls_shell.R_factor_R_free_error            ? 
_refine_ls_shell.percent_reflns_R_free            ? 
_refine_ls_shell.number_reflns_R_free             23 
_refine_ls_shell.number_reflns_all                ? 
_refine_ls_shell.R_factor_all                     ? 
_refine_ls_shell.number_reflns_obs                1072 
_refine_ls_shell.redundancy_reflns_obs            ? 
_refine_ls_shell.pdbx_refine_id                   'X-RAY DIFFRACTION' 
# 
_struct.entry_id                  2ODM 
_struct.title                     
'Crystal structure of S. aureus YlaN, an essential leucine rich protein involved in the control of cell shape' 
_struct.pdbx_model_details        ? 
_struct.pdbx_CASP_flag            ? 
_struct.pdbx_model_type_details   ? 
# 
_struct_keywords.entry_id        2ODM 
_struct_keywords.pdbx_keywords   'UNKNOWN FUNCTION' 
_struct_keywords.text            'triple helix, UNKNOWN FUNCTION' 
# 
loop_
_struct_asym.id 
_struct_asym.pdbx_blank_PDB_chainid_flag 
_struct_asym.pdbx_modified 
_struct_asym.entity_id 
_struct_asym.details 
A N N 1 ? 
B N N 1 ? 
# 
_struct_ref.id                         1 
_struct_ref.db_name                    UNP 
_struct_ref.db_code                    Y995_STAAW 
_struct_ref.pdbx_db_accession          Q7A161 
_struct_ref.entity_id                  1 
_struct_ref.pdbx_seq_one_letter_code   
;MAKQATMKNAALKQLTKDADEILHLIKVQLDNLTLPSCPLYEEVLDTQMFGLQKEVDFAVKLGLVDREDGKQIMLRLEKE
LSKLHEAFTLV
;
_struct_ref.pdbx_align_begin           1 
_struct_ref.pdbx_db_isoform            ? 
# 
loop_
_struct_ref_seq.align_id 
_struct_ref_seq.ref_id 
_struct_ref_seq.pdbx_PDB_id_code 
_struct_ref_seq.pdbx_strand_id 
_struct_ref_seq.seq_align_beg 
_struct_ref_seq.pdbx_seq_align_beg_ins_code 
_struct_ref_seq.seq_align_end 
_struct_ref_seq.pdbx_seq_align_end_ins_code 
_struct_ref_seq.pdbx_db_accession 
_struct_ref_seq.db_align_beg 
_struct_ref_seq.pdbx_db_align_beg_ins_code 
_struct_ref_seq.db_align_end 
_struct_ref_seq.pdbx_db_align_end_ins_code 
_struct_ref_seq.pdbx_auth_seq_align_beg 
_struct_ref_seq.pdbx_auth_seq_align_end 
1 1 2ODM A 1 ? 91 ? Q7A161 1 ? 91 ? 1 91 
2 1 2ODM B 1 ? 91 ? Q7A161 1 ? 91 ? 1 91 
# 
loop_
_struct_ref_seq_dif.align_id 
_struct_ref_seq_dif.pdbx_pdb_id_code 
_struct_ref_seq_dif.mon_id 
_struct_ref_seq_dif.pdbx_pdb_strand_id 
_struct_ref_seq_dif.seq_num 
_struct_ref_seq_dif.pdbx_pdb_ins_code 
_struct_ref_seq_dif.pdbx_seq_db_name 
_struct_ref_seq_dif.pdbx_seq_db_accession_code 
_struct_ref_seq_dif.db_mon_id 
_struct_ref_seq_dif.pdbx_seq_db_seq_num 
_struct_ref_seq_dif.details 
_struct_ref_seq_dif.pdbx_auth_seq_num 
_struct_ref_seq_dif.pdbx_ordinal 
1 2ODM MSE A 1  ? UNP Q7A161 MET 1  'modified residue' 1  1 
1 2ODM MSE A 7  ? UNP Q7A161 MET 7  'modified residue' 7  2 
1 2ODM MSE A 49 ? UNP Q7A161 MET 49 'modified residue' 49 3 
1 2ODM MSE A 74 ? UNP Q7A161 MET 74 'modified residue' 74 4 
2 2ODM MSE B 1  ? UNP Q7A161 MET 1  'modified residue' 1  5 
2 2ODM MSE B 7  ? UNP Q7A161 MET 7  'modified residue' 7  6 
2 2ODM MSE B 49 ? UNP Q7A161 MET 49 'modified residue' 49 7 
2 2ODM MSE B 74 ? UNP Q7A161 MET 74 'modified residue' 74 8 
# 
_pdbx_struct_assembly.id                   1 
_pdbx_struct_assembly.details              author_and_software_defined_assembly 
_pdbx_struct_assembly.method_details       PISA 
_pdbx_struct_assembly.oligomeric_details   dimeric 
_pdbx_struct_assembly.oligomeric_count     2 
# 
loop_
_pdbx_struct_assembly_prop.biol_id 
_pdbx_struct_assembly_prop.type 
_pdbx_struct_assembly_prop.value 
_pdbx_struct_assembly_prop.details 
1 'ABSA (A^2)' 1570  ? 
1 MORE         -17   ? 
1 'SSA (A^2)'  10060 ? 
# 
_pdbx_struct_assembly_gen.assembly_id       1 
_pdbx_struct_assembly_gen.oper_expression   1 
_pdbx_struct_assembly_gen.asym_id_list      A,B 
# 
_pdbx_struct_oper_list.id                   1 
_pdbx_struct_oper_list.type                 'identity operation' 
_pdbx_struct_oper_list.name                 1_555 
_pdbx_struct_oper_list.symmetry_operation   x,y,z 
_pdbx_struct_oper_list.matrix[1][1]         1.0000000000 
_pdbx_struct_oper_list.matrix[1][2]         0.0000000000 
_pdbx_struct_oper_list.matrix[1][3]         0.0000000000 
_pdbx_struct_oper_list.vector[1]            0.0000000000 
_pdbx_struct_oper_list.matrix[2][1]         0.0000000000 
_pdbx_struct_oper_list.matrix[2][2]         1.0000000000 
_pdbx_struct_oper_list.matrix[2][3]         0.0000000000 
_pdbx_struct_oper_list.vector[2]            0.0000000000 
_pdbx_struct_oper_list.matrix[3][1]         0.0000000000 
_pdbx_struct_oper_list.matrix[3][2]         0.0000000000 
_pdbx_struct_oper_list.matrix[3][3]         1.0000000000 
_pdbx_struct_oper_list.vector[3]            0.0000000000 
# 
_struct_biol.id        1 
_struct_biol.details   'biological dimer' 
# 
loop_
_struct_conf.conf_type_id 
_struct_conf.id 
_struct_conf.pdbx_PDB_helix_id 
_struct_conf.beg_label_comp_id 
_struct_conf.beg_label_asym_id 
_struct_conf.beg_label_seq_id 
_struct_conf.pdbx_beg_PDB_ins_code 
_struct_conf.end_label_comp_id 
_struct_conf.end_label_asym_id 
_struct_conf.end_label_seq_id 
_struct_conf.pdbx_end_PDB_ins_code 
_struct_conf.beg_auth_comp_id 
_struct_conf.beg_auth_asym_id 
_struct_conf.beg_auth_seq_id 
_struct_conf.end_auth_comp_id 
_struct_conf.end_auth_asym_id 
_struct_conf.end_auth_seq_id 
_struct_conf.pdbx_PDB_helix_class 
_struct_conf.details 
_struct_conf.pdbx_PDB_helix_length 
HELX_P HELX_P1 1 ALA A 5  ? ASP A 31 ? ALA A 5  ASP A 31 1 ? 27 
HELX_P HELX_P2 2 LEU A 40 ? LEU A 62 ? LEU A 40 LEU A 62 1 ? 23 
HELX_P HELX_P3 3 ASP A 66 ? LYS A 83 ? ASP A 66 LYS A 83 1 ? 18 
HELX_P HELX_P4 4 GLN B 4  ? ASP B 31 ? GLN B 4  ASP B 31 1 ? 28 
HELX_P HELX_P5 5 PRO B 39 ? LEU B 62 ? PRO B 39 LEU B 62 1 ? 24 
HELX_P HELX_P6 6 ASP B 66 ? VAL B 91 ? ASP B 66 VAL B 91 1 ? 26 
# 
_struct_conf_type.id          HELX_P 
_struct_conf_type.criteria    ? 
_struct_conf_type.reference   ? 
# 
loop_
_struct_conn.id 
_struct_conn.conn_type_id 
_struct_conn.pdbx_leaving_atom_flag 
_struct_conn.pdbx_PDB_id 
_struct_conn.ptnr1_label_asym_id 
_struct_conn.ptnr1_label_comp_id 
_struct_conn.ptnr1_label_seq_id 
_struct_conn.ptnr1_label_atom_id 
_struct_conn.pdbx_ptnr1_label_alt_id 
_struct_conn.pdbx_ptnr1_PDB_ins_code 
_struct_conn.pdbx_ptnr1_standard_comp_id 
_struct_conn.ptnr1_symmetry 
_struct_conn.ptnr2_label_asym_id 
_struct_conn.ptnr2_label_comp_id 
_struct_conn.ptnr2_label_seq_id 
_struct_conn.ptnr2_label_atom_id 
_struct_conn.pdbx_ptnr2_label_alt_id 
_struct_conn.pdbx_ptnr2_PDB_ins_code 
_struct_conn.ptnr1_auth_asym_id 
_struct_conn.ptnr1_auth_comp_id 
_struct_conn.ptnr1_auth_seq_id 
_struct_conn.ptnr2_auth_asym_id 
_struct_conn.ptnr2_auth_comp_id 
_struct_conn.ptnr2_auth_seq_id 
_struct_conn.ptnr2_symmetry 
_struct_conn.pdbx_ptnr3_label_atom_id 
_struct_conn.pdbx_ptnr3_label_seq_id 
_struct_conn.pdbx_ptnr3_label_comp_id 
_struct_conn.pdbx_ptnr3_label_asym_id 
_struct_conn.pdbx_ptnr3_label_alt_id 
_struct_conn.pdbx_ptnr3_PDB_ins_code 
_struct_conn.details 
_struct_conn.pdbx_dist_value 
_struct_conn.pdbx_value_order 
_struct_conn.pdbx_role 
covale1  covale both ? A THR 6  C ? ? ? 1_555 A MSE 7  N ? ? A THR 6  A MSE 7  1_555 ? ? ? ? ? ? ? 1.333 ? ? 
covale2  covale both ? A MSE 7  C ? ? ? 1_555 A LYS 8  N ? ? A MSE 7  A LYS 8  1_555 ? ? ? ? ? ? ? 1.333 ? ? 
covale3  covale both ? A GLN 48 C ? ? ? 1_555 A MSE 49 N ? ? A GLN 48 A MSE 49 1_555 ? ? ? ? ? ? ? 1.331 ? ? 
covale4  covale both ? A MSE 49 C ? ? ? 1_555 A PHE 50 N ? ? A MSE 49 A PHE 50 1_555 ? ? ? ? ? ? ? 1.331 ? ? 
covale5  covale both ? A ILE 73 C ? ? ? 1_555 A MSE 74 N ? ? A ILE 73 A MSE 74 1_555 ? ? ? ? ? ? ? 1.331 ? ? 
covale6  covale both ? A MSE 74 C ? ? ? 1_555 A LEU 75 N ? ? A MSE 74 A LEU 75 1_555 ? ? ? ? ? ? ? 1.332 ? ? 
covale7  covale both ? B THR 6  C ? ? ? 1_555 B MSE 7  N ? ? B THR 6  B MSE 7  1_555 ? ? ? ? ? ? ? 1.333 ? ? 
covale8  covale both ? B MSE 7  C ? ? ? 1_555 B LYS 8  N ? ? B MSE 7  B LYS 8  1_555 ? ? ? ? ? ? ? 1.330 ? ? 
covale9  covale both ? B GLN 48 C ? ? ? 1_555 B MSE 49 N ? ? B GLN 48 B MSE 49 1_555 ? ? ? ? ? ? ? 1.333 ? ? 
covale10 covale both ? B MSE 49 C ? ? ? 1_555 B PHE 50 N ? ? B MSE 49 B PHE 50 1_555 ? ? ? ? ? ? ? 1.334 ? ? 
covale11 covale both ? B ILE 73 C ? ? ? 1_555 B MSE 74 N ? ? B ILE 73 B MSE 74 1_555 ? ? ? ? ? ? ? 1.329 ? ? 
covale12 covale both ? B MSE 74 C ? ? ? 1_555 B LEU 75 N ? ? B MSE 74 B LEU 75 1_555 ? ? ? ? ? ? ? 1.334 ? ? 
# 
_struct_conn_type.id          covale 
_struct_conn_type.criteria    ? 
_struct_conn_type.reference   ? 
# 
loop_
_pdbx_modification_feature.ordinal 
_pdbx_modification_feature.label_comp_id 
_pdbx_modification_feature.label_asym_id 
_pdbx_modification_feature.label_seq_id 
_pdbx_modification_feature.label_alt_id 
_pdbx_modification_feature.modified_residue_label_comp_id 
_pdbx_modification_feature.modified_residue_label_asym_id 
_pdbx_modification_feature.modified_residue_label_seq_id 
_pdbx_modification_feature.modified_residue_label_alt_id 
_pdbx_modification_feature.auth_comp_id 
_pdbx_modification_feature.auth_asym_id 
_pdbx_modification_feature.auth_seq_id 
_pdbx_modification_feature.PDB_ins_code 
_pdbx_modification_feature.symmetry 
_pdbx_modification_feature.modified_residue_auth_comp_id 
_pdbx_modification_feature.modified_residue_auth_asym_id 
_pdbx_modification_feature.modified_residue_auth_seq_id 
_pdbx_modification_feature.modified_residue_PDB_ins_code 
_pdbx_modification_feature.modified_residue_symmetry 
_pdbx_modification_feature.comp_id_linking_atom 
_pdbx_modification_feature.modified_residue_id_linking_atom 
_pdbx_modification_feature.modified_residue_id 
_pdbx_modification_feature.ref_pcm_id 
_pdbx_modification_feature.ref_comp_id 
_pdbx_modification_feature.type 
_pdbx_modification_feature.category 
1 MSE A 7  ? . . . . MSE A 7  ? 1_555 . . . . . . . MET 1 MSE Selenomethionine 'Named protein modification' 
2 MSE A 49 ? . . . . MSE A 49 ? 1_555 . . . . . . . MET 1 MSE Selenomethionine 'Named protein modification' 
3 MSE A 74 ? . . . . MSE A 74 ? 1_555 . . . . . . . MET 1 MSE Selenomethionine 'Named protein modification' 
4 MSE B 7  ? . . . . MSE B 7  ? 1_555 . . . . . . . MET 1 MSE Selenomethionine 'Named protein modification' 
5 MSE B 49 ? . . . . MSE B 49 ? 1_555 . . . . . . . MET 1 MSE Selenomethionine 'Named protein modification' 
6 MSE B 74 ? . . . . MSE B 74 ? 1_555 . . . . . . . MET 1 MSE Selenomethionine 'Named protein modification' 
# 
loop_
_struct_mon_prot_cis.pdbx_id 
_struct_mon_prot_cis.label_comp_id 
_struct_mon_prot_cis.label_seq_id 
_struct_mon_prot_cis.label_asym_id 
_struct_mon_prot_cis.label_alt_id 
_struct_mon_prot_cis.pdbx_PDB_ins_code 
_struct_mon_prot_cis.auth_comp_id 
_struct_mon_prot_cis.auth_seq_id 
_struct_mon_prot_cis.auth_asym_id 
_struct_mon_prot_cis.pdbx_label_comp_id_2 
_struct_mon_prot_cis.pdbx_label_seq_id_2 
_struct_mon_prot_cis.pdbx_label_asym_id_2 
_struct_mon_prot_cis.pdbx_PDB_ins_code_2 
_struct_mon_prot_cis.pdbx_auth_comp_id_2 
_struct_mon_prot_cis.pdbx_auth_seq_id_2 
_struct_mon_prot_cis.pdbx_auth_asym_id_2 
_struct_mon_prot_cis.pdbx_PDB_model_num 
_struct_mon_prot_cis.pdbx_omega_angle 
1 CYS 38 A . ? CYS 38 A PRO 39 A ? PRO 39 A 1 -5.16 
2 HIS 85 A . ? HIS 85 A GLU 86 A ? GLU 86 A 1 -3.39 
# 
_pdbx_entry_details.entry_id                   2ODM 
_pdbx_entry_details.compound_details           ? 
_pdbx_entry_details.source_details             ? 
_pdbx_entry_details.nonpolymer_details         ? 
_pdbx_entry_details.sequence_details           ? 
_pdbx_entry_details.has_ligand_of_interest     ? 
_pdbx_entry_details.has_protein_modification   Y 
# 
loop_
_pdbx_validate_torsion.id 
_pdbx_validate_torsion.PDB_model_num 
_pdbx_validate_torsion.auth_comp_id 
_pdbx_validate_torsion.auth_asym_id 
_pdbx_validate_torsion.auth_seq_id 
_pdbx_validate_torsion.PDB_ins_code 
_pdbx_validate_torsion.label_alt_id 
_pdbx_validate_torsion.phi 
_pdbx_validate_torsion.psi 
1 1 LEU A 40 ? ? -108.43 62.45   
2 1 GLU A 86 ? ? 62.66   -161.24 
3 1 TYR B 41 ? ? -80.69  49.46   
4 1 GLU B 42 ? ? -149.17 -38.56  
# 
loop_
_pdbx_struct_mod_residue.id 
_pdbx_struct_mod_residue.label_asym_id 
_pdbx_struct_mod_residue.label_comp_id 
_pdbx_struct_mod_residue.label_seq_id 
_pdbx_struct_mod_residue.auth_asym_id 
_pdbx_struct_mod_residue.auth_comp_id 
_pdbx_struct_mod_residue.auth_seq_id 
_pdbx_struct_mod_residue.PDB_ins_code 
_pdbx_struct_mod_residue.parent_comp_id 
_pdbx_struct_mod_residue.details 
1 A MSE 7  A MSE 7  ? MET SELENOMETHIONINE 
2 A MSE 49 A MSE 49 ? MET SELENOMETHIONINE 
3 A MSE 74 A MSE 74 ? MET SELENOMETHIONINE 
4 B MSE 7  B MSE 7  ? MET SELENOMETHIONINE 
5 B MSE 49 B MSE 49 ? MET SELENOMETHIONINE 
6 B MSE 74 B MSE 74 ? MET SELENOMETHIONINE 
# 
loop_
_pdbx_unobs_or_zero_occ_residues.id 
_pdbx_unobs_or_zero_occ_residues.PDB_model_num 
_pdbx_unobs_or_zero_occ_residues.polymer_flag 
_pdbx_unobs_or_zero_occ_residues.occupancy_flag 
_pdbx_unobs_or_zero_occ_residues.auth_asym_id 
_pdbx_unobs_or_zero_occ_residues.auth_comp_id 
_pdbx_unobs_or_zero_occ_residues.auth_seq_id 
_pdbx_unobs_or_zero_occ_residues.PDB_ins_code 
_pdbx_unobs_or_zero_occ_residues.label_asym_id 
_pdbx_unobs_or_zero_occ_residues.label_comp_id 
_pdbx_unobs_or_zero_occ_residues.label_seq_id 
1  1 Y 1 A MSE 1  ? A MSE 1  
2  1 Y 1 A ALA 2  ? A ALA 2  
3  1 Y 1 A LYS 3  ? A LYS 3  
4  1 Y 1 A GLN 4  ? A GLN 4  
5  1 Y 1 A THR 34 ? A THR 34 
6  1 Y 1 A LEU 35 ? A LEU 35 
7  1 Y 1 A PRO 36 ? A PRO 36 
8  1 Y 1 A SER 37 ? A SER 37 
9  1 Y 1 A PHE 88 ? A PHE 88 
10 1 Y 1 A THR 89 ? A THR 89 
11 1 Y 1 A LEU 90 ? A LEU 90 
12 1 Y 1 A VAL 91 ? A VAL 91 
13 1 Y 1 B MSE 1  ? B MSE 1  
14 1 Y 1 B ALA 2  ? B ALA 2  
15 1 Y 1 B LYS 3  ? B LYS 3  
16 1 Y 1 B LEU 33 ? B LEU 33 
17 1 Y 1 B THR 34 ? B THR 34 
18 1 Y 1 B LEU 35 ? B LEU 35 
19 1 Y 1 B PRO 36 ? B PRO 36 
20 1 Y 1 B SER 37 ? B SER 37 
# 
loop_
_chem_comp_atom.comp_id 
_chem_comp_atom.atom_id 
_chem_comp_atom.type_symbol 
_chem_comp_atom.pdbx_aromatic_flag 
_chem_comp_atom.pdbx_stereo_config 
_chem_comp_atom.pdbx_ordinal 
ALA N    N  N N 1   
ALA CA   C  N S 2   
ALA C    C  N N 3   
ALA O    O  N N 4   
ALA CB   C  N N 5   
ALA OXT  O  N N 6   
ALA H    H  N N 7   
ALA H2   H  N N 8   
ALA HA   H  N N 9   
ALA HB1  H  N N 10  
ALA HB2  H  N N 11  
ALA HB3  H  N N 12  
ALA HXT  H  N N 13  
ARG N    N  N N 14  
ARG CA   C  N S 15  
ARG C    C  N N 16  
ARG O    O  N N 17  
ARG CB   C  N N 18  
ARG CG   C  N N 19  
ARG CD   C  N N 20  
ARG NE   N  N N 21  
ARG CZ   C  N N 22  
ARG NH1  N  N N 23  
ARG NH2  N  N N 24  
ARG OXT  O  N N 25  
ARG H    H  N N 26  
ARG H2   H  N N 27  
ARG HA   H  N N 28  
ARG HB2  H  N N 29  
ARG HB3  H  N N 30  
ARG HG2  H  N N 31  
ARG HG3  H  N N 32  
ARG HD2  H  N N 33  
ARG HD3  H  N N 34  
ARG HE   H  N N 35  
ARG HH11 H  N N 36  
ARG HH12 H  N N 37  
ARG HH21 H  N N 38  
ARG HH22 H  N N 39  
ARG HXT  H  N N 40  
ASN N    N  N N 41  
ASN CA   C  N S 42  
ASN C    C  N N 43  
ASN O    O  N N 44  
ASN CB   C  N N 45  
ASN CG   C  N N 46  
ASN OD1  O  N N 47  
ASN ND2  N  N N 48  
ASN OXT  O  N N 49  
ASN H    H  N N 50  
ASN H2   H  N N 51  
ASN HA   H  N N 52  
ASN HB2  H  N N 53  
ASN HB3  H  N N 54  
ASN HD21 H  N N 55  
ASN HD22 H  N N 56  
ASN HXT  H  N N 57  
ASP N    N  N N 58  
ASP CA   C  N S 59  
ASP C    C  N N 60  
ASP O    O  N N 61  
ASP CB   C  N N 62  
ASP CG   C  N N 63  
ASP OD1  O  N N 64  
ASP OD2  O  N N 65  
ASP OXT  O  N N 66  
ASP H    H  N N 67  
ASP H2   H  N N 68  
ASP HA   H  N N 69  
ASP HB2  H  N N 70  
ASP HB3  H  N N 71  
ASP HD2  H  N N 72  
ASP HXT  H  N N 73  
CYS N    N  N N 74  
CYS CA   C  N R 75  
CYS C    C  N N 76  
CYS O    O  N N 77  
CYS CB   C  N N 78  
CYS SG   S  N N 79  
CYS OXT  O  N N 80  
CYS H    H  N N 81  
CYS H2   H  N N 82  
CYS HA   H  N N 83  
CYS HB2  H  N N 84  
CYS HB3  H  N N 85  
CYS HG   H  N N 86  
CYS HXT  H  N N 87  
GLN N    N  N N 88  
GLN CA   C  N S 89  
GLN C    C  N N 90  
GLN O    O  N N 91  
GLN CB   C  N N 92  
GLN CG   C  N N 93  
GLN CD   C  N N 94  
GLN OE1  O  N N 95  
GLN NE2  N  N N 96  
GLN OXT  O  N N 97  
GLN H    H  N N 98  
GLN H2   H  N N 99  
GLN HA   H  N N 100 
GLN HB2  H  N N 101 
GLN HB3  H  N N 102 
GLN HG2  H  N N 103 
GLN HG3  H  N N 104 
GLN HE21 H  N N 105 
GLN HE22 H  N N 106 
GLN HXT  H  N N 107 
GLU N    N  N N 108 
GLU CA   C  N S 109 
GLU C    C  N N 110 
GLU O    O  N N 111 
GLU CB   C  N N 112 
GLU CG   C  N N 113 
GLU CD   C  N N 114 
GLU OE1  O  N N 115 
GLU OE2  O  N N 116 
GLU OXT  O  N N 117 
GLU H    H  N N 118 
GLU H2   H  N N 119 
GLU HA   H  N N 120 
GLU HB2  H  N N 121 
GLU HB3  H  N N 122 
GLU HG2  H  N N 123 
GLU HG3  H  N N 124 
GLU HE2  H  N N 125 
GLU HXT  H  N N 126 
GLY N    N  N N 127 
GLY CA   C  N N 128 
GLY C    C  N N 129 
GLY O    O  N N 130 
GLY OXT  O  N N 131 
GLY H    H  N N 132 
GLY H2   H  N N 133 
GLY HA2  H  N N 134 
GLY HA3  H  N N 135 
GLY HXT  H  N N 136 
HIS N    N  N N 137 
HIS CA   C  N S 138 
HIS C    C  N N 139 
HIS O    O  N N 140 
HIS CB   C  N N 141 
HIS CG   C  Y N 142 
HIS ND1  N  Y N 143 
HIS CD2  C  Y N 144 
HIS CE1  C  Y N 145 
HIS NE2  N  Y N 146 
HIS OXT  O  N N 147 
HIS H    H  N N 148 
HIS H2   H  N N 149 
HIS HA   H  N N 150 
HIS HB2  H  N N 151 
HIS HB3  H  N N 152 
HIS HD1  H  N N 153 
HIS HD2  H  N N 154 
HIS HE1  H  N N 155 
HIS HE2  H  N N 156 
HIS HXT  H  N N 157 
ILE N    N  N N 158 
ILE CA   C  N S 159 
ILE C    C  N N 160 
ILE O    O  N N 161 
ILE CB   C  N S 162 
ILE CG1  C  N N 163 
ILE CG2  C  N N 164 
ILE CD1  C  N N 165 
ILE OXT  O  N N 166 
ILE H    H  N N 167 
ILE H2   H  N N 168 
ILE HA   H  N N 169 
ILE HB   H  N N 170 
ILE HG12 H  N N 171 
ILE HG13 H  N N 172 
ILE HG21 H  N N 173 
ILE HG22 H  N N 174 
ILE HG23 H  N N 175 
ILE HD11 H  N N 176 
ILE HD12 H  N N 177 
ILE HD13 H  N N 178 
ILE HXT  H  N N 179 
LEU N    N  N N 180 
LEU CA   C  N S 181 
LEU C    C  N N 182 
LEU O    O  N N 183 
LEU CB   C  N N 184 
LEU CG   C  N N 185 
LEU CD1  C  N N 186 
LEU CD2  C  N N 187 
LEU OXT  O  N N 188 
LEU H    H  N N 189 
LEU H2   H  N N 190 
LEU HA   H  N N 191 
LEU HB2  H  N N 192 
LEU HB3  H  N N 193 
LEU HG   H  N N 194 
LEU HD11 H  N N 195 
LEU HD12 H  N N 196 
LEU HD13 H  N N 197 
LEU HD21 H  N N 198 
LEU HD22 H  N N 199 
LEU HD23 H  N N 200 
LEU HXT  H  N N 201 
LYS N    N  N N 202 
LYS CA   C  N S 203 
LYS C    C  N N 204 
LYS O    O  N N 205 
LYS CB   C  N N 206 
LYS CG   C  N N 207 
LYS CD   C  N N 208 
LYS CE   C  N N 209 
LYS NZ   N  N N 210 
LYS OXT  O  N N 211 
LYS H    H  N N 212 
LYS H2   H  N N 213 
LYS HA   H  N N 214 
LYS HB2  H  N N 215 
LYS HB3  H  N N 216 
LYS HG2  H  N N 217 
LYS HG3  H  N N 218 
LYS HD2  H  N N 219 
LYS HD3  H  N N 220 
LYS HE2  H  N N 221 
LYS HE3  H  N N 222 
LYS HZ1  H  N N 223 
LYS HZ2  H  N N 224 
LYS HZ3  H  N N 225 
LYS HXT  H  N N 226 
MET N    N  N N 227 
MET CA   C  N S 228 
MET C    C  N N 229 
MET O    O  N N 230 
MET CB   C  N N 231 
MET CG   C  N N 232 
MET SD   S  N N 233 
MET CE   C  N N 234 
MET OXT  O  N N 235 
MET H    H  N N 236 
MET H2   H  N N 237 
MET HA   H  N N 238 
MET HB2  H  N N 239 
MET HB3  H  N N 240 
MET HG2  H  N N 241 
MET HG3  H  N N 242 
MET HE1  H  N N 243 
MET HE2  H  N N 244 
MET HE3  H  N N 245 
MET HXT  H  N N 246 
MSE N    N  N N 247 
MSE CA   C  N S 248 
MSE C    C  N N 249 
MSE O    O  N N 250 
MSE OXT  O  N N 251 
MSE CB   C  N N 252 
MSE CG   C  N N 253 
MSE SE   SE N N 254 
MSE CE   C  N N 255 
MSE H    H  N N 256 
MSE H2   H  N N 257 
MSE HA   H  N N 258 
MSE HXT  H  N N 259 
MSE HB2  H  N N 260 
MSE HB3  H  N N 261 
MSE HG2  H  N N 262 
MSE HG3  H  N N 263 
MSE HE1  H  N N 264 
MSE HE2  H  N N 265 
MSE HE3  H  N N 266 
PHE N    N  N N 267 
PHE CA   C  N S 268 
PHE C    C  N N 269 
PHE O    O  N N 270 
PHE CB   C  N N 271 
PHE CG   C  Y N 272 
PHE CD1  C  Y N 273 
PHE CD2  C  Y N 274 
PHE CE1  C  Y N 275 
PHE CE2  C  Y N 276 
PHE CZ   C  Y N 277 
PHE OXT  O  N N 278 
PHE H    H  N N 279 
PHE H2   H  N N 280 
PHE HA   H  N N 281 
PHE HB2  H  N N 282 
PHE HB3  H  N N 283 
PHE HD1  H  N N 284 
PHE HD2  H  N N 285 
PHE HE1  H  N N 286 
PHE HE2  H  N N 287 
PHE HZ   H  N N 288 
PHE HXT  H  N N 289 
PRO N    N  N N 290 
PRO CA   C  N S 291 
PRO C    C  N N 292 
PRO O    O  N N 293 
PRO CB   C  N N 294 
PRO CG   C  N N 295 
PRO CD   C  N N 296 
PRO OXT  O  N N 297 
PRO H    H  N N 298 
PRO HA   H  N N 299 
PRO HB2  H  N N 300 
PRO HB3  H  N N 301 
PRO HG2  H  N N 302 
PRO HG3  H  N N 303 
PRO HD2  H  N N 304 
PRO HD3  H  N N 305 
PRO HXT  H  N N 306 
SER N    N  N N 307 
SER CA   C  N S 308 
SER C    C  N N 309 
SER O    O  N N 310 
SER CB   C  N N 311 
SER OG   O  N N 312 
SER OXT  O  N N 313 
SER H    H  N N 314 
SER H2   H  N N 315 
SER HA   H  N N 316 
SER HB2  H  N N 317 
SER HB3  H  N N 318 
SER HG   H  N N 319 
SER HXT  H  N N 320 
THR N    N  N N 321 
THR CA   C  N S 322 
THR C    C  N N 323 
THR O    O  N N 324 
THR CB   C  N R 325 
THR OG1  O  N N 326 
THR CG2  C  N N 327 
THR OXT  O  N N 328 
THR H    H  N N 329 
THR H2   H  N N 330 
THR HA   H  N N 331 
THR HB   H  N N 332 
THR HG1  H  N N 333 
THR HG21 H  N N 334 
THR HG22 H  N N 335 
THR HG23 H  N N 336 
THR HXT  H  N N 337 
TYR N    N  N N 338 
TYR CA   C  N S 339 
TYR C    C  N N 340 
TYR O    O  N N 341 
TYR CB   C  N N 342 
TYR CG   C  Y N 343 
TYR CD1  C  Y N 344 
TYR CD2  C  Y N 345 
TYR CE1  C  Y N 346 
TYR CE2  C  Y N 347 
TYR CZ   C  Y N 348 
TYR OH   O  N N 349 
TYR OXT  O  N N 350 
TYR H    H  N N 351 
TYR H2   H  N N 352 
TYR HA   H  N N 353 
TYR HB2  H  N N 354 
TYR HB3  H  N N 355 
TYR HD1  H  N N 356 
TYR HD2  H  N N 357 
TYR HE1  H  N N 358 
TYR HE2  H  N N 359 
TYR HH   H  N N 360 
TYR HXT  H  N N 361 
VAL N    N  N N 362 
VAL CA   C  N S 363 
VAL C    C  N N 364 
VAL O    O  N N 365 
VAL CB   C  N N 366 
VAL CG1  C  N N 367 
VAL CG2  C  N N 368 
VAL OXT  O  N N 369 
VAL H    H  N N 370 
VAL H2   H  N N 371 
VAL HA   H  N N 372 
VAL HB   H  N N 373 
VAL HG11 H  N N 374 
VAL HG12 H  N N 375 
VAL HG13 H  N N 376 
VAL HG21 H  N N 377 
VAL HG22 H  N N 378 
VAL HG23 H  N N 379 
VAL HXT  H  N N 380 
# 
loop_
_chem_comp_bond.comp_id 
_chem_comp_bond.atom_id_1 
_chem_comp_bond.atom_id_2 
_chem_comp_bond.value_order 
_chem_comp_bond.pdbx_aromatic_flag 
_chem_comp_bond.pdbx_stereo_config 
_chem_comp_bond.pdbx_ordinal 
ALA N   CA   sing N N 1   
ALA N   H    sing N N 2   
ALA N   H2   sing N N 3   
ALA CA  C    sing N N 4   
ALA CA  CB   sing N N 5   
ALA CA  HA   sing N N 6   
ALA C   O    doub N N 7   
ALA C   OXT  sing N N 8   
ALA CB  HB1  sing N N 9   
ALA CB  HB2  sing N N 10  
ALA CB  HB3  sing N N 11  
ALA OXT HXT  sing N N 12  
ARG N   CA   sing N N 13  
ARG N   H    sing N N 14  
ARG N   H2   sing N N 15  
ARG CA  C    sing N N 16  
ARG CA  CB   sing N N 17  
ARG CA  HA   sing N N 18  
ARG C   O    doub N N 19  
ARG C   OXT  sing N N 20  
ARG CB  CG   sing N N 21  
ARG CB  HB2  sing N N 22  
ARG CB  HB3  sing N N 23  
ARG CG  CD   sing N N 24  
ARG CG  HG2  sing N N 25  
ARG CG  HG3  sing N N 26  
ARG CD  NE   sing N N 27  
ARG CD  HD2  sing N N 28  
ARG CD  HD3  sing N N 29  
ARG NE  CZ   sing N N 30  
ARG NE  HE   sing N N 31  
ARG CZ  NH1  sing N N 32  
ARG CZ  NH2  doub N N 33  
ARG NH1 HH11 sing N N 34  
ARG NH1 HH12 sing N N 35  
ARG NH2 HH21 sing N N 36  
ARG NH2 HH22 sing N N 37  
ARG OXT HXT  sing N N 38  
ASN N   CA   sing N N 39  
ASN N   H    sing N N 40  
ASN N   H2   sing N N 41  
ASN CA  C    sing N N 42  
ASN CA  CB   sing N N 43  
ASN CA  HA   sing N N 44  
ASN C   O    doub N N 45  
ASN C   OXT  sing N N 46  
ASN CB  CG   sing N N 47  
ASN CB  HB2  sing N N 48  
ASN CB  HB3  sing N N 49  
ASN CG  OD1  doub N N 50  
ASN CG  ND2  sing N N 51  
ASN ND2 HD21 sing N N 52  
ASN ND2 HD22 sing N N 53  
ASN OXT HXT  sing N N 54  
ASP N   CA   sing N N 55  
ASP N   H    sing N N 56  
ASP N   H2   sing N N 57  
ASP CA  C    sing N N 58  
ASP CA  CB   sing N N 59  
ASP CA  HA   sing N N 60  
ASP C   O    doub N N 61  
ASP C   OXT  sing N N 62  
ASP CB  CG   sing N N 63  
ASP CB  HB2  sing N N 64  
ASP CB  HB3  sing N N 65  
ASP CG  OD1  doub N N 66  
ASP CG  OD2  sing N N 67  
ASP OD2 HD2  sing N N 68  
ASP OXT HXT  sing N N 69  
CYS N   CA   sing N N 70  
CYS N   H    sing N N 71  
CYS N   H2   sing N N 72  
CYS CA  C    sing N N 73  
CYS CA  CB   sing N N 74  
CYS CA  HA   sing N N 75  
CYS C   O    doub N N 76  
CYS C   OXT  sing N N 77  
CYS CB  SG   sing N N 78  
CYS CB  HB2  sing N N 79  
CYS CB  HB3  sing N N 80  
CYS SG  HG   sing N N 81  
CYS OXT HXT  sing N N 82  
GLN N   CA   sing N N 83  
GLN N   H    sing N N 84  
GLN N   H2   sing N N 85  
GLN CA  C    sing N N 86  
GLN CA  CB   sing N N 87  
GLN CA  HA   sing N N 88  
GLN C   O    doub N N 89  
GLN C   OXT  sing N N 90  
GLN CB  CG   sing N N 91  
GLN CB  HB2  sing N N 92  
GLN CB  HB3  sing N N 93  
GLN CG  CD   sing N N 94  
GLN CG  HG2  sing N N 95  
GLN CG  HG3  sing N N 96  
GLN CD  OE1  doub N N 97  
GLN CD  NE2  sing N N 98  
GLN NE2 HE21 sing N N 99  
GLN NE2 HE22 sing N N 100 
GLN OXT HXT  sing N N 101 
GLU N   CA   sing N N 102 
GLU N   H    sing N N 103 
GLU N   H2   sing N N 104 
GLU CA  C    sing N N 105 
GLU CA  CB   sing N N 106 
GLU CA  HA   sing N N 107 
GLU C   O    doub N N 108 
GLU C   OXT  sing N N 109 
GLU CB  CG   sing N N 110 
GLU CB  HB2  sing N N 111 
GLU CB  HB3  sing N N 112 
GLU CG  CD   sing N N 113 
GLU CG  HG2  sing N N 114 
GLU CG  HG3  sing N N 115 
GLU CD  OE1  doub N N 116 
GLU CD  OE2  sing N N 117 
GLU OE2 HE2  sing N N 118 
GLU OXT HXT  sing N N 119 
GLY N   CA   sing N N 120 
GLY N   H    sing N N 121 
GLY N   H2   sing N N 122 
GLY CA  C    sing N N 123 
GLY CA  HA2  sing N N 124 
GLY CA  HA3  sing N N 125 
GLY C   O    doub N N 126 
GLY C   OXT  sing N N 127 
GLY OXT HXT  sing N N 128 
HIS N   CA   sing N N 129 
HIS N   H    sing N N 130 
HIS N   H2   sing N N 131 
HIS CA  C    sing N N 132 
HIS CA  CB   sing N N 133 
HIS CA  HA   sing N N 134 
HIS C   O    doub N N 135 
HIS C   OXT  sing N N 136 
HIS CB  CG   sing N N 137 
HIS CB  HB2  sing N N 138 
HIS CB  HB3  sing N N 139 
HIS CG  ND1  sing Y N 140 
HIS CG  CD2  doub Y N 141 
HIS ND1 CE1  doub Y N 142 
HIS ND1 HD1  sing N N 143 
HIS CD2 NE2  sing Y N 144 
HIS CD2 HD2  sing N N 145 
HIS CE1 NE2  sing Y N 146 
HIS CE1 HE1  sing N N 147 
HIS NE2 HE2  sing N N 148 
HIS OXT HXT  sing N N 149 
ILE N   CA   sing N N 150 
ILE N   H    sing N N 151 
ILE N   H2   sing N N 152 
ILE CA  C    sing N N 153 
ILE CA  CB   sing N N 154 
ILE CA  HA   sing N N 155 
ILE C   O    doub N N 156 
ILE C   OXT  sing N N 157 
ILE CB  CG1  sing N N 158 
ILE CB  CG2  sing N N 159 
ILE CB  HB   sing N N 160 
ILE CG1 CD1  sing N N 161 
ILE CG1 HG12 sing N N 162 
ILE CG1 HG13 sing N N 163 
ILE CG2 HG21 sing N N 164 
ILE CG2 HG22 sing N N 165 
ILE CG2 HG23 sing N N 166 
ILE CD1 HD11 sing N N 167 
ILE CD1 HD12 sing N N 168 
ILE CD1 HD13 sing N N 169 
ILE OXT HXT  sing N N 170 
LEU N   CA   sing N N 171 
LEU N   H    sing N N 172 
LEU N   H2   sing N N 173 
LEU CA  C    sing N N 174 
LEU CA  CB   sing N N 175 
LEU CA  HA   sing N N 176 
LEU C   O    doub N N 177 
LEU C   OXT  sing N N 178 
LEU CB  CG   sing N N 179 
LEU CB  HB2  sing N N 180 
LEU CB  HB3  sing N N 181 
LEU CG  CD1  sing N N 182 
LEU CG  CD2  sing N N 183 
LEU CG  HG   sing N N 184 
LEU CD1 HD11 sing N N 185 
LEU CD1 HD12 sing N N 186 
LEU CD1 HD13 sing N N 187 
LEU CD2 HD21 sing N N 188 
LEU CD2 HD22 sing N N 189 
LEU CD2 HD23 sing N N 190 
LEU OXT HXT  sing N N 191 
LYS N   CA   sing N N 192 
LYS N   H    sing N N 193 
LYS N   H2   sing N N 194 
LYS CA  C    sing N N 195 
LYS CA  CB   sing N N 196 
LYS CA  HA   sing N N 197 
LYS C   O    doub N N 198 
LYS C   OXT  sing N N 199 
LYS CB  CG   sing N N 200 
LYS CB  HB2  sing N N 201 
LYS CB  HB3  sing N N 202 
LYS CG  CD   sing N N 203 
LYS CG  HG2  sing N N 204 
LYS CG  HG3  sing N N 205 
LYS CD  CE   sing N N 206 
LYS CD  HD2  sing N N 207 
LYS CD  HD3  sing N N 208 
LYS CE  NZ   sing N N 209 
LYS CE  HE2  sing N N 210 
LYS CE  HE3  sing N N 211 
LYS NZ  HZ1  sing N N 212 
LYS NZ  HZ2  sing N N 213 
LYS NZ  HZ3  sing N N 214 
LYS OXT HXT  sing N N 215 
MET N   CA   sing N N 216 
MET N   H    sing N N 217 
MET N   H2   sing N N 218 
MET CA  C    sing N N 219 
MET CA  CB   sing N N 220 
MET CA  HA   sing N N 221 
MET C   O    doub N N 222 
MET C   OXT  sing N N 223 
MET CB  CG   sing N N 224 
MET CB  HB2  sing N N 225 
MET CB  HB3  sing N N 226 
MET CG  SD   sing N N 227 
MET CG  HG2  sing N N 228 
MET CG  HG3  sing N N 229 
MET SD  CE   sing N N 230 
MET CE  HE1  sing N N 231 
MET CE  HE2  sing N N 232 
MET CE  HE3  sing N N 233 
MET OXT HXT  sing N N 234 
MSE N   CA   sing N N 235 
MSE N   H    sing N N 236 
MSE N   H2   sing N N 237 
MSE CA  C    sing N N 238 
MSE CA  CB   sing N N 239 
MSE CA  HA   sing N N 240 
MSE C   O    doub N N 241 
MSE C   OXT  sing N N 242 
MSE OXT HXT  sing N N 243 
MSE CB  CG   sing N N 244 
MSE CB  HB2  sing N N 245 
MSE CB  HB3  sing N N 246 
MSE CG  SE   sing N N 247 
MSE CG  HG2  sing N N 248 
MSE CG  HG3  sing N N 249 
MSE SE  CE   sing N N 250 
MSE CE  HE1  sing N N 251 
MSE CE  HE2  sing N N 252 
MSE CE  HE3  sing N N 253 
PHE N   CA   sing N N 254 
PHE N   H    sing N N 255 
PHE N   H2   sing N N 256 
PHE CA  C    sing N N 257 
PHE CA  CB   sing N N 258 
PHE CA  HA   sing N N 259 
PHE C   O    doub N N 260 
PHE C   OXT  sing N N 261 
PHE CB  CG   sing N N 262 
PHE CB  HB2  sing N N 263 
PHE CB  HB3  sing N N 264 
PHE CG  CD1  doub Y N 265 
PHE CG  CD2  sing Y N 266 
PHE CD1 CE1  sing Y N 267 
PHE CD1 HD1  sing N N 268 
PHE CD2 CE2  doub Y N 269 
PHE CD2 HD2  sing N N 270 
PHE CE1 CZ   doub Y N 271 
PHE CE1 HE1  sing N N 272 
PHE CE2 CZ   sing Y N 273 
PHE CE2 HE2  sing N N 274 
PHE CZ  HZ   sing N N 275 
PHE OXT HXT  sing N N 276 
PRO N   CA   sing N N 277 
PRO N   CD   sing N N 278 
PRO N   H    sing N N 279 
PRO CA  C    sing N N 280 
PRO CA  CB   sing N N 281 
PRO CA  HA   sing N N 282 
PRO C   O    doub N N 283 
PRO C   OXT  sing N N 284 
PRO CB  CG   sing N N 285 
PRO CB  HB2  sing N N 286 
PRO CB  HB3  sing N N 287 
PRO CG  CD   sing N N 288 
PRO CG  HG2  sing N N 289 
PRO CG  HG3  sing N N 290 
PRO CD  HD2  sing N N 291 
PRO CD  HD3  sing N N 292 
PRO OXT HXT  sing N N 293 
SER N   CA   sing N N 294 
SER N   H    sing N N 295 
SER N   H2   sing N N 296 
SER CA  C    sing N N 297 
SER CA  CB   sing N N 298 
SER CA  HA   sing N N 299 
SER C   O    doub N N 300 
SER C   OXT  sing N N 301 
SER CB  OG   sing N N 302 
SER CB  HB2  sing N N 303 
SER CB  HB3  sing N N 304 
SER OG  HG   sing N N 305 
SER OXT HXT  sing N N 306 
THR N   CA   sing N N 307 
THR N   H    sing N N 308 
THR N   H2   sing N N 309 
THR CA  C    sing N N 310 
THR CA  CB   sing N N 311 
THR CA  HA   sing N N 312 
THR C   O    doub N N 313 
THR C   OXT  sing N N 314 
THR CB  OG1  sing N N 315 
THR CB  CG2  sing N N 316 
THR CB  HB   sing N N 317 
THR OG1 HG1  sing N N 318 
THR CG2 HG21 sing N N 319 
THR CG2 HG22 sing N N 320 
THR CG2 HG23 sing N N 321 
THR OXT HXT  sing N N 322 
TYR N   CA   sing N N 323 
TYR N   H    sing N N 324 
TYR N   H2   sing N N 325 
TYR CA  C    sing N N 326 
TYR CA  CB   sing N N 327 
TYR CA  HA   sing N N 328 
TYR C   O    doub N N 329 
TYR C   OXT  sing N N 330 
TYR CB  CG   sing N N 331 
TYR CB  HB2  sing N N 332 
TYR CB  HB3  sing N N 333 
TYR CG  CD1  doub Y N 334 
TYR CG  CD2  sing Y N 335 
TYR CD1 CE1  sing Y N 336 
TYR CD1 HD1  sing N N 337 
TYR CD2 CE2  doub Y N 338 
TYR CD2 HD2  sing N N 339 
TYR CE1 CZ   doub Y N 340 
TYR CE1 HE1  sing N N 341 
TYR CE2 CZ   sing Y N 342 
TYR CE2 HE2  sing N N 343 
TYR CZ  OH   sing N N 344 
TYR OH  HH   sing N N 345 
TYR OXT HXT  sing N N 346 
VAL N   CA   sing N N 347 
VAL N   H    sing N N 348 
VAL N   H2   sing N N 349 
VAL CA  C    sing N N 350 
VAL CA  CB   sing N N 351 
VAL CA  HA   sing N N 352 
VAL C   O    doub N N 353 
VAL C   OXT  sing N N 354 
VAL CB  CG1  sing N N 355 
VAL CB  CG2  sing N N 356 
VAL CB  HB   sing N N 357 
VAL CG1 HG11 sing N N 358 
VAL CG1 HG12 sing N N 359 
VAL CG1 HG13 sing N N 360 
VAL CG2 HG21 sing N N 361 
VAL CG2 HG22 sing N N 362 
VAL CG2 HG23 sing N N 363 
VAL OXT HXT  sing N N 364 
# 
_atom_sites.entry_id                    2ODM 
_atom_sites.fract_transf_matrix[1][1]   -0.00724653 
_atom_sites.fract_transf_matrix[1][2]   0.01328492 
_atom_sites.fract_transf_matrix[1][3]   0.02802569 
_atom_sites.fract_transf_matrix[2][1]   -0.00885666 
_atom_sites.fract_transf_matrix[2][2]   -0.02034884 
_atom_sites.fract_transf_matrix[2][3]   0.00735585 
_atom_sites.fract_transf_matrix[3][1]   0.01417813 
_atom_sites.fract_transf_matrix[3][2]   -0.00390054 
_atom_sites.fract_transf_matrix[3][3]   0.00628064 
_atom_sites.fract_transf_vector[1]      0.560194 
_atom_sites.fract_transf_vector[2]      0.491995 
_atom_sites.fract_transf_vector[3]      0.746823 
# 
loop_
_atom_type.symbol 
C  
N  
O  
S  
SE 
# 
loop_
_atom_site.group_PDB 
_atom_site.id 
_atom_site.type_symbol 
_atom_site.label_atom_id 
_atom_site.label_alt_id 
_atom_site.label_comp_id 
_atom_site.label_asym_id 
_atom_site.label_entity_id 
_atom_site.label_seq_id 
_atom_site.pdbx_PDB_ins_code 
_atom_site.Cartn_x 
_atom_site.Cartn_y 
_atom_site.Cartn_z 
_atom_site.occupancy 
_atom_site.B_iso_or_equiv 
_atom_site.pdbx_formal_charge 
_atom_site.auth_seq_id 
_atom_site.auth_comp_id 
_atom_site.auth_asym_id 
_atom_site.auth_atom_id 
_atom_site.pdbx_PDB_model_num 
ATOM   1    N  N   . ALA A 1 5  ? 8.115   19.942  -9.811  1.00 84.53  ? 5  ALA A N   1 
ATOM   2    C  CA  . ALA A 1 5  ? 7.364   19.355  -10.964 1.00 94.17  ? 5  ALA A CA  1 
ATOM   3    C  C   . ALA A 1 5  ? 8.175   18.317  -11.753 1.00 97.31  ? 5  ALA A C   1 
ATOM   4    O  O   . ALA A 1 5  ? 7.666   17.712  -12.707 1.00 104.47 ? 5  ALA A O   1 
ATOM   5    C  CB  . ALA A 1 5  ? 6.845   20.454  -11.887 1.00 97.32  ? 5  ALA A CB  1 
ATOM   6    N  N   . THR A 1 6  ? 9.435   18.122  -11.358 1.00 93.64  ? 6  THR A N   1 
ATOM   7    C  CA  . THR A 1 6  ? 10.245  17.012  -11.864 1.00 87.64  ? 6  THR A CA  1 
ATOM   8    C  C   . THR A 1 6  ? 9.850   15.755  -11.095 1.00 84.87  ? 6  THR A C   1 
ATOM   9    O  O   . THR A 1 6  ? 9.800   14.656  -11.653 1.00 79.91  ? 6  THR A O   1 
ATOM   10   C  CB  . THR A 1 6  ? 11.758  17.257  -11.673 1.00 86.80  ? 6  THR A CB  1 
ATOM   11   O  OG1 . THR A 1 6  ? 12.068  18.630  -11.946 1.00 98.37  ? 6  THR A OG1 1 
ATOM   12   C  CG2 . THR A 1 6  ? 12.572  16.353  -12.595 1.00 81.81  ? 6  THR A CG2 1 
HETATM 13   N  N   . MSE A 1 7  ? 9.570   15.943  -9.805  1.00 78.78  ? 7  MSE A N   1 
HETATM 14   C  CA  . MSE A 1 7  ? 9.077   14.886  -8.930  1.00 75.53  ? 7  MSE A CA  1 
HETATM 15   C  C   . MSE A 1 7  ? 7.746   14.315  -9.405  1.00 68.49  ? 7  MSE A C   1 
HETATM 16   O  O   . MSE A 1 7  ? 7.504   13.114  -9.278  1.00 71.37  ? 7  MSE A O   1 
HETATM 17   C  CB  . MSE A 1 7  ? 8.924   15.410  -7.497  1.00 81.83  ? 7  MSE A CB  1 
HETATM 18   C  CG  . MSE A 1 7  ? 10.024  14.978  -6.543  1.00 80.36  ? 7  MSE A CG  1 
HETATM 19   SE SE  . MSE A 1 7  ? 10.345  13.040  -6.536  1.00 88.43  ? 7  MSE A SE  1 
HETATM 20   C  CE  . MSE A 1 7  ? 8.553   12.365  -6.305  1.00 87.00  ? 7  MSE A CE  1 
ATOM   21   N  N   . LYS A 1 8  ? 6.896   15.185  -9.950  1.00 66.25  ? 8  LYS A N   1 
ATOM   22   C  CA  . LYS A 1 8  ? 5.568   14.804  -10.420 1.00 58.38  ? 8  LYS A CA  1 
ATOM   23   C  C   . LYS A 1 8  ? 5.609   13.755  -11.533 1.00 69.32  ? 8  LYS A C   1 
ATOM   24   O  O   . LYS A 1 8  ? 4.828   12.798  -11.517 1.00 72.18  ? 8  LYS A O   1 
ATOM   25   C  CB  . LYS A 1 8  ? 4.769   16.036  -10.862 1.00 66.47  ? 8  LYS A CB  1 
ATOM   26   C  CG  . LYS A 1 8  ? 4.352   16.965  -9.720  1.00 56.95  ? 8  LYS A CG  1 
ATOM   27   C  CD  . LYS A 1 8  ? 3.304   17.988  -10.166 1.00 69.36  ? 8  LYS A CD  1 
ATOM   28   C  CE  . LYS A 1 8  ? 1.917   17.365  -10.323 1.00 75.24  ? 8  LYS A CE  1 
ATOM   29   N  NZ  . LYS A 1 8  ? 0.913   18.334  -10.846 1.00 80.43  ? 8  LYS A NZ  1 
ATOM   30   N  N   . ASN A 1 9  ? 6.523   13.936  -12.488 1.00 72.53  ? 9  ASN A N   1 
ATOM   31   C  CA  . ASN A 1 9  ? 6.682   12.998  -13.602 1.00 64.88  ? 9  ASN A CA  1 
ATOM   32   C  C   . ASN A 1 9  ? 7.241   11.647  -13.161 1.00 58.79  ? 9  ASN A C   1 
ATOM   33   O  O   . ASN A 1 9  ? 6.746   10.606  -13.593 1.00 58.32  ? 9  ASN A O   1 
ATOM   34   C  CB  . ASN A 1 9  ? 7.553   13.595  -14.713 1.00 75.00  ? 9  ASN A CB  1 
ATOM   35   C  CG  . ASN A 1 9  ? 7.631   12.696  -15.942 1.00 71.15  ? 9  ASN A CG  1 
ATOM   36   O  OD1 . ASN A 1 9  ? 6.623   12.428  -16.599 1.00 77.66  ? 9  ASN A OD1 1 
ATOM   37   N  ND2 . ASN A 1 9  ? 8.833   12.227  -16.254 1.00 65.62  ? 9  ASN A ND2 1 
ATOM   38   N  N   . ALA A 1 10 ? 8.270   11.673  -12.310 1.00 45.69  ? 10 ALA A N   1 
ATOM   39   C  CA  . ALA A 1 10 ? 8.861   10.450  -11.755 1.00 50.66  ? 10 ALA A CA  1 
ATOM   40   C  C   . ALA A 1 10 ? 7.845   9.643   -10.940 1.00 44.54  ? 10 ALA A C   1 
ATOM   41   O  O   . ALA A 1 10 ? 7.830   8.417   -11.011 1.00 54.09  ? 10 ALA A O   1 
ATOM   42   C  CB  . ALA A 1 10 ? 10.078  10.781  -10.901 1.00 53.12  ? 10 ALA A CB  1 
ATOM   43   N  N   . ALA A 1 11 ? 7.003   10.343  -10.174 1.00 47.69  ? 11 ALA A N   1 
ATOM   44   C  CA  . ALA A 1 11 ? 5.984   9.708   -9.343  1.00 45.58  ? 11 ALA A CA  1 
ATOM   45   C  C   . ALA A 1 11 ? 4.922   9.048   -10.209 1.00 47.76  ? 11 ALA A C   1 
ATOM   46   O  O   . ALA A 1 11 ? 4.593   7.873   -10.014 1.00 48.56  ? 11 ALA A O   1 
ATOM   47   C  CB  . ALA A 1 11 ? 5.359   10.720  -8.381  1.00 44.77  ? 11 ALA A CB  1 
ATOM   48   N  N   . LEU A 1 12 ? 4.405   9.806   -11.176 1.00 51.59  ? 12 LEU A N   1 
ATOM   49   C  CA  . LEU A 1 12 ? 3.444   9.296   -12.153 1.00 60.24  ? 12 LEU A CA  1 
ATOM   50   C  C   . LEU A 1 12 ? 3.992   8.049   -12.837 1.00 49.23  ? 12 LEU A C   1 
ATOM   51   O  O   . LEU A 1 12 ? 3.258   7.090   -13.065 1.00 60.21  ? 12 LEU A O   1 
ATOM   52   C  CB  . LEU A 1 12 ? 3.132   10.363  -13.210 1.00 63.87  ? 12 LEU A CB  1 
ATOM   53   C  CG  . LEU A 1 12 ? 1.682   10.637  -13.637 1.00 66.23  ? 12 LEU A CG  1 
ATOM   54   C  CD1 . LEU A 1 12 ? 1.669   11.610  -14.809 1.00 57.64  ? 12 LEU A CD1 1 
ATOM   55   C  CD2 . LEU A 1 12 ? 0.895   9.377   -13.990 1.00 56.28  ? 12 LEU A CD2 1 
ATOM   56   N  N   . LYS A 1 13 ? 5.289   8.068   -13.141 1.00 55.48  ? 13 LYS A N   1 
ATOM   57   C  CA  . LYS A 1 13 ? 5.957   6.957   -13.819 1.00 60.11  ? 13 LYS A CA  1 
ATOM   58   C  C   . LYS A 1 13 ? 6.003   5.682   -12.977 1.00 46.06  ? 13 LYS A C   1 
ATOM   59   O  O   . LYS A 1 13 ? 5.652   4.610   -13.462 1.00 50.94  ? 13 LYS A O   1 
ATOM   60   C  CB  . LYS A 1 13 ? 7.371   7.361   -14.270 1.00 49.28  ? 13 LYS A CB  1 
ATOM   61   C  CG  . LYS A 1 13 ? 7.567   7.452   -15.789 1.00 76.77  ? 13 LYS A CG  1 
ATOM   62   C  CD  . LYS A 1 13 ? 7.116   8.790   -16.381 1.00 84.46  ? 13 LYS A CD  1 
ATOM   63   C  CE  . LYS A 1 13 ? 5.721   8.712   -16.997 1.00 95.85  ? 13 LYS A CE  1 
ATOM   64   N  NZ  . LYS A 1 13 ? 5.295   10.014  -17.590 1.00 85.46  ? 13 LYS A NZ  1 
ATOM   65   N  N   . GLN A 1 14 ? 6.430   5.808   -11.722 1.00 45.28  ? 14 GLN A N   1 
ATOM   66   C  CA  . GLN A 1 14 ? 6.520   4.664   -10.811 1.00 46.84  ? 14 GLN A CA  1 
ATOM   67   C  C   . GLN A 1 14 ? 5.146   4.038   -10.552 1.00 44.14  ? 14 GLN A C   1 
ATOM   68   O  O   . GLN A 1 14 ? 5.000   2.815   -10.540 1.00 54.81  ? 14 GLN A O   1 
ATOM   69   C  CB  . GLN A 1 14 ? 7.189   5.083   -9.496  1.00 51.05  ? 14 GLN A CB  1 
ATOM   70   C  CG  . GLN A 1 14 ? 7.575   3.926   -8.569  1.00 48.87  ? 14 GLN A CG  1 
ATOM   71   C  CD  . GLN A 1 14 ? 8.425   2.873   -9.257  1.00 53.46  ? 14 GLN A CD  1 
ATOM   72   O  OE1 . GLN A 1 14 ? 8.048   1.703   -9.319  1.00 51.39  ? 14 GLN A OE1 1 
ATOM   73   N  NE2 . GLN A 1 14 ? 9.571   3.286   -9.791  1.00 52.45  ? 14 GLN A NE2 1 
ATOM   74   N  N   . LEU A 1 15 ? 4.146   4.895   -10.378 1.00 50.08  ? 15 LEU A N   1 
ATOM   75   C  CA  . LEU A 1 15 ? 2.780   4.489   -10.068 1.00 43.51  ? 15 LEU A CA  1 
ATOM   76   C  C   . LEU A 1 15 ? 2.161   3.668   -11.192 1.00 34.42  ? 15 LEU A C   1 
ATOM   77   O  O   . LEU A 1 15 ? 1.490   2.664   -10.942 1.00 42.45  ? 15 LEU A O   1 
ATOM   78   C  CB  . LEU A 1 15 ? 1.937   5.740   -9.803  1.00 50.07  ? 15 LEU A CB  1 
ATOM   79   C  CG  . LEU A 1 15 ? 0.943   5.820   -8.644  1.00 54.14  ? 15 LEU A CG  1 
ATOM   80   C  CD1 . LEU A 1 15 ? 1.536   5.329   -7.335  1.00 46.42  ? 15 LEU A CD1 1 
ATOM   81   C  CD2 . LEU A 1 15 ? 0.483   7.255   -8.503  1.00 45.42  ? 15 LEU A CD2 1 
ATOM   82   N  N   . THR A 1 16 ? 2.387   4.108   -12.426 1.00 47.47  ? 16 THR A N   1 
ATOM   83   C  CA  . THR A 1 16 ? 1.892   3.427   -13.626 1.00 51.92  ? 16 THR A CA  1 
ATOM   84   C  C   . THR A 1 16 ? 2.609   2.089   -13.851 1.00 36.64  ? 16 THR A C   1 
ATOM   85   O  O   . THR A 1 16 ? 1.988   1.092   -14.237 1.00 44.46  ? 16 THR A O   1 
ATOM   86   C  CB  . THR A 1 16 ? 2.038   4.324   -14.877 1.00 55.16  ? 16 THR A CB  1 
ATOM   87   O  OG1 . THR A 1 16 ? 3.386   4.796   -14.965 1.00 61.42  ? 16 THR A OG1 1 
ATOM   88   C  CG2 . THR A 1 16 ? 1.103   5.526   -14.788 1.00 47.03  ? 16 THR A CG2 1 
ATOM   89   N  N   . LYS A 1 17 ? 3.914   2.079   -13.596 1.00 41.65  ? 17 LYS A N   1 
ATOM   90   C  CA  . LYS A 1 17 ? 4.715   0.857   -13.604 1.00 38.69  ? 17 LYS A CA  1 
ATOM   91   C  C   . LYS A 1 17 ? 4.162   -0.157  -12.597 1.00 47.20  ? 17 LYS A C   1 
ATOM   92   O  O   . LYS A 1 17 ? 4.049   -1.346  -12.895 1.00 47.52  ? 17 LYS A O   1 
ATOM   93   C  CB  . LYS A 1 17 ? 6.172   1.192   -13.269 1.00 51.47  ? 17 LYS A CB  1 
ATOM   94   C  CG  . LYS A 1 17 ? 7.139   0.034   -13.433 1.00 61.80  ? 17 LYS A CG  1 
ATOM   95   C  CD  . LYS A 1 17 ? 8.579   0.480   -13.248 1.00 62.23  ? 17 LYS A CD  1 
ATOM   96   C  CE  . LYS A 1 17 ? 9.554   -0.557  -13.799 1.00 74.92  ? 17 LYS A CE  1 
ATOM   97   N  NZ  . LYS A 1 17 ? 9.410   -1.899  -13.160 1.00 73.60  ? 17 LYS A NZ  1 
ATOM   98   N  N   . ASP A 1 18 ? 3.810   0.328   -11.407 1.00 44.68  ? 18 ASP A N   1 
ATOM   99   C  CA  . ASP A 1 18 ? 3.257   -0.519  -10.362 1.00 38.82  ? 18 ASP A CA  1 
ATOM   100  C  C   . ASP A 1 18 ? 1.862   -1.033  -10.712 1.00 26.01  ? 18 ASP A C   1 
ATOM   101  O  O   . ASP A 1 18 ? 1.543   -2.194  -10.445 1.00 37.43  ? 18 ASP A O   1 
ATOM   102  C  CB  . ASP A 1 18 ? 3.279   0.206   -9.005  1.00 44.20  ? 18 ASP A CB  1 
ATOM   103  C  CG  . ASP A 1 18 ? 4.698   0.444   -8.498  1.00 56.87  ? 18 ASP A CG  1 
ATOM   104  O  OD1 . ASP A 1 18 ? 5.630   -0.224  -8.997  1.00 61.12  ? 18 ASP A OD1 1 
ATOM   105  O  OD2 . ASP A 1 18 ? 4.892   1.296   -7.606  1.00 45.60  ? 18 ASP A OD2 1 
ATOM   106  N  N   . ALA A 1 19 ? 1.035   -0.182  -11.318 1.00 35.05  ? 19 ALA A N   1 
ATOM   107  C  CA  . ALA A 1 19 ? -0.282  -0.617  -11.799 1.00 39.54  ? 19 ALA A CA  1 
ATOM   108  C  C   . ALA A 1 19 ? -0.166  -1.652  -12.933 1.00 36.29  ? 19 ALA A C   1 
ATOM   109  O  O   . ALA A 1 19 ? -0.977  -2.578  -13.020 1.00 41.45  ? 19 ALA A O   1 
ATOM   110  C  CB  . ALA A 1 19 ? -1.119  0.592   -12.239 1.00 40.19  ? 19 ALA A CB  1 
ATOM   111  N  N   . ASP A 1 20 ? 0.848   -1.487  -13.786 1.00 38.52  ? 20 ASP A N   1 
ATOM   112  C  CA  . ASP A 1 20 ? 1.123   -2.412  -14.890 1.00 39.83  ? 20 ASP A CA  1 
ATOM   113  C  C   . ASP A 1 20 ? 1.430   -3.833  -14.424 1.00 36.99  ? 20 ASP A C   1 
ATOM   114  O  O   . ASP A 1 20 ? 0.999   -4.788  -15.047 1.00 39.15  ? 20 ASP A O   1 
ATOM   115  C  CB  . ASP A 1 20 ? 2.278   -1.893  -15.755 1.00 44.11  ? 20 ASP A CB  1 
ATOM   116  C  CG  . ASP A 1 20 ? 1.835   -0.843  -16.766 1.00 51.60  ? 20 ASP A CG  1 
ATOM   117  O  OD1 . ASP A 1 20 ? 0.634   -0.786  -17.102 1.00 57.57  ? 20 ASP A OD1 1 
ATOM   118  O  OD2 . ASP A 1 20 ? 2.698   -0.079  -17.242 1.00 61.43  ? 20 ASP A OD2 1 
ATOM   119  N  N   . GLU A 1 21 ? 2.184   -3.966  -13.334 1.00 46.28  ? 21 GLU A N   1 
ATOM   120  C  CA  . GLU A 1 21 ? 2.472   -5.279  -12.760 1.00 41.49  ? 21 GLU A CA  1 
ATOM   121  C  C   . GLU A 1 21 ? 1.199   -5.971  -12.281 1.00 40.33  ? 21 GLU A C   1 
ATOM   122  O  O   . GLU A 1 21 ? 1.015   -7.168  -12.502 1.00 43.87  ? 21 GLU A O   1 
ATOM   123  C  CB  . GLU A 1 21 ? 3.478   -5.164  -11.614 1.00 51.53  ? 21 GLU A CB  1 
ATOM   124  C  CG  . GLU A 1 21 ? 4.932   -5.126  -12.060 1.00 44.36  ? 21 GLU A CG  1 
ATOM   125  C  CD  . GLU A 1 21 ? 5.902   -4.891  -10.910 1.00 54.24  ? 21 GLU A CD  1 
ATOM   126  O  OE1 . GLU A 1 21 ? 5.512   -5.067  -9.734  1.00 57.04  ? 21 GLU A OE1 1 
ATOM   127  O  OE2 . GLU A 1 21 ? 7.064   -4.523  -11.185 1.00 59.06  ? 21 GLU A OE2 1 
ATOM   128  N  N   . ILE A 1 22 ? 0.320   -5.219  -11.623 1.00 36.65  ? 22 ILE A N   1 
ATOM   129  C  CA  . ILE A 1 22 ? -0.961  -5.776  -11.185 1.00 36.61  ? 22 ILE A CA  1 
ATOM   130  C  C   . ILE A 1 22 ? -1.856  -6.108  -12.382 1.00 29.83  ? 22 ILE A C   1 
ATOM   131  O  O   . ILE A 1 22 ? -2.478  -7.181  -12.419 1.00 34.57  ? 22 ILE A O   1 
ATOM   132  C  CB  . ILE A 1 22 ? -1.688  -4.850  -10.168 1.00 45.53  ? 22 ILE A CB  1 
ATOM   133  C  CG1 . ILE A 1 22 ? -0.843  -4.705  -8.892  1.00 33.36  ? 22 ILE A CG1 1 
ATOM   134  C  CG2 . ILE A 1 22 ? -3.060  -5.413  -9.825  1.00 33.31  ? 22 ILE A CG2 1 
ATOM   135  C  CD1 . ILE A 1 22 ? -0.760  -3.300  -8.357  1.00 44.16  ? 22 ILE A CD1 1 
ATOM   136  N  N   . LEU A 1 23 ? -1.904  -5.193  -13.354 1.00 32.77  ? 23 LEU A N   1 
ATOM   137  C  CA  . LEU A 1 23 ? -2.672  -5.384  -14.600 1.00 40.40  ? 23 LEU A CA  1 
ATOM   138  C  C   . LEU A 1 23 ? -2.300  -6.667  -15.332 1.00 45.84  ? 23 LEU A C   1 
ATOM   139  O  O   . LEU A 1 23 ? -3.177  -7.411  -15.784 1.00 42.25  ? 23 LEU A O   1 
ATOM   140  C  CB  . LEU A 1 23 ? -2.473  -4.198  -15.539 1.00 44.79  ? 23 LEU A CB  1 
ATOM   141  C  CG  . LEU A 1 23 ? -3.295  -4.216  -16.830 1.00 56.17  ? 23 LEU A CG  1 
ATOM   142  C  CD1 . LEU A 1 23 ? -4.789  -4.170  -16.543 1.00 53.01  ? 23 LEU A CD1 1 
ATOM   143  C  CD2 . LEU A 1 23 ? -2.877  -3.073  -17.734 1.00 49.61  ? 23 LEU A CD2 1 
ATOM   144  N  N   . HIS A 1 24 ? -0.994  -6.901  -15.452 1.00 36.96  ? 24 HIS A N   1 
ATOM   145  C  CA  . HIS A 1 24 ? -0.446  -8.150  -15.962 1.00 37.94  ? 24 HIS A CA  1 
ATOM   146  C  C   . HIS A 1 24 ? -1.032  -9.375  -15.241 1.00 38.37  ? 24 HIS A C   1 
ATOM   147  O  O   . HIS A 1 24 ? -1.411  -10.352 -15.875 1.00 43.67  ? 24 HIS A O   1 
ATOM   148  C  CB  . HIS A 1 24 ? 1.076   -8.119  -15.813 1.00 39.35  ? 24 HIS A CB  1 
ATOM   149  C  CG  . HIS A 1 24 ? 1.781   -9.243  -16.509 1.00 45.33  ? 24 HIS A CG  1 
ATOM   150  N  ND1 . HIS A 1 24 ? 2.026   -9.240  -17.865 1.00 49.46  ? 24 HIS A ND1 1 
ATOM   151  C  CD2 . HIS A 1 24 ? 2.319   -10.391 -16.033 1.00 39.96  ? 24 HIS A CD2 1 
ATOM   152  C  CE1 . HIS A 1 24 ? 2.672   -10.344 -18.196 1.00 40.33  ? 24 HIS A CE1 1 
ATOM   153  N  NE2 . HIS A 1 24 ? 2.863   -11.059 -17.102 1.00 48.27  ? 24 HIS A NE2 1 
ATOM   154  N  N   . LEU A 1 25 ? -1.112  -9.318  -13.915 1.00 49.89  ? 25 LEU A N   1 
ATOM   155  C  CA  . LEU A 1 25 ? -1.705  -10.406 -13.138 1.00 47.42  ? 25 LEU A CA  1 
ATOM   156  C  C   . LEU A 1 25 ? -3.179  -10.630 -13.510 1.00 52.33  ? 25 LEU A C   1 
ATOM   157  O  O   . LEU A 1 25 ? -3.619  -11.772 -13.656 1.00 41.65  ? 25 LEU A O   1 
ATOM   158  C  CB  . LEU A 1 25 ? -1.526  -10.153 -11.634 1.00 53.76  ? 25 LEU A CB  1 
ATOM   159  C  CG  . LEU A 1 25 ? -1.948  -11.202 -10.600 1.00 66.09  ? 25 LEU A CG  1 
ATOM   160  C  CD1 . LEU A 1 25 ? -1.465  -12.617 -10.953 1.00 68.39  ? 25 LEU A CD1 1 
ATOM   161  C  CD2 . LEU A 1 25 ? -1.457  -10.791 -9.212  1.00 63.82  ? 25 LEU A CD2 1 
ATOM   162  N  N   . ILE A 1 26 ? -3.925  -9.536  -13.677 1.00 52.89  ? 26 ILE A N   1 
ATOM   163  C  CA  . ILE A 1 26 ? -5.327  -9.598  -14.108 1.00 48.87  ? 26 ILE A CA  1 
ATOM   164  C  C   . ILE A 1 26 ? -5.451  -10.145 -15.537 1.00 55.71  ? 26 ILE A C   1 
ATOM   165  O  O   . ILE A 1 26 ? -6.217  -11.077 -15.779 1.00 43.76  ? 26 ILE A O   1 
ATOM   166  C  CB  . ILE A 1 26 ? -6.027  -8.209  -14.025 1.00 42.37  ? 26 ILE A CB  1 
ATOM   167  C  CG1 . ILE A 1 26 ? -6.068  -7.704  -12.576 1.00 40.47  ? 26 ILE A CG1 1 
ATOM   168  C  CG2 . ILE A 1 26 ? -7.448  -8.280  -14.627 1.00 43.10  ? 26 ILE A CG2 1 
ATOM   169  C  CD1 . ILE A 1 26 ? -6.304  -6.198  -12.444 1.00 32.51  ? 26 ILE A CD1 1 
ATOM   170  N  N   . LYS A 1 27 ? -4.693  -9.561  -16.468 1.00 52.84  ? 27 LYS A N   1 
ATOM   171  C  CA  . LYS A 1 27 ? -4.738  -9.949  -17.882 1.00 56.34  ? 27 LYS A CA  1 
ATOM   172  C  C   . LYS A 1 27 ? -4.386  -11.416 -18.109 1.00 51.69  ? 27 LYS A C   1 
ATOM   173  O  O   . LYS A 1 27 ? -5.030  -12.088 -18.914 1.00 51.17  ? 27 LYS A O   1 
ATOM   174  C  CB  . LYS A 1 27 ? -3.846  -9.045  -18.732 1.00 52.69  ? 27 LYS A CB  1 
ATOM   175  C  CG  . LYS A 1 27 ? -4.441  -7.669  -18.981 1.00 70.18  ? 27 LYS A CG  1 
ATOM   176  C  CD  . LYS A 1 27 ? -3.622  -6.879  -19.988 1.00 87.16  ? 27 LYS A CD  1 
ATOM   177  C  CE  . LYS A 1 27 ? -4.286  -5.544  -20.306 1.00 94.46  ? 27 LYS A CE  1 
ATOM   178  N  NZ  . LYS A 1 27 ? -3.502  -4.760  -21.302 1.00 102.82 ? 27 LYS A NZ  1 
ATOM   179  N  N   . VAL A 1 28 ? -3.391  -11.914 -17.379 1.00 52.00  ? 28 VAL A N   1 
ATOM   180  C  CA  . VAL A 1 28 ? -2.992  -13.325 -17.470 1.00 51.93  ? 28 VAL A CA  1 
ATOM   181  C  C   . VAL A 1 28 ? -4.077  -14.270 -16.942 1.00 49.88  ? 28 VAL A C   1 
ATOM   182  O  O   . VAL A 1 28 ? -4.204  -15.405 -17.408 1.00 66.63  ? 28 VAL A O   1 
ATOM   183  C  CB  . VAL A 1 28 ? -1.613  -13.579 -16.798 1.00 58.76  ? 28 VAL A CB  1 
ATOM   184  C  CG1 . VAL A 1 28 ? -1.233  -15.057 -16.841 1.00 43.87  ? 28 VAL A CG1 1 
ATOM   185  C  CG2 . VAL A 1 28 ? -0.531  -12.741 -17.495 1.00 48.88  ? 28 VAL A CG2 1 
ATOM   186  N  N   . GLN A 1 29 ? -4.873  -13.793 -15.988 1.00 67.31  ? 29 GLN A N   1 
ATOM   187  C  CA  . GLN A 1 29 ? -6.048  -14.533 -15.525 1.00 67.24  ? 29 GLN A CA  1 
ATOM   188  C  C   . GLN A 1 29 ? -7.153  -14.585 -16.587 1.00 66.83  ? 29 GLN A C   1 
ATOM   189  O  O   . GLN A 1 29 ? -7.834  -15.600 -16.726 1.00 71.38  ? 29 GLN A O   1 
ATOM   190  C  CB  . GLN A 1 29 ? -6.594  -13.938 -14.223 1.00 72.35  ? 29 GLN A CB  1 
ATOM   191  C  CG  . GLN A 1 29 ? -5.742  -14.196 -12.985 1.00 85.53  ? 29 GLN A CG  1 
ATOM   192  C  CD  . GLN A 1 29 ? -5.865  -15.616 -12.466 1.00 94.25  ? 29 GLN A CD  1 
ATOM   193  O  OE1 . GLN A 1 29 ? -5.273  -16.547 -13.015 1.00 94.58  ? 29 GLN A OE1 1 
ATOM   194  N  NE2 . GLN A 1 29 ? -6.626  -15.785 -11.392 1.00 98.55  ? 29 GLN A NE2 1 
ATOM   195  N  N   . LEU A 1 30 ? -7.315  -13.491 -17.333 1.00 66.43  ? 30 LEU A N   1 
ATOM   196  C  CA  . LEU A 1 30 ? -8.361  -13.381 -18.360 1.00 69.16  ? 30 LEU A CA  1 
ATOM   197  C  C   . LEU A 1 30 ? -8.031  -14.138 -19.646 1.00 74.82  ? 30 LEU A C   1 
ATOM   198  O  O   . LEU A 1 30 ? -8.896  -14.810 -20.218 1.00 80.77  ? 30 LEU A O   1 
ATOM   199  C  CB  . LEU A 1 30 ? -8.641  -11.911 -18.693 1.00 62.33  ? 30 LEU A CB  1 
ATOM   200  C  CG  . LEU A 1 30 ? -9.506  -11.083 -17.743 1.00 59.25  ? 30 LEU A CG  1 
ATOM   201  C  CD1 . LEU A 1 30 ? -9.503  -9.625  -18.189 1.00 55.60  ? 30 LEU A CD1 1 
ATOM   202  C  CD2 . LEU A 1 30 ? -10.930 -11.627 -17.675 1.00 44.04  ? 30 LEU A CD2 1 
ATOM   203  N  N   . ASP A 1 31 ? -6.780  -14.019 -20.092 1.00 76.80  ? 31 ASP A N   1 
ATOM   204  C  CA  . ASP A 1 31 ? -6.296  -14.674 -21.312 1.00 77.18  ? 31 ASP A CA  1 
ATOM   205  C  C   . ASP A 1 31 ? -6.267  -16.202 -21.213 1.00 71.36  ? 31 ASP A C   1 
ATOM   206  O  O   . ASP A 1 31 ? -5.938  -16.881 -22.187 1.00 72.71  ? 31 ASP A O   1 
ATOM   207  C  CB  . ASP A 1 31 ? -4.900  -14.153 -21.684 1.00 74.60  ? 31 ASP A CB  1 
ATOM   208  C  CG  . ASP A 1 31 ? -4.887  -12.661 -21.991 1.00 80.79  ? 31 ASP A CG  1 
ATOM   209  O  OD1 . ASP A 1 31 ? -5.972  -12.064 -22.165 1.00 80.30  ? 31 ASP A OD1 1 
ATOM   210  O  OD2 . ASP A 1 31 ? -3.783  -12.084 -22.056 1.00 86.83  ? 31 ASP A OD2 1 
ATOM   211  N  N   . ASN A 1 32 ? -6.617  -16.733 -20.043 1.00 71.28  ? 32 ASN A N   1 
ATOM   212  C  CA  . ASN A 1 32 ? -6.600  -18.174 -19.805 1.00 77.59  ? 32 ASN A CA  1 
ATOM   213  C  C   . ASN A 1 32 ? -7.884  -18.702 -19.160 1.00 81.61  ? 32 ASN A C   1 
ATOM   214  O  O   . ASN A 1 32 ? -8.149  -18.451 -17.977 1.00 67.26  ? 32 ASN A O   1 
ATOM   215  C  CB  . ASN A 1 32 ? -5.373  -18.557 -18.970 1.00 75.01  ? 32 ASN A CB  1 
ATOM   216  C  CG  . ASN A 1 32 ? -4.069  -18.295 -19.699 1.00 75.32  ? 32 ASN A CG  1 
ATOM   217  O  OD1 . ASN A 1 32 ? -3.752  -18.957 -20.687 1.00 76.76  ? 32 ASN A OD1 1 
ATOM   218  N  ND2 . ASN A 1 32 ? -3.305  -17.322 -19.212 1.00 76.74  ? 32 ASN A ND2 1 
ATOM   219  N  N   . LEU A 1 33 ? -8.675  -19.427 -19.957 1.00 83.70  ? 33 LEU A N   1 
ATOM   220  C  CA  . LEU A 1 33 ? -9.909  -20.084 -19.503 1.00 79.32  ? 33 LEU A CA  1 
ATOM   221  C  C   . LEU A 1 33 ? -10.831 -19.134 -18.734 1.00 91.73  ? 33 LEU A C   1 
ATOM   222  O  O   . LEU A 1 33 ? -12.045 -19.132 -18.939 1.00 95.50  ? 33 LEU A O   1 
ATOM   223  C  CB  . LEU A 1 33 ? -9.580  -21.330 -18.663 1.00 86.39  ? 33 LEU A CB  1 
ATOM   224  C  CG  . LEU A 1 33 ? -10.686 -22.087 -17.917 1.00 88.89  ? 33 LEU A CG  1 
ATOM   225  C  CD1 . LEU A 1 33 ? -11.564 -22.887 -18.872 1.00 88.20  ? 33 LEU A CD1 1 
ATOM   226  C  CD2 . LEU A 1 33 ? -10.085 -22.991 -16.842 1.00 93.55  ? 33 LEU A CD2 1 
ATOM   227  N  N   . CYS A 1 38 ? -9.462  -18.391 -9.679  1.00 143.54 ? 38 CYS A N   1 
ATOM   228  C  CA  . CYS A 1 38 ? -9.598  -19.741 -9.148  1.00 147.61 ? 38 CYS A CA  1 
ATOM   229  C  C   . CYS A 1 38 ? -8.448  -20.100 -8.202  1.00 146.33 ? 38 CYS A C   1 
ATOM   230  O  O   . CYS A 1 38 ? -7.278  -19.978 -8.577  1.00 144.81 ? 38 CYS A O   1 
ATOM   231  C  CB  . CYS A 1 38 ? -9.683  -20.765 -10.286 1.00 148.52 ? 38 CYS A CB  1 
ATOM   232  S  SG  . CYS A 1 38 ? -11.198 -20.667 -11.263 1.00 157.95 ? 38 CYS A SG  1 
ATOM   233  N  N   . PRO A 1 39 ? -8.777  -20.527 -6.966  1.00 145.90 ? 39 PRO A N   1 
ATOM   234  C  CA  . PRO A 1 39 ? -10.137 -20.573 -6.421  1.00 142.55 ? 39 PRO A CA  1 
ATOM   235  C  C   . PRO A 1 39 ? -10.570 -19.201 -5.897  1.00 138.90 ? 39 PRO A C   1 
ATOM   236  O  O   . PRO A 1 39 ? -11.489 -18.591 -6.451  1.00 134.65 ? 39 PRO A O   1 
ATOM   237  C  CB  . PRO A 1 39 ? -10.031 -21.595 -5.275  1.00 144.09 ? 39 PRO A CB  1 
ATOM   238  C  CG  . PRO A 1 39 ? -8.578  -22.036 -5.227  1.00 144.48 ? 39 PRO A CG  1 
ATOM   239  C  CD  . PRO A 1 39 ? -7.790  -21.031 -5.996  1.00 144.02 ? 39 PRO A CD  1 
ATOM   240  N  N   . LEU A 1 40 ? -9.906  -18.730 -4.842  1.00 135.75 ? 40 LEU A N   1 
ATOM   241  C  CA  . LEU A 1 40 ? -10.084 -17.368 -4.352  1.00 126.60 ? 40 LEU A CA  1 
ATOM   242  C  C   . LEU A 1 40 ? -8.832  -16.548 -4.678  1.00 119.69 ? 40 LEU A C   1 
ATOM   243  O  O   . LEU A 1 40 ? -8.124  -16.073 -3.785  1.00 117.22 ? 40 LEU A O   1 
ATOM   244  C  CB  . LEU A 1 40 ? -10.393 -17.345 -2.843  1.00 130.40 ? 40 LEU A CB  1 
ATOM   245  C  CG  . LEU A 1 40 ? -11.658 -17.983 -2.235  1.00 127.27 ? 40 LEU A CG  1 
ATOM   246  C  CD1 . LEU A 1 40 ? -12.928 -17.739 -3.059  1.00 125.16 ? 40 LEU A CD1 1 
ATOM   247  C  CD2 . LEU A 1 40 ? -11.469 -19.475 -1.948  1.00 128.85 ? 40 LEU A CD2 1 
ATOM   248  N  N   . TYR A 1 41 ? -8.564  -16.408 -5.975  1.00 111.89 ? 41 TYR A N   1 
ATOM   249  C  CA  . TYR A 1 41 ? -7.475  -15.571 -6.474  1.00 94.73  ? 41 TYR A CA  1 
ATOM   250  C  C   . TYR A 1 41 ? -7.899  -14.107 -6.387  1.00 87.38  ? 41 TYR A C   1 
ATOM   251  O  O   . TYR A 1 41 ? -7.084  -13.198 -6.568  1.00 65.22  ? 41 TYR A O   1 
ATOM   252  C  CB  . TYR A 1 41 ? -7.160  -15.941 -7.923  1.00 106.39 ? 41 TYR A CB  1 
ATOM   253  C  CG  . TYR A 1 41 ? -5.692  -15.898 -8.283  1.00 112.12 ? 41 TYR A CG  1 
ATOM   254  C  CD1 . TYR A 1 41 ? -5.074  -14.699 -8.645  1.00 114.57 ? 41 TYR A CD1 1 
ATOM   255  C  CD2 . TYR A 1 41 ? -4.923  -17.062 -8.281  1.00 117.74 ? 41 TYR A CD2 1 
ATOM   256  C  CE1 . TYR A 1 41 ? -3.723  -14.661 -8.986  1.00 114.34 ? 41 TYR A CE1 1 
ATOM   257  C  CE2 . TYR A 1 41 ? -3.572  -17.036 -8.621  1.00 118.02 ? 41 TYR A CE2 1 
ATOM   258  C  CZ  . TYR A 1 41 ? -2.980  -15.832 -8.973  1.00 114.61 ? 41 TYR A CZ  1 
ATOM   259  O  OH  . TYR A 1 41 ? -1.646  -15.803 -9.309  1.00 115.16 ? 41 TYR A OH  1 
ATOM   260  N  N   . GLU A 1 42 ? -9.191  -13.906 -6.120  1.00 72.28  ? 42 GLU A N   1 
ATOM   261  C  CA  . GLU A 1 42 ? -9.788  -12.599 -5.870  1.00 74.01  ? 42 GLU A CA  1 
ATOM   262  C  C   . GLU A 1 42 ? -9.200  -11.956 -4.615  1.00 63.29  ? 42 GLU A C   1 
ATOM   263  O  O   . GLU A 1 42 ? -8.996  -10.741 -4.582  1.00 60.81  ? 42 GLU A O   1 
ATOM   264  C  CB  . GLU A 1 42 ? -11.310 -12.743 -5.720  1.00 80.54  ? 42 GLU A CB  1 
ATOM   265  C  CG  . GLU A 1 42 ? -12.086 -11.421 -5.654  1.00 89.98  ? 42 GLU A CG  1 
ATOM   266  C  CD  . GLU A 1 42 ? -13.529 -11.588 -5.184  1.00 91.00  ? 42 GLU A CD  1 
ATOM   267  O  OE1 . GLU A 1 42 ? -14.013 -12.738 -5.093  1.00 91.72  ? 42 GLU A OE1 1 
ATOM   268  O  OE2 . GLU A 1 42 ? -14.182 -10.558 -4.906  1.00 97.69  ? 42 GLU A OE2 1 
ATOM   269  N  N   . GLU A 1 43 ? -8.939  -12.775 -3.591  1.00 61.87  ? 43 GLU A N   1 
ATOM   270  C  CA  . GLU A 1 43 ? -8.315  -12.318 -2.343  1.00 61.26  ? 43 GLU A CA  1 
ATOM   271  C  C   . GLU A 1 43 ? -6.967  -11.672 -2.621  1.00 51.13  ? 43 GLU A C   1 
ATOM   272  O  O   . GLU A 1 43 ? -6.652  -10.620 -2.062  1.00 52.27  ? 43 GLU A O   1 
ATOM   273  C  CB  . GLU A 1 43 ? -8.128  -13.477 -1.351  1.00 62.57  ? 43 GLU A CB  1 
ATOM   274  C  CG  . GLU A 1 43 ? -7.396  -13.082 -0.056  1.00 74.25  ? 43 GLU A CG  1 
ATOM   275  C  CD  . GLU A 1 43 ? -6.865  -14.270 0.751   1.00 84.24  ? 43 GLU A CD  1 
ATOM   276  O  OE1 . GLU A 1 43 ? -7.153  -14.333 1.967   1.00 79.44  ? 43 GLU A OE1 1 
ATOM   277  O  OE2 . GLU A 1 43 ? -6.153  -15.131 0.182   1.00 80.67  ? 43 GLU A OE2 1 
ATOM   278  N  N   . VAL A 1 44 ? -6.186  -12.317 -3.487  1.00 50.16  ? 44 VAL A N   1 
ATOM   279  C  CA  . VAL A 1 44 ? -4.838  -11.876 -3.829  1.00 38.05  ? 44 VAL A CA  1 
ATOM   280  C  C   . VAL A 1 44 ? -4.859  -10.514 -4.517  1.00 44.45  ? 44 VAL A C   1 
ATOM   281  O  O   . VAL A 1 44 ? -4.115  -9.610  -4.142  1.00 38.61  ? 44 VAL A O   1 
ATOM   282  C  CB  . VAL A 1 44 ? -4.109  -12.919 -4.726  1.00 57.23  ? 44 VAL A CB  1 
ATOM   283  C  CG1 . VAL A 1 44 ? -2.759  -12.387 -5.201  1.00 57.51  ? 44 VAL A CG1 1 
ATOM   284  C  CG2 . VAL A 1 44 ? -3.929  -14.234 -3.981  1.00 62.80  ? 44 VAL A CG2 1 
ATOM   285  N  N   . LEU A 1 45 ? -5.729  -10.379 -5.511  1.00 41.59  ? 45 LEU A N   1 
ATOM   286  C  CA  . LEU A 1 45 ? -5.867  -9.146  -6.272  1.00 36.07  ? 45 LEU A CA  1 
ATOM   287  C  C   . LEU A 1 45 ? -6.392  -7.981  -5.439  1.00 26.07  ? 45 LEU A C   1 
ATOM   288  O  O   . LEU A 1 45 ? -5.963  -6.846  -5.630  1.00 42.73  ? 45 LEU A O   1 
ATOM   289  C  CB  . LEU A 1 45 ? -6.748  -9.376  -7.505  1.00 42.20  ? 45 LEU A CB  1 
ATOM   290  C  CG  . LEU A 1 45 ? -6.116  -10.258 -8.590  1.00 50.51  ? 45 LEU A CG  1 
ATOM   291  C  CD1 . LEU A 1 45 ? -7.161  -10.704 -9.589  1.00 45.75  ? 45 LEU A CD1 1 
ATOM   292  C  CD2 . LEU A 1 45 ? -4.971  -9.523  -9.282  1.00 45.23  ? 45 LEU A CD2 1 
ATOM   293  N  N   . ASP A 1 46 ? -7.319  -8.266  -4.527  1.00 40.67  ? 46 ASP A N   1 
ATOM   294  C  CA  . ASP A 1 46 ? -7.841  -7.259  -3.606  1.00 36.95  ? 46 ASP A CA  1 
ATOM   295  C  C   . ASP A 1 46 ? -6.741  -6.624  -2.747  1.00 32.77  ? 46 ASP A C   1 
ATOM   296  O  O   . ASP A 1 46 ? -6.724  -5.411  -2.540  1.00 41.74  ? 46 ASP A O   1 
ATOM   297  C  CB  . ASP A 1 46 ? -8.938  -7.860  -2.721  1.00 47.66  ? 46 ASP A CB  1 
ATOM   298  C  CG  . ASP A 1 46 ? -10.264 -8.021  -3.452  1.00 55.13  ? 46 ASP A CG  1 
ATOM   299  O  OD1 . ASP A 1 46 ? -10.388 -7.565  -4.613  1.00 67.07  ? 46 ASP A OD1 1 
ATOM   300  O  OD2 . ASP A 1 46 ? -11.191 -8.613  -2.861  1.00 66.27  ? 46 ASP A OD2 1 
ATOM   301  N  N   . THR A 1 47 ? -5.823  -7.454  -2.259  1.00 40.20  ? 47 THR A N   1 
ATOM   302  C  CA  . THR A 1 47 ? -4.659  -6.981  -1.511  1.00 37.49  ? 47 THR A CA  1 
ATOM   303  C  C   . THR A 1 47 ? -3.724  -6.131  -2.386  1.00 41.89  ? 47 THR A C   1 
ATOM   304  O  O   . THR A 1 47 ? -3.253  -5.077  -1.954  1.00 48.34  ? 47 THR A O   1 
ATOM   305  C  CB  . THR A 1 47 ? -3.917  -8.170  -0.870  1.00 40.26  ? 47 THR A CB  1 
ATOM   306  O  OG1 . THR A 1 47 ? -4.835  -8.885  -0.039  1.00 44.83  ? 47 THR A OG1 1 
ATOM   307  C  CG2 . THR A 1 47 ? -2.730  -7.709  -0.024  1.00 43.21  ? 47 THR A CG2 1 
ATOM   308  N  N   . GLN A 1 48 ? -3.484  -6.578  -3.619  1.00 48.06  ? 48 GLN A N   1 
ATOM   309  C  CA  . GLN A 1 48 ? -2.684  -5.817  -4.594  1.00 45.11  ? 48 GLN A CA  1 
ATOM   310  C  C   . GLN A 1 48 ? -3.312  -4.464  -4.935  1.00 33.16  ? 48 GLN A C   1 
ATOM   311  O  O   . GLN A 1 48 ? -2.619  -3.455  -5.020  1.00 39.38  ? 48 GLN A O   1 
ATOM   312  C  CB  . GLN A 1 48 ? -2.497  -6.625  -5.877  1.00 48.21  ? 48 GLN A CB  1 
ATOM   313  C  CG  . GLN A 1 48 ? -1.944  -8.017  -5.661  1.00 50.81  ? 48 GLN A CG  1 
ATOM   314  C  CD  . GLN A 1 48 ? -0.447  -8.033  -5.599  1.00 51.61  ? 48 GLN A CD  1 
ATOM   315  O  OE1 . GLN A 1 48 ? 0.143   -8.370  -4.573  1.00 52.76  ? 48 GLN A OE1 1 
ATOM   316  N  NE2 . GLN A 1 48 ? 0.185   -7.655  -6.698  1.00 43.72  ? 48 GLN A NE2 1 
HETATM 317  N  N   . MSE A 1 49 ? -4.628  -4.458  -5.139  1.00 35.18  ? 49 MSE A N   1 
HETATM 318  C  CA  . MSE A 1 49 ? -5.374  -3.233  -5.411  1.00 34.53  ? 49 MSE A CA  1 
HETATM 319  C  C   . MSE A 1 49 ? -5.316  -2.259  -4.222  1.00 38.86  ? 49 MSE A C   1 
HETATM 320  O  O   . MSE A 1 49 ? -5.180  -1.041  -4.406  1.00 35.99  ? 49 MSE A O   1 
HETATM 321  C  CB  . MSE A 1 49 ? -6.834  -3.563  -5.760  1.00 41.91  ? 49 MSE A CB  1 
HETATM 322  C  CG  . MSE A 1 49 ? -6.997  -4.303  -7.086  1.00 47.49  ? 49 MSE A CG  1 
HETATM 323  SE SE  . MSE A 1 49 ? -6.417  -3.203  -8.563  1.00 56.78  ? 49 MSE A SE  1 
HETATM 324  C  CE  . MSE A 1 49 ? -8.119  -2.401  -8.987  1.00 47.59  ? 49 MSE A CE  1 
ATOM   325  N  N   . PHE A 1 50 ? -5.416  -2.807  -3.013  1.00 33.43  ? 50 PHE A N   1 
ATOM   326  C  CA  . PHE A 1 50 ? -5.285  -2.017  -1.783  1.00 27.69  ? 50 PHE A CA  1 
ATOM   327  C  C   . PHE A 1 50 ? -3.909  -1.358  -1.689  1.00 34.16  ? 50 PHE A C   1 
ATOM   328  O  O   . PHE A 1 50 ? -3.813  -0.168  -1.384  1.00 36.83  ? 50 PHE A O   1 
ATOM   329  C  CB  . PHE A 1 50 ? -5.556  -2.901  -0.549  1.00 34.89  ? 50 PHE A CB  1 
ATOM   330  C  CG  . PHE A 1 50 ? -5.583  -2.143  0.752   1.00 38.97  ? 50 PHE A CG  1 
ATOM   331  C  CD1 . PHE A 1 50 ? -6.768  -1.572  1.217   1.00 43.53  ? 50 PHE A CD1 1 
ATOM   332  C  CD2 . PHE A 1 50 ? -4.421  -1.987  1.506   1.00 36.28  ? 50 PHE A CD2 1 
ATOM   333  C  CE1 . PHE A 1 50 ? -6.794  -0.862  2.420   1.00 42.65  ? 50 PHE A CE1 1 
ATOM   334  C  CE2 . PHE A 1 50 ? -4.433  -1.278  2.709   1.00 45.53  ? 50 PHE A CE2 1 
ATOM   335  C  CZ  . PHE A 1 50 ? -5.617  -0.719  3.169   1.00 41.24  ? 50 PHE A CZ  1 
ATOM   336  N  N   . GLY A 1 51 ? -2.850  -2.137  -1.951  1.00 30.31  ? 51 GLY A N   1 
ATOM   337  C  CA  . GLY A 1 51 ? -1.472  -1.636  -1.926  1.00 26.07  ? 51 GLY A CA  1 
ATOM   338  C  C   . GLY A 1 51 ? -1.224  -0.470  -2.874  1.00 37.34  ? 51 GLY A C   1 
ATOM   339  O  O   . GLY A 1 51 ? -0.570  0.509   -2.512  1.00 40.58  ? 51 GLY A O   1 
ATOM   340  N  N   . LEU A 1 52 ? -1.749  -0.578  -4.093  1.00 39.70  ? 52 LEU A N   1 
ATOM   341  C  CA  . LEU A 1 52 ? -1.606  0.471   -5.094  1.00 47.15  ? 52 LEU A CA  1 
ATOM   342  C  C   . LEU A 1 52 ? -2.458  1.698   -4.760  1.00 26.85  ? 52 LEU A C   1 
ATOM   343  O  O   . LEU A 1 52 ? -2.002  2.830   -4.920  1.00 39.38  ? 52 LEU A O   1 
ATOM   344  C  CB  . LEU A 1 52 ? -1.943  -0.061  -6.490  1.00 41.80  ? 52 LEU A CB  1 
ATOM   345  C  CG  . LEU A 1 52 ? -1.843  0.949   -7.634  1.00 46.75  ? 52 LEU A CG  1 
ATOM   346  C  CD1 . LEU A 1 52 ? -0.393  1.223   -7.998  1.00 40.42  ? 52 LEU A CD1 1 
ATOM   347  C  CD2 . LEU A 1 52 ? -2.603  0.447   -8.833  1.00 51.88  ? 52 LEU A CD2 1 
ATOM   348  N  N   . GLN A 1 53 ? -3.690  1.472   -4.303  1.00 38.28  ? 53 GLN A N   1 
ATOM   349  C  CA  . GLN A 1 53 ? -4.535  2.568   -3.798  1.00 38.53  ? 53 GLN A CA  1 
ATOM   350  C  C   . GLN A 1 53 ? -3.807  3.400   -2.735  1.00 34.03  ? 53 GLN A C   1 
ATOM   351  O  O   . GLN A 1 53 ? -3.859  4.631   -2.764  1.00 44.06  ? 53 GLN A O   1 
ATOM   352  C  CB  . GLN A 1 53 ? -5.868  2.042   -3.249  1.00 36.15  ? 53 GLN A CB  1 
ATOM   353  C  CG  . GLN A 1 53 ? -6.834  3.144   -2.773  1.00 41.89  ? 53 GLN A CG  1 
ATOM   354  C  CD  . GLN A 1 53 ? -7.410  3.965   -3.921  1.00 50.74  ? 53 GLN A CD  1 
ATOM   355  O  OE1 . GLN A 1 53 ? -8.231  3.473   -4.692  1.00 58.44  ? 53 GLN A OE1 1 
ATOM   356  N  NE2 . GLN A 1 53 ? -6.985  5.222   -4.033  1.00 45.37  ? 53 GLN A NE2 1 
ATOM   357  N  N   . LYS A 1 54 ? -3.114  2.733   -1.816  1.00 48.27  ? 54 LYS A N   1 
ATOM   358  C  CA  . LYS A 1 54 ? -2.328  3.431   -0.787  1.00 42.67  ? 54 LYS A CA  1 
ATOM   359  C  C   . LYS A 1 54 ? -1.142  4.226   -1.360  1.00 43.97  ? 54 LYS A C   1 
ATOM   360  O  O   . LYS A 1 54 ? -0.840  5.316   -0.879  1.00 40.51  ? 54 LYS A O   1 
ATOM   361  C  CB  . LYS A 1 54 ? -1.858  2.463   0.312   1.00 42.31  ? 54 LYS A CB  1 
ATOM   362  C  CG  . LYS A 1 54 ? -2.986  1.809   1.146   1.00 43.64  ? 54 LYS A CG  1 
ATOM   363  C  CD  . LYS A 1 54 ? -3.453  2.668   2.325   1.00 41.23  ? 54 LYS A CD  1 
ATOM   364  C  CE  . LYS A 1 54 ? -4.707  3.462   2.001   1.00 61.03  ? 54 LYS A CE  1 
ATOM   365  N  NZ  . LYS A 1 54 ? -5.908  2.594   1.855   1.00 65.81  ? 54 LYS A NZ  1 
ATOM   366  N  N   . GLU A 1 55 ? -0.466  3.679   -2.371  1.00 39.25  ? 55 GLU A N   1 
ATOM   367  C  CA  . GLU A 1 55 ? 0.568   4.424   -3.105  1.00 40.50  ? 55 GLU A CA  1 
ATOM   368  C  C   . GLU A 1 55 ? -0.028  5.661   -3.786  1.00 36.52  ? 55 GLU A C   1 
ATOM   369  O  O   . GLU A 1 55 ? 0.554   6.747   -3.750  1.00 42.49  ? 55 GLU A O   1 
ATOM   370  C  CB  . GLU A 1 55 ? 1.202   3.552   -4.187  1.00 36.41  ? 55 GLU A CB  1 
ATOM   371  C  CG  . GLU A 1 55 ? 2.165   2.482   -3.724  1.00 50.42  ? 55 GLU A CG  1 
ATOM   372  C  CD  . GLU A 1 55 ? 2.737   1.700   -4.903  1.00 38.09  ? 55 GLU A CD  1 
ATOM   373  O  OE1 . GLU A 1 55 ? 3.182   2.338   -5.874  1.00 52.44  ? 55 GLU A OE1 1 
ATOM   374  O  OE2 . GLU A 1 55 ? 2.734   0.455   -4.862  1.00 52.58  ? 55 GLU A OE2 1 
ATOM   375  N  N   . VAL A 1 56 ? -1.180  5.461   -4.425  1.00 39.43  ? 56 VAL A N   1 
ATOM   376  C  CA  . VAL A 1 56 ? -1.922  6.516   -5.115  1.00 46.81  ? 56 VAL A CA  1 
ATOM   377  C  C   . VAL A 1 56 ? -2.337  7.624   -4.145  1.00 37.99  ? 56 VAL A C   1 
ATOM   378  O  O   . VAL A 1 56 ? -2.013  8.792   -4.373  1.00 48.93  ? 56 VAL A O   1 
ATOM   379  C  CB  . VAL A 1 56 ? -3.157  5.943   -5.885  1.00 39.83  ? 56 VAL A CB  1 
ATOM   380  C  CG1 . VAL A 1 56 ? -4.128  7.048   -6.274  1.00 42.19  ? 56 VAL A CG1 1 
ATOM   381  C  CG2 . VAL A 1 56 ? -2.699  5.180   -7.124  1.00 46.36  ? 56 VAL A CG2 1 
ATOM   382  N  N   . ASP A 1 57 ? -3.032  7.257   -3.070  1.00 40.81  ? 57 ASP A N   1 
ATOM   383  C  CA  . ASP A 1 57 ? -3.441  8.233   -2.042  1.00 41.39  ? 57 ASP A CA  1 
ATOM   384  C  C   . ASP A 1 57 ? -2.240  8.996   -1.498  1.00 36.96  ? 57 ASP A C   1 
ATOM   385  O  O   . ASP A 1 57 ? -2.290  10.219  -1.358  1.00 42.32  ? 57 ASP A O   1 
ATOM   386  C  CB  . ASP A 1 57 ? -4.184  7.557   -0.883  1.00 41.12  ? 57 ASP A CB  1 
ATOM   387  C  CG  . ASP A 1 57 ? -5.508  6.947   -1.302  1.00 55.99  ? 57 ASP A CG  1 
ATOM   388  O  OD1 . ASP A 1 57 ? -6.038  7.318   -2.372  1.00 63.40  ? 57 ASP A OD1 1 
ATOM   389  O  OD2 . ASP A 1 57 ? -6.022  6.090   -0.547  1.00 51.57  ? 57 ASP A OD2 1 
ATOM   390  N  N   . PHE A 1 58 ? -1.166  8.263   -1.196  1.00 42.57  ? 58 PHE A N   1 
ATOM   391  C  CA  . PHE A 1 58 ? 0.088   8.839   -0.686  1.00 32.35  ? 58 PHE A CA  1 
ATOM   392  C  C   . PHE A 1 58 ? 0.651   9.906   -1.633  1.00 40.48  ? 58 PHE A C   1 
ATOM   393  O  O   . PHE A 1 58 ? 1.081   10.974  -1.190  1.00 44.50  ? 58 PHE A O   1 
ATOM   394  C  CB  . PHE A 1 58 ? 1.112   7.716   -0.456  1.00 35.99  ? 58 PHE A CB  1 
ATOM   395  C  CG  . PHE A 1 58 ? 2.471   8.190   0.004   1.00 44.34  ? 58 PHE A CG  1 
ATOM   396  C  CD1 . PHE A 1 58 ? 2.667   8.636   1.311   1.00 42.88  ? 58 PHE A CD1 1 
ATOM   397  C  CD2 . PHE A 1 58 ? 3.563   8.148   -0.859  1.00 49.11  ? 58 PHE A CD2 1 
ATOM   398  C  CE1 . PHE A 1 58 ? 3.928   9.066   1.740   1.00 46.34  ? 58 PHE A CE1 1 
ATOM   399  C  CE2 . PHE A 1 58 ? 4.830   8.573   -0.440  1.00 48.40  ? 58 PHE A CE2 1 
ATOM   400  C  CZ  . PHE A 1 58 ? 5.010   9.033   0.867   1.00 48.28  ? 58 PHE A CZ  1 
ATOM   401  N  N   . ALA A 1 59 ? 0.637   9.608   -2.932  1.00 46.34  ? 59 ALA A N   1 
ATOM   402  C  CA  . ALA A 1 59 ? 1.120   10.530  -3.967  1.00 40.00  ? 59 ALA A CA  1 
ATOM   403  C  C   . ALA A 1 59 ? 0.170   11.706  -4.177  1.00 39.74  ? 59 ALA A C   1 
ATOM   404  O  O   . ALA A 1 59 ? 0.610   12.838  -4.396  1.00 40.79  ? 59 ALA A O   1 
ATOM   405  C  CB  . ALA A 1 59 ? 1.353   9.784   -5.279  1.00 46.26  ? 59 ALA A CB  1 
ATOM   406  N  N   . VAL A 1 60 ? -1.132  11.439  -4.114  1.00 52.17  ? 60 VAL A N   1 
ATOM   407  C  CA  . VAL A 1 60 ? -2.141  12.487  -4.247  1.00 45.95  ? 60 VAL A CA  1 
ATOM   408  C  C   . VAL A 1 60 ? -2.060  13.490  -3.086  1.00 55.07  ? 60 VAL A C   1 
ATOM   409  O  O   . VAL A 1 60 ? -2.107  14.702  -3.312  1.00 60.31  ? 60 VAL A O   1 
ATOM   410  C  CB  . VAL A 1 60 ? -3.570  11.901  -4.413  1.00 51.38  ? 60 VAL A CB  1 
ATOM   411  C  CG1 . VAL A 1 60 ? -4.630  12.980  -4.233  1.00 51.41  ? 60 VAL A CG1 1 
ATOM   412  C  CG2 . VAL A 1 60 ? -3.723  11.258  -5.791  1.00 38.42  ? 60 VAL A CG2 1 
ATOM   413  N  N   . LYS A 1 61 ? -1.911  12.982  -1.860  1.00 48.41  ? 61 LYS A N   1 
ATOM   414  C  CA  . LYS A 1 61 ? -1.764  13.827  -0.671  1.00 54.49  ? 61 LYS A CA  1 
ATOM   415  C  C   . LYS A 1 61 ? -0.589  14.798  -0.776  1.00 64.43  ? 61 LYS A C   1 
ATOM   416  O  O   . LYS A 1 61 ? -0.706  15.968  -0.408  1.00 61.54  ? 61 LYS A O   1 
ATOM   417  C  CB  . LYS A 1 61 ? -1.605  12.985  0.599   1.00 58.34  ? 61 LYS A CB  1 
ATOM   418  C  CG  . LYS A 1 61 ? -2.825  12.979  1.509   1.00 66.37  ? 61 LYS A CG  1 
ATOM   419  C  CD  . LYS A 1 61 ? -3.441  11.591  1.647   1.00 67.52  ? 61 LYS A CD  1 
ATOM   420  C  CE  . LYS A 1 61 ? -2.759  10.794  2.753   1.00 68.18  ? 61 LYS A CE  1 
ATOM   421  N  NZ  . LYS A 1 61 ? -3.596  9.659   3.223   1.00 75.23  ? 61 LYS A NZ  1 
ATOM   422  N  N   . LEU A 1 62 ? 0.538   14.305  -1.281  1.00 58.69  ? 62 LEU A N   1 
ATOM   423  C  CA  . LEU A 1 62 ? 1.754   15.100  -1.350  1.00 59.08  ? 62 LEU A CA  1 
ATOM   424  C  C   . LEU A 1 62 ? 1.769   16.013  -2.568  1.00 48.01  ? 62 LEU A C   1 
ATOM   425  O  O   . LEU A 1 62 ? 2.744   16.730  -2.795  1.00 51.11  ? 62 LEU A O   1 
ATOM   426  C  CB  . LEU A 1 62 ? 2.990   14.198  -1.362  1.00 45.69  ? 62 LEU A CB  1 
ATOM   427  C  CG  . LEU A 1 62 ? 3.336   13.365  -0.128  1.00 60.55  ? 62 LEU A CG  1 
ATOM   428  C  CD1 . LEU A 1 62 ? 4.493   12.444  -0.476  1.00 53.24  ? 62 LEU A CD1 1 
ATOM   429  C  CD2 . LEU A 1 62 ? 3.680   14.244  1.080   1.00 54.98  ? 62 LEU A CD2 1 
ATOM   430  N  N   . GLY A 1 63 ? 0.691   15.984  -3.346  1.00 49.60  ? 63 GLY A N   1 
ATOM   431  C  CA  . GLY A 1 63 ? 0.594   16.765  -4.573  1.00 52.37  ? 63 GLY A CA  1 
ATOM   432  C  C   . GLY A 1 63 ? 1.623   16.365  -5.617  1.00 62.78  ? 63 GLY A C   1 
ATOM   433  O  O   . GLY A 1 63 ? 1.961   17.162  -6.495  1.00 66.29  ? 63 GLY A O   1 
ATOM   434  N  N   . LEU A 1 64 ? 2.130   15.136  -5.506  1.00 60.75  ? 64 LEU A N   1 
ATOM   435  C  CA  . LEU A 1 64 ? 3.072   14.574  -6.476  1.00 59.65  ? 64 LEU A CA  1 
ATOM   436  C  C   . LEU A 1 64 ? 2.332   14.145  -7.727  1.00 55.35  ? 64 LEU A C   1 
ATOM   437  O  O   . LEU A 1 64 ? 2.889   14.138  -8.820  1.00 73.63  ? 64 LEU A O   1 
ATOM   438  C  CB  . LEU A 1 64 ? 3.792   13.355  -5.898  1.00 56.02  ? 64 LEU A CB  1 
ATOM   439  C  CG  . LEU A 1 64 ? 4.818   13.509  -4.779  1.00 59.08  ? 64 LEU A CG  1 
ATOM   440  C  CD1 . LEU A 1 64 ? 5.255   12.134  -4.313  1.00 56.93  ? 64 LEU A CD1 1 
ATOM   441  C  CD2 . LEU A 1 64 ? 6.012   14.337  -5.228  1.00 59.31  ? 64 LEU A CD2 1 
ATOM   442  N  N   . VAL A 1 65 ? 1.072   13.767  -7.545  1.00 61.05  ? 65 VAL A N   1 
ATOM   443  C  CA  . VAL A 1 65 ? 0.213   13.321  -8.628  1.00 50.80  ? 65 VAL A CA  1 
ATOM   444  C  C   . VAL A 1 65 ? -1.143  14.007  -8.458  1.00 54.31  ? 65 VAL A C   1 
ATOM   445  O  O   . VAL A 1 65 ? -1.586  14.244  -7.337  1.00 53.73  ? 65 VAL A O   1 
ATOM   446  C  CB  . VAL A 1 65 ? 0.087   11.763  -8.635  1.00 54.50  ? 65 VAL A CB  1 
ATOM   447  C  CG1 . VAL A 1 65 ? -0.983  11.283  -9.592  1.00 57.35  ? 65 VAL A CG1 1 
ATOM   448  C  CG2 . VAL A 1 65 ? 1.421   11.116  -9.003  1.00 52.80  ? 65 VAL A CG2 1 
ATOM   449  N  N   . ASP A 1 66 ? -1.781  14.355  -9.573  1.00 66.18  ? 66 ASP A N   1 
ATOM   450  C  CA  . ASP A 1 66 ? -3.127  14.920  -9.541  1.00 69.01  ? 66 ASP A CA  1 
ATOM   451  C  C   . ASP A 1 66 ? -4.152  13.880  -9.101  1.00 67.19  ? 66 ASP A C   1 
ATOM   452  O  O   . ASP A 1 66 ? -3.991  12.688  -9.354  1.00 71.61  ? 66 ASP A O   1 
ATOM   453  C  CB  . ASP A 1 66 ? -3.510  15.487  -10.910 1.00 82.14  ? 66 ASP A CB  1 
ATOM   454  C  CG  . ASP A 1 66 ? -3.096  16.937  -11.082 1.00 88.64  ? 66 ASP A CG  1 
ATOM   455  O  OD1 . ASP A 1 66 ? -2.025  17.333  -10.570 1.00 96.01  ? 66 ASP A OD1 1 
ATOM   456  O  OD2 . ASP A 1 66 ? -3.850  17.685  -11.740 1.00 101.93 ? 66 ASP A OD2 1 
ATOM   457  N  N   . ARG A 1 67 ? -5.209  14.351  -8.448  1.00 68.40  ? 67 ARG A N   1 
ATOM   458  C  CA  . ARG A 1 67 ? -6.291  13.495  -7.973  1.00 69.71  ? 67 ARG A CA  1 
ATOM   459  C  C   . ARG A 1 67 ? -6.924  12.682  -9.106  1.00 64.50  ? 67 ARG A C   1 
ATOM   460  O  O   . ARG A 1 67 ? -7.293  11.521  -8.914  1.00 67.40  ? 67 ARG A O   1 
ATOM   461  C  CB  . ARG A 1 67 ? -7.360  14.351  -7.294  1.00 75.47  ? 67 ARG A CB  1 
ATOM   462  C  CG  . ARG A 1 67 ? -8.199  13.629  -6.253  1.00 74.17  ? 67 ARG A CG  1 
ATOM   463  C  CD  . ARG A 1 67 ? -9.640  14.138  -6.227  1.00 84.73  ? 67 ARG A CD  1 
ATOM   464  N  NE  . ARG A 1 67 ? -9.765  15.573  -6.503  1.00 92.15  ? 67 ARG A NE  1 
ATOM   465  C  CZ  . ARG A 1 67 ? -10.283 16.087  -7.619  1.00 97.98  ? 67 ARG A CZ  1 
ATOM   466  N  NH1 . ARG A 1 67 ? -10.352 17.404  -7.773  1.00 94.24  ? 67 ARG A NH1 1 
ATOM   467  N  NH2 . ARG A 1 67 ? -10.733 15.292  -8.583  1.00 93.31  ? 67 ARG A NH2 1 
ATOM   468  N  N   . GLU A 1 68 ? -7.044  13.298  -10.280 1.00 63.86  ? 68 GLU A N   1 
ATOM   469  C  CA  . GLU A 1 68 ? -7.701  12.671  -11.425 1.00 58.62  ? 68 GLU A CA  1 
ATOM   470  C  C   . GLU A 1 68 ? -6.802  11.635  -12.101 1.00 57.10  ? 68 GLU A C   1 
ATOM   471  O  O   . GLU A 1 68 ? -7.296  10.623  -12.603 1.00 53.76  ? 68 GLU A O   1 
ATOM   472  C  CB  . GLU A 1 68 ? -8.172  13.732  -12.429 1.00 72.38  ? 68 GLU A CB  1 
ATOM   473  C  CG  . GLU A 1 68 ? -9.288  13.266  -13.379 1.00 79.40  ? 68 GLU A CG  1 
ATOM   474  C  CD  . GLU A 1 68 ? -10.577 12.867  -12.660 1.00 91.74  ? 68 GLU A CD  1 
ATOM   475  O  OE1 . GLU A 1 68 ? -11.174 11.836  -13.041 1.00 92.56  ? 68 GLU A OE1 1 
ATOM   476  O  OE2 . GLU A 1 68 ? -10.995 13.579  -11.717 1.00 91.17  ? 68 GLU A OE2 1 
ATOM   477  N  N   . ASP A 1 69 ? -5.493  11.889  -12.111 1.00 56.70  ? 69 ASP A N   1 
ATOM   478  C  CA  . ASP A 1 69 ? -4.512  10.921  -12.615 1.00 62.52  ? 69 ASP A CA  1 
ATOM   479  C  C   . ASP A 1 69 ? -4.549  9.648   -11.778 1.00 60.50  ? 69 ASP A C   1 
ATOM   480  O  O   . ASP A 1 69 ? -4.580  8.541   -12.321 1.00 68.37  ? 69 ASP A O   1 
ATOM   481  C  CB  . ASP A 1 69 ? -3.095  11.503  -12.600 1.00 59.34  ? 69 ASP A CB  1 
ATOM   482  C  CG  . ASP A 1 69 ? -2.876  12.550  -13.677 1.00 73.55  ? 69 ASP A CG  1 
ATOM   483  O  OD1 . ASP A 1 69 ? -1.909  13.329  -13.540 1.00 70.09  ? 69 ASP A OD1 1 
ATOM   484  O  OD2 . ASP A 1 69 ? -3.658  12.595  -14.656 1.00 65.63  ? 69 ASP A OD2 1 
ATOM   485  N  N   . GLY A 1 70 ? -4.556  9.824   -10.455 1.00 57.52  ? 70 GLY A N   1 
ATOM   486  C  CA  . GLY A 1 70 ? -4.683  8.722   -9.508  1.00 43.67  ? 70 GLY A CA  1 
ATOM   487  C  C   . GLY A 1 70 ? -5.965  7.941   -9.721  1.00 47.93  ? 70 GLY A C   1 
ATOM   488  O  O   . GLY A 1 70 ? -5.957  6.709   -9.692  1.00 50.01  ? 70 GLY A O   1 
ATOM   489  N  N   . LYS A 1 71 ? -7.063  8.667   -9.941  1.00 59.85  ? 71 LYS A N   1 
ATOM   490  C  CA  . LYS A 1 71 ? -8.371  8.068   -10.229 1.00 58.94  ? 71 LYS A CA  1 
ATOM   491  C  C   . LYS A 1 71 ? -8.392  7.290   -11.546 1.00 47.67  ? 71 LYS A C   1 
ATOM   492  O  O   . LYS A 1 71 ? -9.043  6.252   -11.641 1.00 53.02  ? 71 LYS A O   1 
ATOM   493  C  CB  . LYS A 1 71 ? -9.473  9.135   -10.241 1.00 69.53  ? 71 LYS A CB  1 
ATOM   494  C  CG  . LYS A 1 71 ? -9.866  9.656   -8.870  1.00 82.47  ? 71 LYS A CG  1 
ATOM   495  C  CD  . LYS A 1 71 ? -11.166 10.449  -8.935  1.00 90.07  ? 71 LYS A CD  1 
ATOM   496  C  CE  . LYS A 1 71 ? -11.392 11.264  -7.666  1.00 94.08  ? 71 LYS A CE  1 
ATOM   497  N  NZ  . LYS A 1 71 ? -11.427 10.436  -6.425  1.00 92.38  ? 71 LYS A NZ  1 
ATOM   498  N  N   . GLN A 1 72 ? -7.690  7.807   -12.554 1.00 53.11  ? 72 GLN A N   1 
ATOM   499  C  CA  . GLN A 1 72 ? -7.575  7.145   -13.855 1.00 63.17  ? 72 GLN A CA  1 
ATOM   500  C  C   . GLN A 1 72 ? -6.740  5.861   -13.786 1.00 59.45  ? 72 GLN A C   1 
ATOM   501  O  O   . GLN A 1 72 ? -7.088  4.858   -14.419 1.00 57.95  ? 72 GLN A O   1 
ATOM   502  C  CB  . GLN A 1 72 ? -7.007  8.101   -14.919 1.00 70.82  ? 72 GLN A CB  1 
ATOM   503  C  CG  . GLN A 1 72 ? -7.998  9.156   -15.446 1.00 63.97  ? 72 GLN A CG  1 
ATOM   504  C  CD  . GLN A 1 72 ? -9.242  8.555   -16.093 1.00 80.70  ? 72 GLN A CD  1 
ATOM   505  O  OE1 . GLN A 1 72 ? -10.367 8.956   -15.786 1.00 82.85  ? 72 GLN A OE1 1 
ATOM   506  N  NE2 . GLN A 1 72 ? -9.044  7.590   -16.990 1.00 86.09  ? 72 GLN A NE2 1 
ATOM   507  N  N   . ILE A 1 73 ? -5.646  5.900   -13.021 1.00 50.87  ? 73 ILE A N   1 
ATOM   508  C  CA  . ILE A 1 73 ? -4.831  4.704   -12.738 1.00 50.81  ? 73 ILE A CA  1 
ATOM   509  C  C   . ILE A 1 73 ? -5.679  3.593   -12.110 1.00 50.05  ? 73 ILE A C   1 
ATOM   510  O  O   . ILE A 1 73 ? -5.637  2.446   -12.558 1.00 55.26  ? 73 ILE A O   1 
ATOM   511  C  CB  . ILE A 1 73 ? -3.609  5.035   -11.828 1.00 50.73  ? 73 ILE A CB  1 
ATOM   512  C  CG1 . ILE A 1 73 ? -2.577  5.871   -12.594 1.00 43.83  ? 73 ILE A CG1 1 
ATOM   513  C  CG2 . ILE A 1 73 ? -2.952  3.764   -11.293 1.00 50.30  ? 73 ILE A CG2 1 
ATOM   514  C  CD1 . ILE A 1 73 ? -1.707  6.756   -11.705 1.00 62.85  ? 73 ILE A CD1 1 
HETATM 515  N  N   . MSE A 1 74 ? -6.462  3.942   -11.091 1.00 51.37  ? 74 MSE A N   1 
HETATM 516  C  CA  . MSE A 1 74 ? -7.285  2.954   -10.385 1.00 61.70  ? 74 MSE A CA  1 
HETATM 517  C  C   . MSE A 1 74 ? -8.418  2.415   -11.256 1.00 57.72  ? 74 MSE A C   1 
HETATM 518  O  O   . MSE A 1 74 ? -8.692  1.215   -11.248 1.00 61.00  ? 74 MSE A O   1 
HETATM 519  C  CB  . MSE A 1 74 ? -7.850  3.527   -9.077  1.00 50.47  ? 74 MSE A CB  1 
HETATM 520  C  CG  . MSE A 1 74 ? -6.817  3.779   -7.972  1.00 50.79  ? 74 MSE A CG  1 
HETATM 521  SE SE  . MSE A 1 74 ? -5.516  2.330   -7.587  1.00 52.18  ? 74 MSE A SE  1 
HETATM 522  C  CE  . MSE A 1 74 ? -6.655  0.901   -7.089  1.00 25.53  ? 74 MSE A CE  1 
ATOM   523  N  N   . LEU A 1 75 ? -9.061  3.310   -12.003 1.00 72.49  ? 75 LEU A N   1 
ATOM   524  C  CA  . LEU A 1 75 ? -10.195 2.966   -12.867 1.00 70.67  ? 75 LEU A CA  1 
ATOM   525  C  C   . LEU A 1 75 ? -9.799  1.962   -13.951 1.00 66.25  ? 75 LEU A C   1 
ATOM   526  O  O   . LEU A 1 75 ? -10.534 1.010   -14.214 1.00 68.23  ? 75 LEU A O   1 
ATOM   527  C  CB  . LEU A 1 75 ? -10.771 4.228   -13.517 1.00 81.19  ? 75 LEU A CB  1 
ATOM   528  C  CG  . LEU A 1 75 ? -12.288 4.467   -13.497 1.00 85.88  ? 75 LEU A CG  1 
ATOM   529  C  CD1 . LEU A 1 75 ? -12.614 5.766   -14.221 1.00 91.78  ? 75 LEU A CD1 1 
ATOM   530  C  CD2 . LEU A 1 75 ? -13.084 3.302   -14.091 1.00 93.06  ? 75 LEU A CD2 1 
ATOM   531  N  N   . ARG A 1 76 ? -8.634  2.182   -14.560 1.00 66.41  ? 76 ARG A N   1 
ATOM   532  C  CA  . ARG A 1 76 ? -8.099  1.322   -15.619 1.00 67.09  ? 76 ARG A CA  1 
ATOM   533  C  C   . ARG A 1 76 ? -7.981  -0.144  -15.186 1.00 65.64  ? 76 ARG A C   1 
ATOM   534  O  O   . ARG A 1 76 ? -8.284  -1.049  -15.963 1.00 69.80  ? 76 ARG A O   1 
ATOM   535  C  CB  . ARG A 1 76 ? -6.740  1.858   -16.090 1.00 73.67  ? 76 ARG A CB  1 
ATOM   536  C  CG  . ARG A 1 76 ? -6.398  1.540   -17.543 1.00 84.82  ? 76 ARG A CG  1 
ATOM   537  C  CD  . ARG A 1 76 ? -5.375  0.416   -17.682 1.00 79.94  ? 76 ARG A CD  1 
ATOM   538  N  NE  . ARG A 1 76 ? -3.996  0.905   -17.604 1.00 81.95  ? 76 ARG A NE  1 
ATOM   539  C  CZ  . ARG A 1 76 ? -3.115  0.558   -16.665 1.00 89.96  ? 76 ARG A CZ  1 
ATOM   540  N  NH1 . ARG A 1 76 ? -3.444  -0.296  -15.704 1.00 89.49  ? 76 ARG A NH1 1 
ATOM   541  N  NH2 . ARG A 1 76 ? -1.888  1.062   -16.691 1.00 84.11  ? 76 ARG A NH2 1 
ATOM   542  N  N   . LEU A 1 77 ? -7.548  -0.366  -13.944 1.00 62.07  ? 77 LEU A N   1 
ATOM   543  C  CA  . LEU A 1 77 ? -7.412  -1.716  -13.386 1.00 42.37  ? 77 LEU A CA  1 
ATOM   544  C  C   . LEU A 1 77 ? -8.745  -2.291  -12.941 1.00 34.26  ? 77 LEU A C   1 
ATOM   545  O  O   . LEU A 1 77 ? -9.007  -3.482  -13.130 1.00 41.98  ? 77 LEU A O   1 
ATOM   546  C  CB  . LEU A 1 77 ? -6.451  -1.705  -12.193 1.00 55.63  ? 77 LEU A CB  1 
ATOM   547  C  CG  . LEU A 1 77 ? -4.969  -1.435  -12.432 1.00 60.84  ? 77 LEU A CG  1 
ATOM   548  C  CD1 . LEU A 1 77 ? -4.271  -1.273  -11.113 1.00 64.78  ? 77 LEU A CD1 1 
ATOM   549  C  CD2 . LEU A 1 77 ? -4.361  -2.571  -13.194 1.00 60.44  ? 77 LEU A CD2 1 
ATOM   550  N  N   . GLU A 1 78 ? -9.572  -1.447  -12.322 1.00 50.07  ? 78 GLU A N   1 
ATOM   551  C  CA  . GLU A 1 78 ? -10.901 -1.836  -11.826 1.00 49.42  ? 78 GLU A CA  1 
ATOM   552  C  C   . GLU A 1 78 ? -11.845 -2.268  -12.945 1.00 48.77  ? 78 GLU A C   1 
ATOM   553  O  O   . GLU A 1 78 ? -12.675 -3.161  -12.757 1.00 49.34  ? 78 GLU A O   1 
ATOM   554  C  CB  . GLU A 1 78 ? -11.527 -0.689  -11.026 1.00 56.12  ? 78 GLU A CB  1 
ATOM   555  C  CG  . GLU A 1 78 ? -11.123 -0.666  -9.552  1.00 74.68  ? 78 GLU A CG  1 
ATOM   556  C  CD  . GLU A 1 78 ? -11.110 0.734   -8.948  1.00 86.81  ? 78 GLU A CD  1 
ATOM   557  O  OE1 . GLU A 1 78 ? -11.879 1.608   -9.407  1.00 82.06  ? 78 GLU A OE1 1 
ATOM   558  O  OE2 . GLU A 1 78 ? -10.323 0.957   -8.002  1.00 91.88  ? 78 GLU A OE2 1 
ATOM   559  N  N   . LYS A 1 79 ? -11.712 -1.614  -14.097 1.00 54.10  ? 79 LYS A N   1 
ATOM   560  C  CA  . LYS A 1 79 ? -12.428 -1.982  -15.316 1.00 61.76  ? 79 LYS A CA  1 
ATOM   561  C  C   . LYS A 1 79 ? -12.045 -3.398  -15.737 1.00 56.44  ? 79 LYS A C   1 
ATOM   562  O  O   . LYS A 1 79 ? -12.906 -4.220  -16.053 1.00 53.81  ? 79 LYS A O   1 
ATOM   563  C  CB  . LYS A 1 79 ? -12.110 -0.969  -16.430 1.00 66.39  ? 79 LYS A CB  1 
ATOM   564  C  CG  . LYS A 1 79 ? -12.272 -1.467  -17.869 1.00 80.26  ? 79 LYS A CG  1 
ATOM   565  C  CD  . LYS A 1 79 ? -13.721 -1.480  -18.326 1.00 85.47  ? 79 LYS A CD  1 
ATOM   566  C  CE  . LYS A 1 79 ? -13.809 -1.722  -19.824 1.00 92.57  ? 79 LYS A CE  1 
ATOM   567  N  NZ  . LYS A 1 79 ? -15.214 -1.687  -20.312 1.00 96.36  ? 79 LYS A NZ  1 
ATOM   568  N  N   . GLU A 1 80 ? -10.744 -3.674  -15.713 1.00 58.86  ? 80 GLU A N   1 
ATOM   569  C  CA  . GLU A 1 80 ? -10.219 -4.963  -16.124 1.00 49.23  ? 80 GLU A CA  1 
ATOM   570  C  C   . GLU A 1 80 ? -10.562 -6.028  -15.096 1.00 47.07  ? 80 GLU A C   1 
ATOM   571  O  O   . GLU A 1 80 ? -10.831 -7.181  -15.449 1.00 48.73  ? 80 GLU A O   1 
ATOM   572  C  CB  . GLU A 1 80 ? -8.707  -4.872  -16.335 1.00 57.55  ? 80 GLU A CB  1 
ATOM   573  C  CG  . GLU A 1 80 ? -8.237  -5.460  -17.653 1.00 70.84  ? 80 GLU A CG  1 
ATOM   574  C  CD  . GLU A 1 80 ? -8.901  -4.803  -18.858 1.00 81.38  ? 80 GLU A CD  1 
ATOM   575  O  OE1 . GLU A 1 80 ? -8.882  -3.554  -18.955 1.00 77.98  ? 80 GLU A OE1 1 
ATOM   576  O  OE2 . GLU A 1 80 ? -9.441  -5.541  -19.710 1.00 85.90  ? 80 GLU A OE2 1 
ATOM   577  N  N   . LEU A 1 81 ? -10.567 -5.630  -13.824 1.00 54.07  ? 81 LEU A N   1 
ATOM   578  C  CA  . LEU A 1 81 ? -10.851 -6.540  -12.713 1.00 55.23  ? 81 LEU A CA  1 
ATOM   579  C  C   . LEU A 1 81 ? -12.304 -7.012  -12.731 1.00 58.83  ? 81 LEU A C   1 
ATOM   580  O  O   . LEU A 1 81 ? -12.609 -8.110  -12.260 1.00 55.50  ? 81 LEU A O   1 
ATOM   581  C  CB  . LEU A 1 81 ? -10.550 -5.856  -11.376 1.00 57.12  ? 81 LEU A CB  1 
ATOM   582  C  CG  . LEU A 1 81 ? -9.729  -6.560  -10.286 1.00 60.72  ? 81 LEU A CG  1 
ATOM   583  C  CD1 . LEU A 1 81 ? -9.905  -5.825  -8.962  1.00 59.99  ? 81 LEU A CD1 1 
ATOM   584  C  CD2 . LEU A 1 81 ? -10.064 -8.029  -10.116 1.00 56.99  ? 81 LEU A CD2 1 
ATOM   585  N  N   . SER A 1 82 ? -13.190 -6.173  -13.268 1.00 61.26  ? 82 SER A N   1 
ATOM   586  C  CA  . SER A 1 82 ? -14.618 -6.489  -13.369 1.00 66.74  ? 82 SER A CA  1 
ATOM   587  C  C   . SER A 1 82 ? -14.878 -7.658  -14.309 1.00 59.51  ? 82 SER A C   1 
ATOM   588  O  O   . SER A 1 82 ? -15.705 -8.528  -14.018 1.00 67.57  ? 82 SER A O   1 
ATOM   589  C  CB  . SER A 1 82 ? -15.409 -5.268  -13.834 1.00 55.05  ? 82 SER A CB  1 
ATOM   590  O  OG  . SER A 1 82 ? -15.360 -4.242  -12.865 1.00 70.63  ? 82 SER A OG  1 
ATOM   591  N  N   . LYS A 1 83 ? -14.157 -7.677  -15.428 1.00 64.52  ? 83 LYS A N   1 
ATOM   592  C  CA  . LYS A 1 83 ? -14.288 -8.732  -16.431 1.00 60.09  ? 83 LYS A CA  1 
ATOM   593  C  C   . LYS A 1 83 ? -13.848 -10.094 -15.897 1.00 66.40  ? 83 LYS A C   1 
ATOM   594  O  O   . LYS A 1 83 ? -14.137 -11.128 -16.505 1.00 68.98  ? 83 LYS A O   1 
ATOM   595  C  CB  . LYS A 1 83 ? -13.470 -8.391  -17.679 1.00 53.12  ? 83 LYS A CB  1 
ATOM   596  C  CG  . LYS A 1 83 ? -13.772 -7.039  -18.302 1.00 50.15  ? 83 LYS A CG  1 
ATOM   597  C  CD  . LYS A 1 83 ? -12.849 -6.802  -19.483 1.00 54.51  ? 83 LYS A CD  1 
ATOM   598  C  CE  . LYS A 1 83 ? -12.753 -5.335  -19.818 1.00 57.12  ? 83 LYS A CE  1 
ATOM   599  N  NZ  . LYS A 1 83 ? -11.845 -5.105  -20.971 1.00 59.77  ? 83 LYS A NZ  1 
ATOM   600  N  N   . LEU A 1 84 ? -13.146 -10.091 -14.767 1.00 69.69  ? 84 LEU A N   1 
ATOM   601  C  CA  . LEU A 1 84 ? -12.618 -11.323 -14.194 1.00 74.79  ? 84 LEU A CA  1 
ATOM   602  C  C   . LEU A 1 84 ? -13.670 -12.107 -13.408 1.00 78.32  ? 84 LEU A C   1 
ATOM   603  O  O   . LEU A 1 84 ? -13.624 -13.338 -13.364 1.00 83.42  ? 84 LEU A O   1 
ATOM   604  C  CB  . LEU A 1 84 ? -11.380 -11.034 -13.339 1.00 73.80  ? 84 LEU A CB  1 
ATOM   605  C  CG  . LEU A 1 84 ? -10.434 -12.194 -13.011 1.00 76.88  ? 84 LEU A CG  1 
ATOM   606  C  CD1 . LEU A 1 84 ? -10.172 -13.090 -14.222 1.00 75.68  ? 84 LEU A CD1 1 
ATOM   607  C  CD2 . LEU A 1 84 ? -9.132  -11.662 -12.453 1.00 73.39  ? 84 LEU A CD2 1 
ATOM   608  N  N   . HIS A 1 85 ? -14.612 -11.396 -12.793 1.00 88.82  ? 85 HIS A N   1 
ATOM   609  C  CA  . HIS A 1 85 ? -15.720 -12.034 -12.075 1.00 93.22  ? 85 HIS A CA  1 
ATOM   610  C  C   . HIS A 1 85 ? -17.054 -11.305 -12.275 1.00 100.68 ? 85 HIS A C   1 
ATOM   611  O  O   . HIS A 1 85 ? -17.221 -10.194 -11.769 1.00 108.54 ? 85 HIS A O   1 
ATOM   612  C  CB  . HIS A 1 85 ? -15.408 -12.194 -10.575 1.00 93.84  ? 85 HIS A CB  1 
ATOM   613  C  CG  . HIS A 1 85 ? -14.644 -11.050 -9.978  1.00 80.48  ? 85 HIS A CG  1 
ATOM   614  N  ND1 . HIS A 1 85 ? -13.444 -11.224 -9.322  1.00 78.11  ? 85 HIS A ND1 1 
ATOM   615  C  CD2 . HIS A 1 85 ? -14.904 -9.723  -9.940  1.00 77.42  ? 85 HIS A CD2 1 
ATOM   616  C  CE1 . HIS A 1 85 ? -13.000 -10.053 -8.903  1.00 76.92  ? 85 HIS A CE1 1 
ATOM   617  N  NE2 . HIS A 1 85 ? -13.866 -9.125  -9.267  1.00 78.26  ? 85 HIS A NE2 1 
ATOM   618  N  N   . GLU A 1 86 ? -18.008 -11.888 -13.011 1.00 105.61 ? 86 GLU A N   1 
ATOM   619  C  CA  . GLU A 1 86 ? -17.911 -13.173 -13.744 1.00 105.20 ? 86 GLU A CA  1 
ATOM   620  C  C   . GLU A 1 86 ? -17.671 -14.421 -12.877 1.00 105.08 ? 86 GLU A C   1 
ATOM   621  O  O   . GLU A 1 86 ? -17.919 -14.401 -11.669 1.00 106.58 ? 86 GLU A O   1 
ATOM   622  C  CB  . GLU A 1 86 ? -16.919 -13.091 -14.922 1.00 106.18 ? 86 GLU A CB  1 
ATOM   623  C  CG  . GLU A 1 86 ? -17.062 -11.849 -15.807 1.00 109.22 ? 86 GLU A CG  1 
ATOM   624  C  CD  . GLU A 1 86 ? -18.486 -11.584 -16.259 1.00 112.49 ? 86 GLU A CD  1 
ATOM   625  O  OE1 . GLU A 1 86 ? -19.000 -10.485 -15.961 1.00 115.54 ? 86 GLU A OE1 1 
ATOM   626  O  OE2 . GLU A 1 86 ? -19.091 -12.468 -16.903 1.00 112.51 ? 86 GLU A OE2 1 
ATOM   627  N  N   . ALA A 1 87 ? -17.202 -15.497 -13.508 1.00 106.83 ? 87 ALA A N   1 
ATOM   628  C  CA  . ALA A 1 87 ? -16.994 -16.782 -12.835 1.00 108.29 ? 87 ALA A CA  1 
ATOM   629  C  C   . ALA A 1 87 ? -15.774 -16.764 -11.918 1.00 102.80 ? 87 ALA A C   1 
ATOM   630  O  O   . ALA A 1 87 ? -14.683 -16.369 -12.326 1.00 95.20  ? 87 ALA A O   1 
ATOM   631  C  CB  . ALA A 1 87 ? -16.878 -17.908 -13.859 1.00 105.47 ? 87 ALA A CB  1 
ATOM   632  N  N   . GLN B 1 4  ? 14.326  18.598  -3.514  1.00 68.58  ? 4  GLN B N   1 
ATOM   633  C  CA  . GLN B 1 4  ? 13.569  19.605  -2.718  1.00 79.34  ? 4  GLN B CA  1 
ATOM   634  C  C   . GLN B 1 4  ? 13.471  19.187  -1.252  1.00 78.75  ? 4  GLN B C   1 
ATOM   635  O  O   . GLN B 1 4  ? 12.996  18.091  -0.940  1.00 83.08  ? 4  GLN B O   1 
ATOM   636  C  CB  . GLN B 1 4  ? 12.177  19.825  -3.318  1.00 81.03  ? 4  GLN B CB  1 
ATOM   637  C  CG  . GLN B 1 4  ? 11.394  20.962  -2.679  1.00 78.63  ? 4  GLN B CG  1 
ATOM   638  C  CD  . GLN B 1 4  ? 10.284  21.492  -3.568  1.00 79.69  ? 4  GLN B CD  1 
ATOM   639  O  OE1 . GLN B 1 4  ? 10.258  22.678  -3.904  1.00 69.69  ? 4  GLN B OE1 1 
ATOM   640  N  NE2 . GLN B 1 4  ? 9.360   20.618  -3.955  1.00 58.58  ? 4  GLN B NE2 1 
ATOM   641  N  N   . ALA B 1 5  ? 13.927  20.074  -0.366  1.00 68.58  ? 5  ALA B N   1 
ATOM   642  C  CA  . ALA B 1 5  ? 13.990  19.805  1.074   1.00 75.72  ? 5  ALA B CA  1 
ATOM   643  C  C   . ALA B 1 5  ? 12.608  19.644  1.699   1.00 76.98  ? 5  ALA B C   1 
ATOM   644  O  O   . ALA B 1 5  ? 12.410  18.784  2.564   1.00 71.60  ? 5  ALA B O   1 
ATOM   645  C  CB  . ALA B 1 5  ? 14.771  20.909  1.790   1.00 76.62  ? 5  ALA B CB  1 
ATOM   646  N  N   . THR B 1 6  ? 11.663  20.469  1.253   1.00 68.60  ? 6  THR B N   1 
ATOM   647  C  CA  . THR B 1 6  ? 10.299  20.455  1.780   1.00 80.01  ? 6  THR B CA  1 
ATOM   648  C  C   . THR B 1 6  ? 9.484   19.238  1.328   1.00 77.15  ? 6  THR B C   1 
ATOM   649  O  O   . THR B 1 6  ? 8.553   18.826  2.021   1.00 70.05  ? 6  THR B O   1 
ATOM   650  C  CB  . THR B 1 6  ? 9.533   21.753  1.435   1.00 84.70  ? 6  THR B CB  1 
ATOM   651  O  OG1 . THR B 1 6  ? 9.751   22.087  0.060   1.00 87.50  ? 6  THR B OG1 1 
ATOM   652  C  CG2 . THR B 1 6  ? 9.998   22.907  2.322   1.00 79.80  ? 6  THR B CG2 1 
HETATM 653  N  N   . MSE B 1 7  ? 9.839   18.672  0.175   1.00 76.26  ? 7  MSE B N   1 
HETATM 654  C  CA  . MSE B 1 7  ? 9.154   17.492  -0.357  1.00 76.22  ? 7  MSE B CA  1 
HETATM 655  C  C   . MSE B 1 7  ? 9.671   16.185  0.249   1.00 71.00  ? 7  MSE B C   1 
HETATM 656  O  O   . MSE B 1 7  ? 8.921   15.217  0.375   1.00 79.81  ? 7  MSE B O   1 
HETATM 657  C  CB  . MSE B 1 7  ? 9.238   17.449  -1.889  1.00 77.73  ? 7  MSE B CB  1 
HETATM 658  C  CG  . MSE B 1 7  ? 8.420   16.327  -2.536  1.00 82.65  ? 7  MSE B CG  1 
HETATM 659  SE SE  . MSE B 1 7  ? 6.526   16.306  -2.012  1.00 92.93  ? 7  MSE B SE  1 
HETATM 660  C  CE  . MSE B 1 7  ? 5.878   17.755  -3.176  1.00 88.32  ? 7  MSE B CE  1 
ATOM   661  N  N   . LYS B 1 8  ? 10.949  16.162  0.617   1.00 64.36  ? 8  LYS B N   1 
ATOM   662  C  CA  . LYS B 1 8  ? 11.542  15.007  1.286   1.00 56.74  ? 8  LYS B CA  1 
ATOM   663  C  C   . LYS B 1 8  ? 11.091  14.927  2.748   1.00 70.35  ? 8  LYS B C   1 
ATOM   664  O  O   . LYS B 1 8  ? 10.957  13.837  3.313   1.00 67.71  ? 8  LYS B O   1 
ATOM   665  C  CB  . LYS B 1 8  ? 13.070  15.063  1.210   1.00 60.48  ? 8  LYS B CB  1 
ATOM   666  C  CG  . LYS B 1 8  ? 13.650  14.779  -0.183  1.00 70.24  ? 8  LYS B CG  1 
ATOM   667  C  CD  . LYS B 1 8  ? 15.129  14.383  -0.119  1.00 60.87  ? 8  LYS B CD  1 
ATOM   668  C  CE  . LYS B 1 8  ? 15.314  13.003  0.515   1.00 75.65  ? 8  LYS B CE  1 
ATOM   669  N  NZ  . LYS B 1 8  ? 16.741  12.649  0.743   1.00 82.81  ? 8  LYS B NZ  1 
ATOM   670  N  N   . ASN B 1 9  ? 10.860  16.094  3.346   1.00 60.62  ? 9  ASN B N   1 
ATOM   671  C  CA  . ASN B 1 9  ? 10.437  16.201  4.736   1.00 63.73  ? 9  ASN B CA  1 
ATOM   672  C  C   . ASN B 1 9  ? 8.966   15.833  4.896   1.00 59.90  ? 9  ASN B C   1 
ATOM   673  O  O   . ASN B 1 9  ? 8.606   15.098  5.814   1.00 65.68  ? 9  ASN B O   1 
ATOM   674  C  CB  . ASN B 1 9  ? 10.698  17.623  5.261   1.00 69.73  ? 9  ASN B CB  1 
ATOM   675  C  CG  . ASN B 1 9  ? 10.546  17.737  6.771   1.00 76.96  ? 9  ASN B CG  1 
ATOM   676  O  OD1 . ASN B 1 9  ? 9.642   18.414  7.259   1.00 64.85  ? 9  ASN B OD1 1 
ATOM   677  N  ND2 . ASN B 1 9  ? 11.433  17.080  7.516   1.00 68.89  ? 9  ASN B ND2 1 
ATOM   678  N  N   . ALA B 1 10 ? 8.128   16.340  3.989   1.00 51.85  ? 10 ALA B N   1 
ATOM   679  C  CA  . ALA B 1 10 ? 6.690   16.102  4.025   1.00 45.68  ? 10 ALA B CA  1 
ATOM   680  C  C   . ALA B 1 10 ? 6.335   14.639  3.755   1.00 57.55  ? 10 ALA B C   1 
ATOM   681  O  O   . ALA B 1 10 ? 5.343   14.135  4.291   1.00 52.28  ? 10 ALA B O   1 
ATOM   682  C  CB  . ALA B 1 10 ? 5.977   17.012  3.043   1.00 50.92  ? 10 ALA B CB  1 
ATOM   683  N  N   . ALA B 1 11 ? 7.152   13.976  2.930   1.00 46.40  ? 11 ALA B N   1 
ATOM   684  C  CA  . ALA B 1 11 ? 6.995   12.552  2.600   1.00 45.19  ? 11 ALA B CA  1 
ATOM   685  C  C   . ALA B 1 11 ? 7.326   11.626  3.772   1.00 42.91  ? 11 ALA B C   1 
ATOM   686  O  O   . ALA B 1 11 ? 6.613   10.659  4.009   1.00 43.57  ? 11 ALA B O   1 
ATOM   687  C  CB  . ALA B 1 11 ? 7.843   12.187  1.388   1.00 46.90  ? 11 ALA B CB  1 
ATOM   688  N  N   . LEU B 1 12 ? 8.408   11.919  4.490   1.00 41.31  ? 12 LEU B N   1 
ATOM   689  C  CA  . LEU B 1 12 ? 8.758   11.189  5.709   1.00 53.13  ? 12 LEU B CA  1 
ATOM   690  C  C   . LEU B 1 12 ? 7.686   11.417  6.775   1.00 57.38  ? 12 LEU B C   1 
ATOM   691  O  O   . LEU B 1 12 ? 7.391   10.527  7.566   1.00 52.03  ? 12 LEU B O   1 
ATOM   692  C  CB  . LEU B 1 12 ? 10.111  11.651  6.254   1.00 52.34  ? 12 LEU B CB  1 
ATOM   693  C  CG  . LEU B 1 12 ? 11.143  10.677  6.852   1.00 62.90  ? 12 LEU B CG  1 
ATOM   694  C  CD1 . LEU B 1 12 ? 12.017  11.429  7.858   1.00 59.98  ? 12 LEU B CD1 1 
ATOM   695  C  CD2 . LEU B 1 12 ? 10.547  9.425   7.504   1.00 52.09  ? 12 LEU B CD2 1 
ATOM   696  N  N   . LYS B 1 13 ? 7.108   12.615  6.773   1.00 45.18  ? 13 LYS B N   1 
ATOM   697  C  CA  . LYS B 1 13 ? 6.072   12.991  7.720   1.00 50.94  ? 13 LYS B CA  1 
ATOM   698  C  C   . LYS B 1 13 ? 4.754   12.253  7.437   1.00 43.69  ? 13 LYS B C   1 
ATOM   699  O  O   . LYS B 1 13 ? 4.138   11.715  8.354   1.00 62.63  ? 13 LYS B O   1 
ATOM   700  C  CB  . LYS B 1 13 ? 5.864   14.507  7.685   1.00 45.37  ? 13 LYS B CB  1 
ATOM   701  C  CG  . LYS B 1 13 ? 5.588   15.131  9.047   1.00 73.89  ? 13 LYS B CG  1 
ATOM   702  C  CD  . LYS B 1 13 ? 5.786   16.649  9.032   1.00 73.75  ? 13 LYS B CD  1 
ATOM   703  C  CE  . LYS B 1 13 ? 7.261   17.038  8.985   1.00 76.08  ? 13 LYS B CE  1 
ATOM   704  N  NZ  . LYS B 1 13 ? 7.982   16.738  10.257  1.00 78.07  ? 13 LYS B NZ  1 
ATOM   705  N  N   . GLN B 1 14 ? 4.338   12.233  6.169   1.00 41.73  ? 14 GLN B N   1 
ATOM   706  C  CA  . GLN B 1 14 ? 3.123   11.537  5.736   1.00 40.31  ? 14 GLN B CA  1 
ATOM   707  C  C   . GLN B 1 14 ? 3.217   10.028  5.962   1.00 30.58  ? 14 GLN B C   1 
ATOM   708  O  O   . GLN B 1 14 ? 2.227   9.381   6.283   1.00 48.96  ? 14 GLN B O   1 
ATOM   709  C  CB  . GLN B 1 14 ? 2.832   11.834  4.261   1.00 44.76  ? 14 GLN B CB  1 
ATOM   710  C  CG  . GLN B 1 14 ? 1.515   11.253  3.737   1.00 48.06  ? 14 GLN B CG  1 
ATOM   711  C  CD  . GLN B 1 14 ? 0.306   11.738  4.521   1.00 56.17  ? 14 GLN B CD  1 
ATOM   712  O  OE1 . GLN B 1 14 ? -0.389  10.947  5.162   1.00 54.39  ? 14 GLN B OE1 1 
ATOM   713  N  NE2 . GLN B 1 14 ? 0.060   13.044  4.489   1.00 51.06  ? 14 GLN B NE2 1 
ATOM   714  N  N   . LEU B 1 15 ? 4.422   9.488   5.811   1.00 47.73  ? 15 LEU B N   1 
ATOM   715  C  CA  . LEU B 1 15 ? 4.691   8.067   5.992   1.00 43.91  ? 15 LEU B CA  1 
ATOM   716  C  C   . LEU B 1 15 ? 4.634   7.651   7.464   1.00 49.55  ? 15 LEU B C   1 
ATOM   717  O  O   . LEU B 1 15 ? 4.129   6.569   7.792   1.00 42.68  ? 15 LEU B O   1 
ATOM   718  C  CB  . LEU B 1 15 ? 6.070   7.750   5.417   1.00 39.99  ? 15 LEU B CB  1 
ATOM   719  C  CG  . LEU B 1 15 ? 6.365   6.529   4.549   1.00 55.40  ? 15 LEU B CG  1 
ATOM   720  C  CD1 . LEU B 1 15 ? 5.235   6.192   3.577   1.00 47.32  ? 15 LEU B CD1 1 
ATOM   721  C  CD2 . LEU B 1 15 ? 7.664   6.796   3.789   1.00 37.85  ? 15 LEU B CD2 1 
ATOM   722  N  N   . THR B 1 16 ? 5.162   8.502   8.346   1.00 48.02  ? 16 THR B N   1 
ATOM   723  C  CA  . THR B 1 16 ? 5.149   8.228   9.789   1.00 43.06  ? 16 THR B CA  1 
ATOM   724  C  C   . THR B 1 16 ? 3.740   8.424   10.344  1.00 40.70  ? 16 THR B C   1 
ATOM   725  O  O   . THR B 1 16 ? 3.304   7.676   11.213  1.00 53.21  ? 16 THR B O   1 
ATOM   726  C  CB  . THR B 1 16 ? 6.152   9.103   10.579  1.00 50.96  ? 16 THR B CB  1 
ATOM   727  O  OG1 . THR B 1 16 ? 5.670   10.446  10.653  1.00 68.61  ? 16 THR B OG1 1 
ATOM   728  C  CG2 . THR B 1 16 ? 7.509   9.092   9.920   1.00 30.25  ? 16 THR B CG2 1 
ATOM   729  N  N   . LYS B 1 17 ? 3.039   9.429   9.829   1.00 29.30  ? 17 LYS B N   1 
ATOM   730  C  CA  . LYS B 1 17 ? 1.614   9.607   10.128  1.00 35.20  ? 17 LYS B CA  1 
ATOM   731  C  C   . LYS B 1 17 ? 0.782   8.368   9.773   1.00 36.01  ? 17 LYS B C   1 
ATOM   732  O  O   . LYS B 1 17 ? 0.005   7.900   10.599  1.00 43.25  ? 17 LYS B O   1 
ATOM   733  C  CB  . LYS B 1 17 ? 1.045   10.858  9.443   1.00 33.94  ? 17 LYS B CB  1 
ATOM   734  C  CG  . LYS B 1 17 ? -0.325  11.237  9.998   1.00 48.83  ? 17 LYS B CG  1 
ATOM   735  C  CD  . LYS B 1 17 ? -0.972  12.397  9.280   1.00 50.82  ? 17 LYS B CD  1 
ATOM   736  C  CE  . LYS B 1 17 ? -2.453  12.441  9.610   1.00 36.80  ? 17 LYS B CE  1 
ATOM   737  N  NZ  . LYS B 1 17 ? -2.978  13.831  9.557   1.00 72.40  ? 17 LYS B NZ  1 
ATOM   738  N  N   . ASP B 1 18 ? 0.964   7.832   8.562   1.00 39.83  ? 18 ASP B N   1 
ATOM   739  C  CA  . ASP B 1 18 ? 0.313   6.583   8.145   1.00 39.27  ? 18 ASP B CA  1 
ATOM   740  C  C   . ASP B 1 18 ? 0.705   5.407   9.042   1.00 35.01  ? 18 ASP B C   1 
ATOM   741  O  O   . ASP B 1 18 ? -0.144  4.625   9.451   1.00 41.21  ? 18 ASP B O   1 
ATOM   742  C  CB  . ASP B 1 18 ? 0.628   6.266   6.674   1.00 43.82  ? 18 ASP B CB  1 
ATOM   743  C  CG  . ASP B 1 18 ? 0.056   7.308   5.712   1.00 61.05  ? 18 ASP B CG  1 
ATOM   744  O  OD1 . ASP B 1 18 ? -0.806  8.109   6.136   1.00 54.66  ? 18 ASP B OD1 1 
ATOM   745  O  OD2 . ASP B 1 18 ? 0.474   7.339   4.533   1.00 45.58  ? 18 ASP B OD2 1 
ATOM   746  N  N   . ALA B 1 19 ? 1.995   5.295   9.343   1.00 25.39  ? 19 ALA B N   1 
ATOM   747  C  CA  . ALA B 1 19 ? 2.497   4.324   10.314  1.00 32.51  ? 19 ALA B CA  1 
ATOM   748  C  C   . ALA B 1 19 ? 1.883   4.484   11.723  1.00 37.85  ? 19 ALA B C   1 
ATOM   749  O  O   . ALA B 1 19 ? 1.493   3.491   12.353  1.00 37.99  ? 19 ALA B O   1 
ATOM   750  C  CB  . ALA B 1 19 ? 4.025   4.398   10.376  1.00 33.01  ? 19 ALA B CB  1 
ATOM   751  N  N   . ASP B 1 20 ? 1.792   5.726   12.199  1.00 31.52  ? 20 ASP B N   1 
ATOM   752  C  CA  . ASP B 1 20 ? 1.191   6.040   13.506  1.00 42.35  ? 20 ASP B CA  1 
ATOM   753  C  C   . ASP B 1 20 ? -0.243  5.533   13.630  1.00 36.25  ? 20 ASP B C   1 
ATOM   754  O  O   . ASP B 1 20 ? -0.620  4.935   14.643  1.00 40.55  ? 20 ASP B O   1 
ATOM   755  C  CB  . ASP B 1 20 ? 1.224   7.550   13.762  1.00 45.08  ? 20 ASP B CB  1 
ATOM   756  C  CG  . ASP B 1 20 ? 2.607   8.051   14.146  1.00 37.74  ? 20 ASP B CG  1 
ATOM   757  O  OD1 . ASP B 1 20 ? 3.432   7.237   14.595  1.00 52.08  ? 20 ASP B OD1 1 
ATOM   758  O  OD2 . ASP B 1 20 ? 2.866   9.266   14.006  1.00 54.47  ? 20 ASP B OD2 1 
ATOM   759  N  N   . GLU B 1 21 ? -1.021  5.757   12.574  1.00 38.57  ? 21 GLU B N   1 
ATOM   760  C  CA  . GLU B 1 21 ? -2.406  5.309   12.477  1.00 40.80  ? 21 GLU B CA  1 
ATOM   761  C  C   . GLU B 1 21 ? -2.577  3.794   12.550  1.00 41.68  ? 21 GLU B C   1 
ATOM   762  O  O   . GLU B 1 21 ? -3.518  3.307   13.165  1.00 43.53  ? 21 GLU B O   1 
ATOM   763  C  CB  . GLU B 1 21 ? -3.043  5.865   11.197  1.00 32.16  ? 21 GLU B CB  1 
ATOM   764  C  CG  . GLU B 1 21 ? -3.155  7.396   11.240  1.00 49.20  ? 21 GLU B CG  1 
ATOM   765  C  CD  . GLU B 1 21 ? -3.767  8.009   9.991   1.00 54.11  ? 21 GLU B CD  1 
ATOM   766  O  OE1 . GLU B 1 21 ? -4.144  7.268   9.055   1.00 53.28  ? 21 GLU B OE1 1 
ATOM   767  O  OE2 . GLU B 1 21 ? -3.873  9.251   9.955   1.00 61.04  ? 21 GLU B OE2 1 
ATOM   768  N  N   . ILE B 1 22 ? -1.665  3.054   11.927  1.00 40.37  ? 22 ILE B N   1 
ATOM   769  C  CA  . ILE B 1 22 ? -1.720  1.589   11.952  1.00 38.43  ? 22 ILE B CA  1 
ATOM   770  C  C   . ILE B 1 22 ? -1.264  1.059   13.313  1.00 30.15  ? 22 ILE B C   1 
ATOM   771  O  O   . ILE B 1 22 ? -1.846  0.111   13.860  1.00 33.18  ? 22 ILE B O   1 
ATOM   772  C  CB  . ILE B 1 22 ? -0.891  0.971   10.785  1.00 36.84  ? 22 ILE B CB  1 
ATOM   773  C  CG1 . ILE B 1 22 ? -1.450  1.463   9.439   1.00 38.05  ? 22 ILE B CG1 1 
ATOM   774  C  CG2 . ILE B 1 22 ? -0.870  -0.555  10.882  1.00 33.07  ? 22 ILE B CG2 1 
ATOM   775  C  CD1 . ILE B 1 22 ? -0.543  1.282   8.235   1.00 43.56  ? 22 ILE B CD1 1 
ATOM   776  N  N   . LEU B 1 23 ? -0.227  1.689   13.854  1.00 36.30  ? 23 LEU B N   1 
ATOM   777  C  CA  . LEU B 1 23 ? 0.284   1.372   15.187  1.00 45.10  ? 23 LEU B CA  1 
ATOM   778  C  C   . LEU B 1 23 ? -0.769  1.631   16.256  1.00 41.69  ? 23 LEU B C   1 
ATOM   779  O  O   . LEU B 1 23 ? -0.866  0.897   17.238  1.00 43.35  ? 23 LEU B O   1 
ATOM   780  C  CB  . LEU B 1 23 ? 1.537   2.206   15.492  1.00 48.87  ? 23 LEU B CB  1 
ATOM   781  C  CG  . LEU B 1 23 ? 2.283   1.871   16.790  1.00 63.60  ? 23 LEU B CG  1 
ATOM   782  C  CD1 . LEU B 1 23 ? 3.083   0.573   16.643  1.00 49.94  ? 23 LEU B CD1 1 
ATOM   783  C  CD2 . LEU B 1 23 ? 3.178   3.027   17.226  1.00 45.43  ? 23 LEU B CD2 1 
ATOM   784  N  N   . HIS B 1 24 ? -1.548  2.690   16.070  1.00 46.13  ? 24 HIS B N   1 
ATOM   785  C  CA  . HIS B 1 24 ? -2.627  2.977   16.994  1.00 48.32  ? 24 HIS B CA  1 
ATOM   786  C  C   . HIS B 1 24 ? -3.656  1.840   17.016  1.00 42.61  ? 24 HIS B C   1 
ATOM   787  O  O   . HIS B 1 24 ? -4.169  1.487   18.073  1.00 40.53  ? 24 HIS B O   1 
ATOM   788  C  CB  . HIS B 1 24 ? -3.281  4.314   16.668  1.00 49.55  ? 24 HIS B CB  1 
ATOM   789  C  CG  . HIS B 1 24 ? -4.338  4.709   17.646  1.00 57.68  ? 24 HIS B CG  1 
ATOM   790  N  ND1 . HIS B 1 24 ? -4.044  5.287   18.862  1.00 60.87  ? 24 HIS B ND1 1 
ATOM   791  C  CD2 . HIS B 1 24 ? -5.685  4.583   17.602  1.00 44.48  ? 24 HIS B CD2 1 
ATOM   792  C  CE1 . HIS B 1 24 ? -5.167  5.512   19.519  1.00 55.08  ? 24 HIS B CE1 1 
ATOM   793  N  NE2 . HIS B 1 24 ? -6.176  5.093   18.776  1.00 54.68  ? 24 HIS B NE2 1 
ATOM   794  N  N   . LEU B 1 25 ? -3.923  1.259   15.849  1.00 41.18  ? 25 LEU B N   1 
ATOM   795  C  CA  . LEU B 1 25 ? -4.807  0.094   15.713  1.00 36.26  ? 25 LEU B CA  1 
ATOM   796  C  C   . LEU B 1 25 ? -4.248  -1.138  16.429  1.00 39.46  ? 25 LEU B C   1 
ATOM   797  O  O   . LEU B 1 25 ? -4.988  -1.872  17.073  1.00 42.78  ? 25 LEU B O   1 
ATOM   798  C  CB  . LEU B 1 25 ? -4.998  -0.236  14.230  1.00 41.10  ? 25 LEU B CB  1 
ATOM   799  C  CG  . LEU B 1 25 ? -6.361  -0.626  13.674  1.00 63.35  ? 25 LEU B CG  1 
ATOM   800  C  CD1 . LEU B 1 25 ? -7.221  0.613   13.467  1.00 52.64  ? 25 LEU B CD1 1 
ATOM   801  C  CD2 . LEU B 1 25 ? -6.173  -1.340  12.351  1.00 62.04  ? 25 LEU B CD2 1 
ATOM   802  N  N   . ILE B 1 26 ? -2.943  -1.371  16.289  1.00 38.45  ? 26 ILE B N   1 
ATOM   803  C  CA  . ILE B 1 26 ? -2.278  -2.499  16.937  1.00 41.32  ? 26 ILE B CA  1 
ATOM   804  C  C   . ILE B 1 26 ? -2.331  -2.371  18.466  1.00 37.46  ? 26 ILE B C   1 
ATOM   805  O  O   . ILE B 1 26 ? -2.629  -3.342  19.163  1.00 41.36  ? 26 ILE B O   1 
ATOM   806  C  CB  . ILE B 1 26 ? -0.804  -2.655  16.458  1.00 45.36  ? 26 ILE B CB  1 
ATOM   807  C  CG1 . ILE B 1 26 ? -0.754  -2.944  14.954  1.00 42.78  ? 26 ILE B CG1 1 
ATOM   808  C  CG2 . ILE B 1 26 ? -0.094  -3.772  17.231  1.00 41.85  ? 26 ILE B CG2 1 
ATOM   809  C  CD1 . ILE B 1 26 ? 0.585   -2.649  14.307  1.00 32.27  ? 26 ILE B CD1 1 
ATOM   810  N  N   . LYS B 1 27 ? -2.051  -1.175  18.976  1.00 39.55  ? 27 LYS B N   1 
ATOM   811  C  CA  . LYS B 1 27 ? -2.057  -0.928  20.426  1.00 44.27  ? 27 LYS B CA  1 
ATOM   812  C  C   . LYS B 1 27 ? -3.445  -1.062  21.046  1.00 44.30  ? 27 LYS B C   1 
ATOM   813  O  O   . LYS B 1 27 ? -3.573  -1.536  22.172  1.00 53.27  ? 27 LYS B O   1 
ATOM   814  C  CB  . LYS B 1 27 ? -1.430  0.427   20.767  1.00 43.17  ? 27 LYS B CB  1 
ATOM   815  C  CG  . LYS B 1 27 ? 0.048   0.507   20.404  1.00 57.04  ? 27 LYS B CG  1 
ATOM   816  C  CD  . LYS B 1 27 ? 0.797   1.584   21.175  1.00 75.81  ? 27 LYS B CD  1 
ATOM   817  C  CE  . LYS B 1 27 ? 2.285   1.547   20.832  1.00 70.49  ? 27 LYS B CE  1 
ATOM   818  N  NZ  . LYS B 1 27 ? 3.113   2.402   21.725  1.00 82.54  ? 27 LYS B NZ  1 
ATOM   819  N  N   . VAL B 1 28 ? -4.480  -0.660  20.306  1.00 48.47  ? 28 VAL B N   1 
ATOM   820  C  CA  . VAL B 1 28 ? -5.871  -0.839  20.750  1.00 43.08  ? 28 VAL B CA  1 
ATOM   821  C  C   . VAL B 1 28 ? -6.208  -2.336  20.857  1.00 52.62  ? 28 VAL B C   1 
ATOM   822  O  O   . VAL B 1 28 ? -6.885  -2.761  21.794  1.00 49.96  ? 28 VAL B O   1 
ATOM   823  C  CB  . VAL B 1 28 ? -6.873  -0.099  19.826  1.00 42.44  ? 28 VAL B CB  1 
ATOM   824  C  CG1 . VAL B 1 28 ? -8.304  -0.549  20.087  1.00 51.96  ? 28 VAL B CG1 1 
ATOM   825  C  CG2 . VAL B 1 28 ? -6.755  1.400   20.016  1.00 40.69  ? 28 VAL B CG2 1 
ATOM   826  N  N   . GLN B 1 29 ? -5.712  -3.127  19.907  1.00 44.74  ? 29 GLN B N   1 
ATOM   827  C  CA  . GLN B 1 29 ? -5.857  -4.582  19.957  1.00 51.81  ? 29 GLN B CA  1 
ATOM   828  C  C   . GLN B 1 29 ? -5.145  -5.180  21.179  1.00 56.93  ? 29 GLN B C   1 
ATOM   829  O  O   . GLN B 1 29 ? -5.736  -5.963  21.925  1.00 57.24  ? 29 GLN B O   1 
ATOM   830  C  CB  . GLN B 1 29 ? -5.337  -5.226  18.665  1.00 62.48  ? 29 GLN B CB  1 
ATOM   831  C  CG  . GLN B 1 29 ? -6.238  -5.055  17.453  1.00 63.70  ? 29 GLN B CG  1 
ATOM   832  C  CD  . GLN B 1 29 ? -7.524  -5.851  17.569  1.00 76.35  ? 29 GLN B CD  1 
ATOM   833  O  OE1 . GLN B 1 29 ? -7.521  -7.078  17.464  1.00 75.59  ? 29 GLN B OE1 1 
ATOM   834  N  NE2 . GLN B 1 29 ? -8.634  -5.152  17.785  1.00 78.70  ? 29 GLN B NE2 1 
ATOM   835  N  N   . LEU B 1 30 ? -3.883  -4.793  21.377  1.00 49.05  ? 30 LEU B N   1 
ATOM   836  C  CA  . LEU B 1 30 ? -3.069  -5.251  22.508  1.00 61.75  ? 30 LEU B CA  1 
ATOM   837  C  C   . LEU B 1 30 ? -3.681  -4.920  23.867  1.00 60.41  ? 30 LEU B C   1 
ATOM   838  O  O   . LEU B 1 30 ? -3.654  -5.751  24.777  1.00 60.25  ? 30 LEU B O   1 
ATOM   839  C  CB  . LEU B 1 30 ? -1.648  -4.675  22.423  1.00 54.76  ? 30 LEU B CB  1 
ATOM   840  C  CG  . LEU B 1 30 ? -0.650  -5.438  21.546  1.00 59.89  ? 30 LEU B CG  1 
ATOM   841  C  CD1 . LEU B 1 30 ? 0.455   -4.521  21.051  1.00 50.10  ? 30 LEU B CD1 1 
ATOM   842  C  CD2 . LEU B 1 30 ? -0.070  -6.636  22.288  1.00 52.88  ? 30 LEU B CD2 1 
ATOM   843  N  N   . ASP B 1 31 ? -4.230  -3.711  23.991  1.00 57.48  ? 31 ASP B N   1 
ATOM   844  C  CA  . ASP B 1 31 ? -4.897  -3.268  25.216  1.00 60.38  ? 31 ASP B CA  1 
ATOM   845  C  C   . ASP B 1 31 ? -6.312  -3.846  25.355  1.00 65.79  ? 31 ASP B C   1 
ATOM   846  O  O   . ASP B 1 31 ? -6.969  -3.639  26.377  1.00 71.50  ? 31 ASP B O   1 
ATOM   847  C  CB  . ASP B 1 31 ? -4.948  -1.735  25.279  1.00 68.39  ? 31 ASP B CB  1 
ATOM   848  C  CG  . ASP B 1 31 ? -3.560  -1.091  25.331  1.00 83.42  ? 31 ASP B CG  1 
ATOM   849  O  OD1 . ASP B 1 31 ? -2.544  -1.772  25.047  1.00 82.75  ? 31 ASP B OD1 1 
ATOM   850  O  OD2 . ASP B 1 31 ? -3.487  0.118   25.651  1.00 80.25  ? 31 ASP B OD2 1 
ATOM   851  N  N   . ASN B 1 32 ? -6.763  -4.565  24.323  1.00 75.88  ? 32 ASN B N   1 
ATOM   852  C  CA  . ASN B 1 32 ? -8.104  -5.174  24.252  1.00 73.81  ? 32 ASN B CA  1 
ATOM   853  C  C   . ASN B 1 32 ? -9.263  -4.189  24.445  1.00 82.83  ? 32 ASN B C   1 
ATOM   854  O  O   . ASN B 1 32 ? -9.149  -3.000  24.140  1.00 73.72  ? 32 ASN B O   1 
ATOM   855  C  CB  . ASN B 1 32 ? -8.233  -6.356  25.227  1.00 87.53  ? 32 ASN B CB  1 
ATOM   856  C  CG  . ASN B 1 32 ? -7.334  -7.528  24.859  1.00 87.98  ? 32 ASN B CG  1 
ATOM   857  O  OD1 . ASN B 1 32 ? -6.367  -7.825  25.561  1.00 88.88  ? 32 ASN B OD1 1 
ATOM   858  N  ND2 . ASN B 1 32 ? -7.652  -8.201  23.756  1.00 78.23  ? 32 ASN B ND2 1 
ATOM   859  N  N   . CYS B 1 38 ? -12.640 -12.342 14.514  1.00 101.37 ? 38 CYS B N   1 
ATOM   860  C  CA  . CYS B 1 38 ? -11.329 -12.189 15.142  1.00 103.05 ? 38 CYS B CA  1 
ATOM   861  C  C   . CYS B 1 38 ? -10.167 -12.625 14.236  1.00 106.24 ? 38 CYS B C   1 
ATOM   862  O  O   . CYS B 1 38 ? -9.162  -11.912 14.157  1.00 103.59 ? 38 CYS B O   1 
ATOM   863  C  CB  . CYS B 1 38 ? -11.274 -12.909 16.495  1.00 105.42 ? 38 CYS B CB  1 
ATOM   864  S  SG  . CYS B 1 38 ? -9.774  -12.568 17.446  1.00 104.83 ? 38 CYS B SG  1 
ATOM   865  N  N   . PRO B 1 39 ? -10.284 -13.797 13.564  1.00 106.63 ? 39 PRO B N   1 
ATOM   866  C  CA  . PRO B 1 39 ? -9.300  -14.114 12.519  1.00 105.19 ? 39 PRO B CA  1 
ATOM   867  C  C   . PRO B 1 39 ? -9.344  -13.116 11.358  1.00 103.65 ? 39 PRO B C   1 
ATOM   868  O  O   . PRO B 1 39 ? -8.378  -13.007 10.596  1.00 99.90  ? 39 PRO B O   1 
ATOM   869  C  CB  . PRO B 1 39 ? -9.722  -15.512 12.044  1.00 105.06 ? 39 PRO B CB  1 
ATOM   870  C  CG  . PRO B 1 39 ? -10.535 -16.071 13.160  1.00 108.00 ? 39 PRO B CG  1 
ATOM   871  C  CD  . PRO B 1 39 ? -11.261 -14.893 13.728  1.00 105.66 ? 39 PRO B CD  1 
ATOM   872  N  N   . LEU B 1 40 ? -10.467 -12.408 11.235  1.00 99.67  ? 40 LEU B N   1 
ATOM   873  C  CA  . LEU B 1 40 ? -10.617 -11.300 10.297  1.00 96.38  ? 40 LEU B CA  1 
ATOM   874  C  C   . LEU B 1 40 ? -9.734  -10.128 10.734  1.00 91.09  ? 40 LEU B C   1 
ATOM   875  O  O   . LEU B 1 40 ? -9.028  -9.543  9.911   1.00 94.62  ? 40 LEU B O   1 
ATOM   876  C  CB  . LEU B 1 40 ? -12.094 -10.880 10.198  1.00 98.08  ? 40 LEU B CB  1 
ATOM   877  C  CG  . LEU B 1 40 ? -12.542 -9.752  9.256   1.00 98.88  ? 40 LEU B CG  1 
ATOM   878  C  CD1 . LEU B 1 40 ? -13.912 -10.061 8.661   1.00 98.59  ? 40 LEU B CD1 1 
ATOM   879  C  CD2 . LEU B 1 40 ? -12.560 -8.395  9.966   1.00 95.37  ? 40 LEU B CD2 1 
ATOM   880  N  N   . TYR B 1 41 ? -9.766  -9.805  12.028  1.00 87.12  ? 41 TYR B N   1 
ATOM   881  C  CA  . TYR B 1 41 ? -8.961  -8.712  12.581  1.00 85.50  ? 41 TYR B CA  1 
ATOM   882  C  C   . TYR B 1 41 ? -7.509  -9.141  12.838  1.00 84.65  ? 41 TYR B C   1 
ATOM   883  O  O   . TYR B 1 41 ? -6.959  -8.935  13.925  1.00 93.73  ? 41 TYR B O   1 
ATOM   884  C  CB  . TYR B 1 41 ? -9.598  -8.142  13.854  1.00 86.29  ? 41 TYR B CB  1 
ATOM   885  C  CG  . TYR B 1 41 ? -9.441  -6.642  13.989  1.00 87.47  ? 41 TYR B CG  1 
ATOM   886  C  CD1 . TYR B 1 41 ? -10.554 -5.800  13.953  1.00 92.70  ? 41 TYR B CD1 1 
ATOM   887  C  CD2 . TYR B 1 41 ? -8.180  -6.061  14.135  1.00 86.70  ? 41 TYR B CD2 1 
ATOM   888  C  CE1 . TYR B 1 41 ? -10.413 -4.415  14.069  1.00 98.57  ? 41 TYR B CE1 1 
ATOM   889  C  CE2 . TYR B 1 41 ? -8.028  -4.684  14.251  1.00 94.91  ? 41 TYR B CE2 1 
ATOM   890  C  CZ  . TYR B 1 41 ? -9.144  -3.866  14.219  1.00 95.82  ? 41 TYR B CZ  1 
ATOM   891  O  OH  . TYR B 1 41 ? -8.983  -2.504  14.336  1.00 90.07  ? 41 TYR B OH  1 
ATOM   892  N  N   . GLU B 1 42 ? -6.913  -9.754  11.823  1.00 65.52  ? 42 GLU B N   1 
ATOM   893  C  CA  . GLU B 1 42 ? -5.510  -10.138 11.816  1.00 65.84  ? 42 GLU B CA  1 
ATOM   894  C  C   . GLU B 1 42 ? -5.052  -10.062 10.368  1.00 51.83  ? 42 GLU B C   1 
ATOM   895  O  O   . GLU B 1 42 ? -3.928  -9.652  10.085  1.00 56.44  ? 42 GLU B O   1 
ATOM   896  C  CB  . GLU B 1 42 ? -5.316  -11.555 12.350  1.00 70.40  ? 42 GLU B CB  1 
ATOM   897  C  CG  . GLU B 1 42 ? -3.874  -11.882 12.707  1.00 66.50  ? 42 GLU B CG  1 
ATOM   898  C  CD  . GLU B 1 42 ? -3.467  -13.277 12.273  1.00 80.18  ? 42 GLU B CD  1 
ATOM   899  O  OE1 . GLU B 1 42 ? -3.090  -13.444 11.094  1.00 77.89  ? 42 GLU B OE1 1 
ATOM   900  O  OE2 . GLU B 1 42 ? -3.512  -14.203 13.113  1.00 74.70  ? 42 GLU B OE2 1 
ATOM   901  N  N   . GLU B 1 43 ? -5.937  -10.477 9.461   1.00 52.69  ? 43 GLU B N   1 
ATOM   902  C  CA  . GLU B 1 43 ? -5.744  -10.266 8.032   1.00 51.32  ? 43 GLU B CA  1 
ATOM   903  C  C   . GLU B 1 43 ? -5.861  -8.780  7.715   1.00 46.80  ? 43 GLU B C   1 
ATOM   904  O  O   . GLU B 1 43 ? -5.110  -8.262  6.895   1.00 45.38  ? 43 GLU B O   1 
ATOM   905  C  CB  . GLU B 1 43 ? -6.757  -11.063 7.217   1.00 57.71  ? 43 GLU B CB  1 
ATOM   906  C  CG  . GLU B 1 43 ? -6.343  -12.498 6.958   1.00 82.15  ? 43 GLU B CG  1 
ATOM   907  C  CD  . GLU B 1 43 ? -7.005  -13.088 5.723   1.00 90.77  ? 43 GLU B CD  1 
ATOM   908  O  OE1 . GLU B 1 43 ? -6.282  -13.695 4.903   1.00 94.15  ? 43 GLU B OE1 1 
ATOM   909  O  OE2 . GLU B 1 43 ? -8.239  -12.940 5.565   1.00 91.76  ? 43 GLU B OE2 1 
ATOM   910  N  N   . VAL B 1 44 ? -6.798  -8.105  8.381   1.00 42.34  ? 44 VAL B N   1 
ATOM   911  C  CA  . VAL B 1 44 ? -6.949  -6.660  8.272   1.00 37.83  ? 44 VAL B CA  1 
ATOM   912  C  C   . VAL B 1 44 ? -5.631  -5.946  8.588   1.00 40.21  ? 44 VAL B C   1 
ATOM   913  O  O   . VAL B 1 44 ? -5.221  -5.053  7.854   1.00 44.67  ? 44 VAL B O   1 
ATOM   914  C  CB  . VAL B 1 44 ? -8.087  -6.136  9.178   1.00 41.91  ? 44 VAL B CB  1 
ATOM   915  C  CG1 . VAL B 1 44 ? -8.014  -4.627  9.318   1.00 53.17  ? 44 VAL B CG1 1 
ATOM   916  C  CG2 . VAL B 1 44 ? -9.433  -6.543  8.615   1.00 56.80  ? 44 VAL B CG2 1 
ATOM   917  N  N   . LEU B 1 45 ? -4.967  -6.362  9.666   1.00 41.78  ? 45 LEU B N   1 
ATOM   918  C  CA  . LEU B 1 45 ? -3.675  -5.787  10.055  1.00 41.16  ? 45 LEU B CA  1 
ATOM   919  C  C   . LEU B 1 45 ? -2.561  -6.138  9.066   1.00 34.15  ? 45 LEU B C   1 
ATOM   920  O  O   . LEU B 1 45 ? -1.730  -5.290  8.739   1.00 38.75  ? 45 LEU B O   1 
ATOM   921  C  CB  . LEU B 1 45 ? -3.313  -6.170  11.500  1.00 45.51  ? 45 LEU B CB  1 
ATOM   922  C  CG  . LEU B 1 45 ? -4.120  -5.402  12.572  1.00 51.25  ? 45 LEU B CG  1 
ATOM   923  C  CD1 . LEU B 1 45 ? -4.068  -6.093  13.918  1.00 46.18  ? 45 LEU B CD1 1 
ATOM   924  C  CD2 . LEU B 1 45 ? -3.664  -3.948  12.709  1.00 42.23  ? 45 LEU B CD2 1 
ATOM   925  N  N   . ASP B 1 46 ? -2.577  -7.373  8.568   1.00 33.88  ? 46 ASP B N   1 
ATOM   926  C  CA  . ASP B 1 46 ? -1.678  -7.806  7.489   1.00 39.25  ? 46 ASP B CA  1 
ATOM   927  C  C   . ASP B 1 46 ? -1.842  -6.984  6.207   1.00 30.94  ? 46 ASP B C   1 
ATOM   928  O  O   . ASP B 1 46 ? -0.860  -6.595  5.586   1.00 40.96  ? 46 ASP B O   1 
ATOM   929  C  CB  . ASP B 1 46 ? -1.869  -9.301  7.190   1.00 43.69  ? 46 ASP B CB  1 
ATOM   930  C  CG  . ASP B 1 46 ? -1.339  -10.204 8.307   1.00 66.31  ? 46 ASP B CG  1 
ATOM   931  O  OD1 . ASP B 1 46 ? -1.765  -11.377 8.368   1.00 67.85  ? 46 ASP B OD1 1 
ATOM   932  O  OD2 . ASP B 1 46 ? -0.507  -9.749  9.127   1.00 65.84  ? 46 ASP B OD2 1 
ATOM   933  N  N   . THR B 1 47 ? -3.089  -6.718  5.824   1.00 31.81  ? 47 THR B N   1 
ATOM   934  C  CA  . THR B 1 47 ? -3.383  -5.867  4.674   1.00 33.45  ? 47 THR B CA  1 
ATOM   935  C  C   . THR B 1 47 ? -2.882  -4.436  4.903   1.00 31.21  ? 47 THR B C   1 
ATOM   936  O  O   . THR B 1 47 ? -2.293  -3.822  4.016   1.00 38.27  ? 47 THR B O   1 
ATOM   937  C  CB  . THR B 1 47 ? -4.906  -5.881  4.343   1.00 38.73  ? 47 THR B CB  1 
ATOM   938  O  OG1 . THR B 1 47 ? -5.333  -7.233  4.157   1.00 45.04  ? 47 THR B OG1 1 
ATOM   939  C  CG2 . THR B 1 47 ? -5.205  -5.111  3.070   1.00 32.01  ? 47 THR B CG2 1 
ATOM   940  N  N   . GLN B 1 48 ? -3.119  -3.918  6.103   1.00 35.22  ? 48 GLN B N   1 
ATOM   941  C  CA  . GLN B 1 48 ? -2.665  -2.589  6.489   1.00 33.78  ? 48 GLN B CA  1 
ATOM   942  C  C   . GLN B 1 48 ? -1.145  -2.454  6.364   1.00 27.44  ? 48 GLN B C   1 
ATOM   943  O  O   . GLN B 1 48 ? -0.636  -1.453  5.849   1.00 40.66  ? 48 GLN B O   1 
ATOM   944  C  CB  . GLN B 1 48 ? -3.080  -2.330  7.939   1.00 47.46  ? 48 GLN B CB  1 
ATOM   945  C  CG  . GLN B 1 48 ? -3.773  -1.016  8.179   1.00 64.92  ? 48 GLN B CG  1 
ATOM   946  C  CD  . GLN B 1 48 ? -5.267  -1.120  8.040   1.00 56.17  ? 48 GLN B CD  1 
ATOM   947  O  OE1 . GLN B 1 48 ? -6.000  -0.807  8.970   1.00 73.16  ? 48 GLN B OE1 1 
ATOM   948  N  NE2 . GLN B 1 48 ? -5.730  -1.565  6.880   1.00 68.27  ? 48 GLN B NE2 1 
HETATM 949  N  N   . MSE B 1 49 ? -0.433  -3.456  6.881   1.00 32.44  ? 49 MSE B N   1 
HETATM 950  C  CA  . MSE B 1 49 ? 1.029   -3.519  6.833   1.00 33.16  ? 49 MSE B CA  1 
HETATM 951  C  C   . MSE B 1 49 ? 1.551   -3.576  5.391   1.00 34.90  ? 49 MSE B C   1 
HETATM 952  O  O   . MSE B 1 49 ? 2.516   -2.894  5.052   1.00 37.57  ? 49 MSE B O   1 
HETATM 953  C  CB  . MSE B 1 49 ? 1.519   -4.751  7.616   1.00 32.39  ? 49 MSE B CB  1 
HETATM 954  C  CG  . MSE B 1 49 ? 1.255   -4.674  9.130   1.00 43.68  ? 49 MSE B CG  1 
HETATM 955  SE SE  . MSE B 1 49 ? 2.263   -3.242  9.969   1.00 53.27  ? 49 MSE B SE  1 
HETATM 956  C  CE  . MSE B 1 49 ? 4.034   -4.139  10.016  1.00 47.07  ? 49 MSE B CE  1 
ATOM   957  N  N   . PHE B 1 50 ? 0.907   -4.403  4.565   1.00 36.82  ? 50 PHE B N   1 
ATOM   958  C  CA  . PHE B 1 50 ? 1.191   -4.496  3.131   1.00 36.75  ? 50 PHE B CA  1 
ATOM   959  C  C   . PHE B 1 50 ? 1.042   -3.148  2.433   1.00 37.62  ? 50 PHE B C   1 
ATOM   960  O  O   . PHE B 1 50 ? 1.895   -2.760  1.634   1.00 41.75  ? 50 PHE B O   1 
ATOM   961  C  CB  . PHE B 1 50 ? 0.289   -5.556  2.462   1.00 35.19  ? 50 PHE B CB  1 
ATOM   962  C  CG  . PHE B 1 50 ? 0.585   -5.776  0.988   1.00 36.80  ? 50 PHE B CG  1 
ATOM   963  C  CD1 . PHE B 1 50 ? 1.564   -6.680  0.586   1.00 47.77  ? 50 PHE B CD1 1 
ATOM   964  C  CD2 . PHE B 1 50 ? -0.120  -5.077  0.005   1.00 41.39  ? 50 PHE B CD2 1 
ATOM   965  C  CE1 . PHE B 1 50 ? 1.840   -6.881  -0.778  1.00 47.34  ? 50 PHE B CE1 1 
ATOM   966  C  CE2 . PHE B 1 50 ? 0.151   -5.267  -1.354  1.00 41.51  ? 50 PHE B CE2 1 
ATOM   967  C  CZ  . PHE B 1 50 ? 1.131   -6.175  -1.744  1.00 34.18  ? 50 PHE B CZ  1 
ATOM   968  N  N   . GLY B 1 51 ? -0.040  -2.437  2.742   1.00 40.26  ? 51 GLY B N   1 
ATOM   969  C  CA  . GLY B 1 51 ? -0.272  -1.103  2.195   1.00 29.94  ? 51 GLY B CA  1 
ATOM   970  C  C   . GLY B 1 51 ? 0.781   -0.094  2.596   1.00 33.77  ? 51 GLY B C   1 
ATOM   971  O  O   . GLY B 1 51 ? 1.242   0.707   1.773   1.00 32.67  ? 51 GLY B O   1 
ATOM   972  N  N   . LEU B 1 52 ? 1.168   -0.125  3.867   1.00 39.25  ? 52 LEU B N   1 
ATOM   973  C  CA  . LEU B 1 52 ? 2.190   0.787   4.358   1.00 36.30  ? 52 LEU B CA  1 
ATOM   974  C  C   . LEU B 1 52 ? 3.527   0.496   3.685   1.00 23.66  ? 52 LEU B C   1 
ATOM   975  O  O   . LEU B 1 52 ? 4.238   1.423   3.295   1.00 31.11  ? 52 LEU B O   1 
ATOM   976  C  CB  . LEU B 1 52 ? 2.331   0.697   5.884   1.00 44.04  ? 52 LEU B CB  1 
ATOM   977  C  CG  . LEU B 1 52 ? 3.394   1.588   6.552   1.00 36.65  ? 52 LEU B CG  1 
ATOM   978  C  CD1 . LEU B 1 52 ? 3.169   3.067   6.262   1.00 38.72  ? 52 LEU B CD1 1 
ATOM   979  C  CD2 . LEU B 1 52 ? 3.418   1.332   8.052   1.00 48.55  ? 52 LEU B CD2 1 
ATOM   980  N  N   . GLN B 1 53 ? 3.862   -0.792  3.590   1.00 33.07  ? 53 GLN B N   1 
ATOM   981  C  CA  . GLN B 1 53 ? 5.072   -1.258  2.899   1.00 42.98  ? 53 GLN B CA  1 
ATOM   982  C  C   . GLN B 1 53 ? 5.143   -0.767  1.446   1.00 40.93  ? 53 GLN B C   1 
ATOM   983  O  O   . GLN B 1 53 ? 6.214   -0.387  0.966   1.00 45.86  ? 53 GLN B O   1 
ATOM   984  C  CB  . GLN B 1 53 ? 5.158   -2.789  2.949   1.00 37.19  ? 53 GLN B CB  1 
ATOM   985  C  CG  . GLN B 1 53 ? 6.477   -3.366  2.410   1.00 51.92  ? 53 GLN B CG  1 
ATOM   986  C  CD  . GLN B 1 53 ? 7.647   -3.140  3.352   1.00 41.84  ? 53 GLN B CD  1 
ATOM   987  O  OE1 . GLN B 1 53 ? 7.756   -3.792  4.388   1.00 57.68  ? 53 GLN B OE1 1 
ATOM   988  N  NE2 . GLN B 1 53 ? 8.528   -2.214  2.993   1.00 39.44  ? 53 GLN B NE2 1 
ATOM   989  N  N   . LYS B 1 54 ? 4.001   -0.761  0.762   1.00 45.58  ? 54 LYS B N   1 
ATOM   990  C  CA  . LYS B 1 54 ? 3.915   -0.262  -0.621  1.00 36.58  ? 54 LYS B CA  1 
ATOM   991  C  C   . LYS B 1 54 ? 4.231   1.223   -0.736  1.00 45.86  ? 54 LYS B C   1 
ATOM   992  O  O   . LYS B 1 54 ? 4.950   1.630   -1.647  1.00 43.26  ? 54 LYS B O   1 
ATOM   993  C  CB  . LYS B 1 54 ? 2.547   -0.574  -1.248  1.00 38.83  ? 54 LYS B CB  1 
ATOM   994  C  CG  . LYS B 1 54 ? 2.299   -2.067  -1.472  1.00 36.98  ? 54 LYS B CG  1 
ATOM   995  C  CD  . LYS B 1 54 ? 3.475   -2.719  -2.193  1.00 38.06  ? 54 LYS B CD  1 
ATOM   996  C  CE  . LYS B 1 54 ? 3.899   -3.999  -1.483  1.00 59.17  ? 54 LYS B CE  1 
ATOM   997  N  NZ  . LYS B 1 54 ? 5.314   -4.382  -1.780  1.00 64.39  ? 54 LYS B NZ  1 
ATOM   998  N  N   . GLU B 1 55 ? 3.700   2.020   0.192   1.00 38.33  ? 55 GLU B N   1 
ATOM   999  C  CA  . GLU B 1 55 ? 4.011   3.449   0.263   1.00 42.47  ? 55 GLU B CA  1 
ATOM   1000 C  C   . GLU B 1 55 ? 5.490   3.680   0.547   1.00 36.70  ? 55 GLU B C   1 
ATOM   1001 O  O   . GLU B 1 55 ? 6.107   4.567   -0.037  1.00 42.06  ? 55 GLU B O   1 
ATOM   1002 C  CB  . GLU B 1 55 ? 3.208   4.141   1.367   1.00 39.67  ? 55 GLU B CB  1 
ATOM   1003 C  CG  . GLU B 1 55 ? 1.706   4.083   1.250   1.00 47.69  ? 55 GLU B CG  1 
ATOM   1004 C  CD  . GLU B 1 55 ? 1.015   4.814   2.400   1.00 54.65  ? 55 GLU B CD  1 
ATOM   1005 O  OE1 . GLU B 1 55 ? 1.717   5.297   3.317   1.00 48.27  ? 55 GLU B OE1 1 
ATOM   1006 O  OE2 . GLU B 1 55 ? -0.230  4.917   2.381   1.00 53.79  ? 55 GLU B OE2 1 
ATOM   1007 N  N   . VAL B 1 56 ? 6.042   2.902   1.476   1.00 44.10  ? 56 VAL B N   1 
ATOM   1008 C  CA  . VAL B 1 56 ? 7.447   3.033   1.857   1.00 33.99  ? 56 VAL B CA  1 
ATOM   1009 C  C   . VAL B 1 56 ? 8.369   2.804   0.657   1.00 40.46  ? 56 VAL B C   1 
ATOM   1010 O  O   . VAL B 1 56 ? 9.167   3.684   0.329   1.00 47.49  ? 56 VAL B O   1 
ATOM   1011 C  CB  . VAL B 1 56 ? 7.825   2.098   3.047   1.00 32.80  ? 56 VAL B CB  1 
ATOM   1012 C  CG1 . VAL B 1 56 ? 9.332   1.966   3.171   1.00 35.60  ? 56 VAL B CG1 1 
ATOM   1013 C  CG2 . VAL B 1 56 ? 7.245   2.638   4.357   1.00 38.73  ? 56 VAL B CG2 1 
ATOM   1014 N  N   . ASP B 1 57 ? 8.244   1.641   0.007   1.00 45.53  ? 57 ASP B N   1 
ATOM   1015 C  CA  . ASP B 1 57 ? 9.031   1.307   -1.198  1.00 43.01  ? 57 ASP B CA  1 
ATOM   1016 C  C   . ASP B 1 57 ? 8.894   2.370   -2.281  1.00 41.00  ? 57 ASP B C   1 
ATOM   1017 O  O   . ASP B 1 57 ? 9.888   2.803   -2.855  1.00 56.19  ? 57 ASP B O   1 
ATOM   1018 C  CB  . ASP B 1 57 ? 8.615   -0.048  -1.780  1.00 38.88  ? 57 ASP B CB  1 
ATOM   1019 C  CG  . ASP B 1 57 ? 8.717   -1.171  -0.780  1.00 40.60  ? 57 ASP B CG  1 
ATOM   1020 O  OD1 . ASP B 1 57 ? 9.445   -1.024  0.227   1.00 50.09  ? 57 ASP B OD1 1 
ATOM   1021 O  OD2 . ASP B 1 57 ? 8.054   -2.208  -0.998  1.00 54.06  ? 57 ASP B OD2 1 
ATOM   1022 N  N   . PHE B 1 58 ? 7.654   2.776   -2.546  1.00 44.46  ? 58 PHE B N   1 
ATOM   1023 C  CA  . PHE B 1 58 ? 7.351   3.848   -3.487  1.00 36.57  ? 58 PHE B CA  1 
ATOM   1024 C  C   . PHE B 1 58 ? 8.178   5.104   -3.195  1.00 50.91  ? 58 PHE B C   1 
ATOM   1025 O  O   . PHE B 1 58 ? 8.858   5.616   -4.083  1.00 45.84  ? 58 PHE B O   1 
ATOM   1026 C  CB  . PHE B 1 58 ? 5.840   4.148   -3.475  1.00 43.70  ? 58 PHE B CB  1 
ATOM   1027 C  CG  . PHE B 1 58 ? 5.416   5.244   -4.418  1.00 43.51  ? 58 PHE B CG  1 
ATOM   1028 C  CD1 . PHE B 1 58 ? 5.082   6.504   -3.932  1.00 48.82  ? 58 PHE B CD1 1 
ATOM   1029 C  CD2 . PHE B 1 58 ? 5.345   5.014   -5.787  1.00 52.99  ? 58 PHE B CD2 1 
ATOM   1030 C  CE1 . PHE B 1 58 ? 4.695   7.517   -4.794  1.00 54.17  ? 58 PHE B CE1 1 
ATOM   1031 C  CE2 . PHE B 1 58 ? 4.962   6.026   -6.663  1.00 46.13  ? 58 PHE B CE2 1 
ATOM   1032 C  CZ  . PHE B 1 58 ? 4.630   7.277   -6.165  1.00 53.03  ? 58 PHE B CZ  1 
ATOM   1033 N  N   . ALA B 1 59 ? 8.141   5.577   -1.947  1.00 49.61  ? 59 ALA B N   1 
ATOM   1034 C  CA  . ALA B 1 59 ? 8.908   6.760   -1.536  1.00 48.53  ? 59 ALA B CA  1 
ATOM   1035 C  C   . ALA B 1 59 ? 10.427  6.552   -1.569  1.00 51.74  ? 59 ALA B C   1 
ATOM   1036 O  O   . ALA B 1 59 ? 11.175  7.483   -1.872  1.00 54.03  ? 59 ALA B O   1 
ATOM   1037 C  CB  . ALA B 1 59 ? 8.462   7.239   -0.153  1.00 53.68  ? 59 ALA B CB  1 
ATOM   1038 N  N   . VAL B 1 60 ? 10.874  5.343   -1.247  1.00 49.85  ? 60 VAL B N   1 
ATOM   1039 C  CA  . VAL B 1 60 ? 12.302  5.016   -1.243  1.00 53.28  ? 60 VAL B CA  1 
ATOM   1040 C  C   . VAL B 1 60 ? 12.850  5.002   -2.674  1.00 64.14  ? 60 VAL B C   1 
ATOM   1041 O  O   . VAL B 1 60 ? 13.911  5.576   -2.945  1.00 61.45  ? 60 VAL B O   1 
ATOM   1042 C  CB  . VAL B 1 60 ? 12.593  3.671   -0.511  1.00 58.21  ? 60 VAL B CB  1 
ATOM   1043 C  CG1 . VAL B 1 60 ? 14.049  3.235   -0.696  1.00 45.38  ? 60 VAL B CG1 1 
ATOM   1044 C  CG2 . VAL B 1 60 ? 12.262  3.784   0.977   1.00 50.97  ? 60 VAL B CG2 1 
ATOM   1045 N  N   . LYS B 1 61 ? 12.107  4.366   -3.581  1.00 57.49  ? 61 LYS B N   1 
ATOM   1046 C  CA  . LYS B 1 61 ? 12.441  4.331   -5.009  1.00 61.77  ? 61 LYS B CA  1 
ATOM   1047 C  C   . LYS B 1 61 ? 12.571  5.724   -5.631  1.00 57.12  ? 61 LYS B C   1 
ATOM   1048 O  O   . LYS B 1 61 ? 13.434  5.954   -6.478  1.00 69.48  ? 61 LYS B O   1 
ATOM   1049 C  CB  . LYS B 1 61 ? 11.402  3.518   -5.790  1.00 50.30  ? 61 LYS B CB  1 
ATOM   1050 C  CG  . LYS B 1 61 ? 11.491  2.015   -5.578  1.00 59.96  ? 61 LYS B CG  1 
ATOM   1051 C  CD  . LYS B 1 61 ? 10.392  1.291   -6.340  1.00 54.91  ? 61 LYS B CD  1 
ATOM   1052 C  CE  . LYS B 1 61 ? 10.314  -0.165  -5.930  1.00 62.91  ? 61 LYS B CE  1 
ATOM   1053 N  NZ  . LYS B 1 61 ? 9.129   -0.842  -6.523  1.00 53.94  ? 61 LYS B NZ  1 
ATOM   1054 N  N   . LEU B 1 62 ? 11.714  6.647   -5.210  1.00 58.50  ? 62 LEU B N   1 
ATOM   1055 C  CA  . LEU B 1 62 ? 11.719  7.999   -5.757  1.00 54.82  ? 62 LEU B CA  1 
ATOM   1056 C  C   . LEU B 1 62 ? 12.766  8.912   -5.112  1.00 55.32  ? 62 LEU B C   1 
ATOM   1057 O  O   . LEU B 1 62 ? 12.921  10.066  -5.518  1.00 60.16  ? 62 LEU B O   1 
ATOM   1058 C  CB  . LEU B 1 62 ? 10.325  8.621   -5.661  1.00 46.79  ? 62 LEU B CB  1 
ATOM   1059 C  CG  . LEU B 1 62 ? 9.185   7.953   -6.434  1.00 55.62  ? 62 LEU B CG  1 
ATOM   1060 C  CD1 . LEU B 1 62 ? 7.873   8.606   -6.050  1.00 51.10  ? 62 LEU B CD1 1 
ATOM   1061 C  CD2 . LEU B 1 62 ? 9.398   8.024   -7.938  1.00 59.82  ? 62 LEU B CD2 1 
ATOM   1062 N  N   . GLY B 1 63 ? 13.476  8.392   -4.111  1.00 59.41  ? 63 GLY B N   1 
ATOM   1063 C  CA  . GLY B 1 63 ? 14.520  9.140   -3.416  1.00 58.55  ? 63 GLY B CA  1 
ATOM   1064 C  C   . GLY B 1 63 ? 13.977  10.216  -2.495  1.00 63.71  ? 63 GLY B C   1 
ATOM   1065 O  O   . GLY B 1 63 ? 14.703  11.135  -2.106  1.00 59.99  ? 63 GLY B O   1 
ATOM   1066 N  N   . LEU B 1 64 ? 12.696  10.103  -2.154  1.00 66.38  ? 64 LEU B N   1 
ATOM   1067 C  CA  . LEU B 1 64 ? 12.036  11.042  -1.251  1.00 57.75  ? 64 LEU B CA  1 
ATOM   1068 C  C   . LEU B 1 64 ? 12.341  10.699  0.200   1.00 55.77  ? 64 LEU B C   1 
ATOM   1069 O  O   . LEU B 1 64 ? 12.398  11.582  1.061   1.00 61.03  ? 64 LEU B O   1 
ATOM   1070 C  CB  . LEU B 1 64 ? 10.521  11.024  -1.465  1.00 49.55  ? 64 LEU B CB  1 
ATOM   1071 C  CG  . LEU B 1 64 ? 9.913   11.602  -2.743  1.00 60.35  ? 64 LEU B CG  1 
ATOM   1072 C  CD1 . LEU B 1 64 ? 8.418   11.331  -2.758  1.00 50.07  ? 64 LEU B CD1 1 
ATOM   1073 C  CD2 . LEU B 1 64 ? 10.189  13.094  -2.862  1.00 55.67  ? 64 LEU B CD2 1 
ATOM   1074 N  N   . VAL B 1 65 ? 12.518  9.407   0.456   1.00 53.73  ? 65 VAL B N   1 
ATOM   1075 C  CA  . VAL B 1 65 ? 12.763  8.883   1.795   1.00 55.99  ? 65 VAL B CA  1 
ATOM   1076 C  C   . VAL B 1 65 ? 13.959  7.944   1.698   1.00 51.12  ? 65 VAL B C   1 
ATOM   1077 O  O   . VAL B 1 65 ? 14.103  7.210   0.720   1.00 56.30  ? 65 VAL B O   1 
ATOM   1078 C  CB  . VAL B 1 65 ? 11.494  8.156   2.364   1.00 56.75  ? 65 VAL B CB  1 
ATOM   1079 C  CG1 . VAL B 1 65 ? 11.768  7.456   3.700   1.00 38.95  ? 65 VAL B CG1 1 
ATOM   1080 C  CG2 . VAL B 1 65 ? 10.352  9.136   2.528   1.00 44.70  ? 65 VAL B CG2 1 
ATOM   1081 N  N   . ASP B 1 66 ? 14.827  7.992   2.702   1.00 61.59  ? 66 ASP B N   1 
ATOM   1082 C  CA  . ASP B 1 66 ? 16.004  7.134   2.750   1.00 56.08  ? 66 ASP B CA  1 
ATOM   1083 C  C   . ASP B 1 66 ? 15.599  5.713   3.123   1.00 61.30  ? 66 ASP B C   1 
ATOM   1084 O  O   . ASP B 1 66 ? 14.665  5.509   3.896   1.00 63.83  ? 66 ASP B O   1 
ATOM   1085 C  CB  . ASP B 1 66 ? 17.027  7.690   3.745   1.00 77.26  ? 66 ASP B CB  1 
ATOM   1086 C  CG  . ASP B 1 66 ? 17.228  9.193   3.600   1.00 92.27  ? 66 ASP B CG  1 
ATOM   1087 O  OD1 . ASP B 1 66 ? 18.345  9.615   3.229   1.00 98.77  ? 66 ASP B OD1 1 
ATOM   1088 O  OD2 . ASP B 1 66 ? 16.264  9.955   3.842   1.00 100.20 ? 66 ASP B OD2 1 
ATOM   1089 N  N   . ARG B 1 67 ? 16.312  4.740   2.564   1.00 58.64  ? 67 ARG B N   1 
ATOM   1090 C  CA  . ARG B 1 67 ? 15.989  3.321   2.718   1.00 62.27  ? 67 ARG B CA  1 
ATOM   1091 C  C   . ARG B 1 67 ? 15.932  2.846   4.179   1.00 64.06  ? 67 ARG B C   1 
ATOM   1092 O  O   . ARG B 1 67 ? 15.100  2.006   4.528   1.00 61.40  ? 67 ARG B O   1 
ATOM   1093 C  CB  . ARG B 1 67 ? 16.981  2.478   1.914   1.00 52.75  ? 67 ARG B CB  1 
ATOM   1094 C  CG  . ARG B 1 67 ? 16.599  1.014   1.754   1.00 69.64  ? 67 ARG B CG  1 
ATOM   1095 C  CD  . ARG B 1 67 ? 17.636  0.271   0.925   1.00 83.57  ? 67 ARG B CD  1 
ATOM   1096 N  NE  . ARG B 1 67 ? 17.517  -1.181  1.063   1.00 96.73  ? 67 ARG B NE  1 
ATOM   1097 C  CZ  . ARG B 1 67 ? 16.762  -1.957  0.289   1.00 98.27  ? 67 ARG B CZ  1 
ATOM   1098 N  NH1 . ARG B 1 67 ? 16.727  -3.266  0.505   1.00 97.01  ? 67 ARG B NH1 1 
ATOM   1099 N  NH2 . ARG B 1 67 ? 16.042  -1.435  -0.697  1.00 100.11 ? 67 ARG B NH2 1 
ATOM   1100 N  N   . GLU B 1 68 ? 16.821  3.378   5.018   1.00 72.33  ? 68 GLU B N   1 
ATOM   1101 C  CA  . GLU B 1 68 ? 16.863  3.024   6.442   1.00 65.09  ? 68 GLU B CA  1 
ATOM   1102 C  C   . GLU B 1 68 ? 15.816  3.766   7.274   1.00 56.95  ? 68 GLU B C   1 
ATOM   1103 O  O   . GLU B 1 68 ? 15.444  3.309   8.355   1.00 63.18  ? 68 GLU B O   1 
ATOM   1104 C  CB  . GLU B 1 68 ? 18.271  3.220   7.018   1.00 69.14  ? 68 GLU B CB  1 
ATOM   1105 C  CG  . GLU B 1 68 ? 19.098  1.929   7.089   1.00 78.65  ? 68 GLU B CG  1 
ATOM   1106 C  CD  . GLU B 1 68 ? 19.273  1.243   5.738   1.00 85.62  ? 68 GLU B CD  1 
ATOM   1107 O  OE1 . GLU B 1 68 ? 19.022  0.020   5.650   1.00 85.91  ? 68 GLU B OE1 1 
ATOM   1108 O  OE2 . GLU B 1 68 ? 19.658  1.925   4.764   1.00 88.93  ? 68 GLU B OE2 1 
ATOM   1109 N  N   . ASP B 1 69 ? 15.347  4.905   6.770   1.00 55.11  ? 69 ASP B N   1 
ATOM   1110 C  CA  . ASP B 1 69 ? 14.201  5.590   7.364   1.00 55.78  ? 69 ASP B CA  1 
ATOM   1111 C  C   . ASP B 1 69 ? 12.922  4.784   7.137   1.00 57.77  ? 69 ASP B C   1 
ATOM   1112 O  O   . ASP B 1 69 ? 12.075  4.696   8.023   1.00 58.84  ? 69 ASP B O   1 
ATOM   1113 C  CB  . ASP B 1 69 ? 14.052  7.008   6.806   1.00 64.63  ? 69 ASP B CB  1 
ATOM   1114 C  CG  . ASP B 1 69 ? 15.009  8.003   7.451   1.00 72.64  ? 69 ASP B CG  1 
ATOM   1115 O  OD1 . ASP B 1 69 ? 15.021  9.174   7.013   1.00 71.29  ? 69 ASP B OD1 1 
ATOM   1116 O  OD2 . ASP B 1 69 ? 15.743  7.624   8.392   1.00 71.49  ? 69 ASP B OD2 1 
ATOM   1117 N  N   . GLY B 1 70 ? 12.799  4.193   5.948   1.00 48.96  ? 70 GLY B N   1 
ATOM   1118 C  CA  . GLY B 1 70 ? 11.699  3.283   5.638   1.00 48.61  ? 70 GLY B CA  1 
ATOM   1119 C  C   . GLY B 1 70 ? 11.748  1.994   6.444   1.00 52.79  ? 70 GLY B C   1 
ATOM   1120 O  O   . GLY B 1 70 ? 10.716  1.490   6.877   1.00 50.22  ? 70 GLY B O   1 
ATOM   1121 N  N   . LYS B 1 71 ? 12.953  1.462   6.644   1.00 55.81  ? 71 LYS B N   1 
ATOM   1122 C  CA  . LYS B 1 71 ? 13.150  0.228   7.406   1.00 46.34  ? 71 LYS B CA  1 
ATOM   1123 C  C   . LYS B 1 71 ? 12.877  0.373   8.905   1.00 50.16  ? 71 LYS B C   1 
ATOM   1124 O  O   . LYS B 1 71 ? 12.452  -0.583  9.552   1.00 50.80  ? 71 LYS B O   1 
ATOM   1125 C  CB  . LYS B 1 71 ? 14.558  -0.329  7.177   1.00 59.00  ? 71 LYS B CB  1 
ATOM   1126 C  CG  . LYS B 1 71 ? 14.656  -1.239  5.966   1.00 70.76  ? 71 LYS B CG  1 
ATOM   1127 C  CD  . LYS B 1 71 ? 15.985  -1.973  5.909   1.00 77.97  ? 71 LYS B CD  1 
ATOM   1128 C  CE  . LYS B 1 71 ? 16.009  -2.966  4.752   1.00 82.49  ? 71 LYS B CE  1 
ATOM   1129 N  NZ  . LYS B 1 71 ? 17.358  -3.569  4.555   1.00 79.57  ? 71 LYS B NZ  1 
ATOM   1130 N  N   . GLN B 1 72 ? 13.136  1.566   9.440   1.00 39.61  ? 72 GLN B N   1 
ATOM   1131 C  CA  . GLN B 1 72 ? 12.870  1.902   10.837  1.00 52.08  ? 72 GLN B CA  1 
ATOM   1132 C  C   . GLN B 1 72 ? 11.382  2.103   11.089  1.00 45.54  ? 72 GLN B C   1 
ATOM   1133 O  O   . GLN B 1 72 ? 10.876  1.748   12.155  1.00 49.27  ? 72 GLN B O   1 
ATOM   1134 C  CB  . GLN B 1 72 ? 13.643  3.165   11.242  1.00 48.55  ? 72 GLN B CB  1 
ATOM   1135 C  CG  . GLN B 1 72 ? 14.977  2.885   11.923  1.00 71.54  ? 72 GLN B CG  1 
ATOM   1136 C  CD  . GLN B 1 72 ? 14.834  2.624   13.418  1.00 79.70  ? 72 GLN B CD  1 
ATOM   1137 O  OE1 . GLN B 1 72 ? 15.262  1.583   13.920  1.00 73.64  ? 72 GLN B OE1 1 
ATOM   1138 N  NE2 . GLN B 1 72 ? 14.226  3.572   14.135  1.00 76.90  ? 72 GLN B NE2 1 
ATOM   1139 N  N   . ILE B 1 73 ? 10.699  2.683   10.102  1.00 48.97  ? 73 ILE B N   1 
ATOM   1140 C  CA  . ILE B 1 73 ? 9.243   2.812   10.114  1.00 46.40  ? 73 ILE B CA  1 
ATOM   1141 C  C   . ILE B 1 73 ? 8.566   1.443   10.194  1.00 44.08  ? 73 ILE B C   1 
ATOM   1142 O  O   . ILE B 1 73 ? 7.687   1.227   11.026  1.00 49.53  ? 73 ILE B O   1 
ATOM   1143 C  CB  . ILE B 1 73 ? 8.738   3.600   8.875   1.00 50.45  ? 73 ILE B CB  1 
ATOM   1144 C  CG1 . ILE B 1 73 ? 9.076   5.084   9.029   1.00 44.02  ? 73 ILE B CG1 1 
ATOM   1145 C  CG2 . ILE B 1 73 ? 7.224   3.412   8.675   1.00 49.78  ? 73 ILE B CG2 1 
ATOM   1146 C  CD1 . ILE B 1 73 ? 9.181   5.840   7.732   1.00 36.24  ? 73 ILE B CD1 1 
HETATM 1147 N  N   . MSE B 1 74 ? 8.984   0.523   9.330   1.00 43.14  ? 74 MSE B N   1 
HETATM 1148 C  CA  . MSE B 1 74 ? 8.394   -0.807  9.286   1.00 44.03  ? 74 MSE B CA  1 
HETATM 1149 C  C   . MSE B 1 74 ? 8.707   -1.607  10.546  1.00 49.89  ? 74 MSE B C   1 
HETATM 1150 O  O   . MSE B 1 74 ? 7.821   -2.262  11.104  1.00 48.91  ? 74 MSE B O   1 
HETATM 1151 C  CB  . MSE B 1 74 ? 8.863   -1.567  8.036   1.00 47.81  ? 74 MSE B CB  1 
HETATM 1152 C  CG  . MSE B 1 74 ? 8.413   -0.955  6.720   1.00 39.84  ? 74 MSE B CG  1 
HETATM 1153 SE SE  . MSE B 1 74 ? 6.463   -0.687  6.558   1.00 51.35  ? 74 MSE B SE  1 
HETATM 1154 C  CE  . MSE B 1 74 ? 5.884   -2.460  6.934   1.00 27.45  ? 74 MSE B CE  1 
ATOM   1155 N  N   . LEU B 1 75 ? 9.963   -1.539  10.992  1.00 44.31  ? 75 LEU B N   1 
ATOM   1156 C  CA  . LEU B 1 75 ? 10.417  -2.257  12.185  1.00 43.08  ? 75 LEU B CA  1 
ATOM   1157 C  C   . LEU B 1 75 ? 9.611   -1.869  13.428  1.00 35.25  ? 75 LEU B C   1 
ATOM   1158 O  O   . LEU B 1 75 ? 9.195   -2.741  14.204  1.00 40.06  ? 75 LEU B O   1 
ATOM   1159 C  CB  . LEU B 1 75 ? 11.907  -1.990  12.432  1.00 49.69  ? 75 LEU B CB  1 
ATOM   1160 C  CG  . LEU B 1 75 ? 12.804  -3.009  13.150  1.00 61.15  ? 75 LEU B CG  1 
ATOM   1161 C  CD1 . LEU B 1 75 ? 14.194  -2.416  13.332  1.00 61.17  ? 75 LEU B CD1 1 
ATOM   1162 C  CD2 . LEU B 1 75 ? 12.263  -3.462  14.498  1.00 68.68  ? 75 LEU B CD2 1 
ATOM   1163 N  N   . ARG B 1 76 ? 9.403   -0.566  13.622  1.00 43.70  ? 76 ARG B N   1 
ATOM   1164 C  CA  . ARG B 1 76 ? 8.636   -0.075  14.770  1.00 37.68  ? 76 ARG B CA  1 
ATOM   1165 C  C   . ARG B 1 76 ? 7.285   -0.793  14.866  1.00 42.10  ? 76 ARG B C   1 
ATOM   1166 O  O   . ARG B 1 76 ? 6.900   -1.263  15.936  1.00 42.79  ? 76 ARG B O   1 
ATOM   1167 C  CB  . ARG B 1 76 ? 8.455   1.449   14.712  1.00 30.32  ? 76 ARG B CB  1 
ATOM   1168 C  CG  . ARG B 1 76 ? 7.794   2.027   15.981  1.00 50.45  ? 76 ARG B CG  1 
ATOM   1169 C  CD  . ARG B 1 76 ? 7.613   3.548   15.958  1.00 53.15  ? 76 ARG B CD  1 
ATOM   1170 N  NE  . ARG B 1 76 ? 6.786   4.006   14.843  1.00 58.17  ? 76 ARG B NE  1 
ATOM   1171 C  CZ  . ARG B 1 76 ? 5.915   5.012   14.898  1.00 55.95  ? 76 ARG B CZ  1 
ATOM   1172 N  NH1 . ARG B 1 76 ? 5.722   5.678   16.029  1.00 60.55  ? 76 ARG B NH1 1 
ATOM   1173 N  NH2 . ARG B 1 76 ? 5.220   5.343   13.817  1.00 65.62  ? 76 ARG B NH2 1 
ATOM   1174 N  N   . LEU B 1 77 ? 6.588   -0.893  13.734  1.00 41.11  ? 77 LEU B N   1 
ATOM   1175 C  CA  . LEU B 1 77 ? 5.291   -1.567  13.673  1.00 34.67  ? 77 LEU B CA  1 
ATOM   1176 C  C   . LEU B 1 77 ? 5.384   -3.095  13.735  1.00 39.11  ? 77 LEU B C   1 
ATOM   1177 O  O   . LEU B 1 77 ? 4.548   -3.746  14.367  1.00 44.27  ? 77 LEU B O   1 
ATOM   1178 C  CB  . LEU B 1 77 ? 4.513   -1.123  12.428  1.00 41.33  ? 77 LEU B CB  1 
ATOM   1179 C  CG  . LEU B 1 77 ? 3.606   0.105   12.593  1.00 49.92  ? 77 LEU B CG  1 
ATOM   1180 C  CD1 . LEU B 1 77 ? 4.377   1.408   12.617  1.00 41.60  ? 77 LEU B CD1 1 
ATOM   1181 C  CD2 . LEU B 1 77 ? 2.591   0.138   11.481  1.00 43.07  ? 77 LEU B CD2 1 
ATOM   1182 N  N   . GLU B 1 78 ? 6.393   -3.664  13.079  1.00 33.15  ? 78 GLU B N   1 
ATOM   1183 C  CA  . GLU B 1 78 ? 6.610   -5.117  13.109  1.00 36.88  ? 78 GLU B CA  1 
ATOM   1184 C  C   . GLU B 1 78 ? 6.866   -5.632  14.523  1.00 43.15  ? 78 GLU B C   1 
ATOM   1185 O  O   . GLU B 1 78 ? 6.430   -6.728  14.872  1.00 51.06  ? 78 GLU B O   1 
ATOM   1186 C  CB  . GLU B 1 78 ? 7.768   -5.510  12.187  1.00 48.62  ? 78 GLU B CB  1 
ATOM   1187 C  CG  . GLU B 1 78 ? 7.431   -5.431  10.700  1.00 64.00  ? 78 GLU B CG  1 
ATOM   1188 C  CD  . GLU B 1 78 ? 8.657   -5.398  9.796   1.00 73.04  ? 78 GLU B CD  1 
ATOM   1189 O  OE1 . GLU B 1 78 ? 9.789   -5.183  10.296  1.00 77.16  ? 78 GLU B OE1 1 
ATOM   1190 O  OE2 . GLU B 1 78 ? 8.480   -5.577  8.570   1.00 72.28  ? 78 GLU B OE2 1 
ATOM   1191 N  N   . LYS B 1 79 ? 7.570   -4.840  15.333  1.00 45.95  ? 79 LYS B N   1 
ATOM   1192 C  CA  . LYS B 1 79 ? 7.821   -5.191  16.732  1.00 53.15  ? 79 LYS B CA  1 
ATOM   1193 C  C   . LYS B 1 79 ? 6.502   -5.300  17.486  1.00 39.38  ? 79 LYS B C   1 
ATOM   1194 O  O   . LYS B 1 79 ? 6.255   -6.277  18.197  1.00 46.15  ? 79 LYS B O   1 
ATOM   1195 C  CB  . LYS B 1 79 ? 8.718   -4.152  17.405  1.00 40.82  ? 79 LYS B CB  1 
ATOM   1196 C  CG  . LYS B 1 79 ? 9.505   -4.685  18.596  1.00 68.38  ? 79 LYS B CG  1 
ATOM   1197 C  CD  . LYS B 1 79 ? 10.034  -3.560  19.488  1.00 74.67  ? 79 LYS B CD  1 
ATOM   1198 C  CE  . LYS B 1 79 ? 9.068   -3.248  20.631  1.00 82.68  ? 79 LYS B CE  1 
ATOM   1199 N  NZ  . LYS B 1 79 ? 9.600   -2.223  21.577  1.00 79.61  ? 79 LYS B NZ  1 
ATOM   1200 N  N   . GLU B 1 80 ? 5.650   -4.297  17.300  1.00 48.28  ? 80 GLU B N   1 
ATOM   1201 C  CA  . GLU B 1 80 ? 4.366   -4.237  17.980  1.00 43.21  ? 80 GLU B CA  1 
ATOM   1202 C  C   . GLU B 1 80 ? 3.424   -5.335  17.498  1.00 37.09  ? 80 GLU B C   1 
ATOM   1203 O  O   . GLU B 1 80 ? 2.745   -5.973  18.302  1.00 48.76  ? 80 GLU B O   1 
ATOM   1204 C  CB  . GLU B 1 80 ? 3.743   -2.853  17.813  1.00 34.66  ? 80 GLU B CB  1 
ATOM   1205 C  CG  . GLU B 1 80 ? 2.968   -2.366  19.035  1.00 56.82  ? 80 GLU B CG  1 
ATOM   1206 C  CD  . GLU B 1 80 ? 3.815   -2.268  20.307  1.00 60.45  ? 80 GLU B CD  1 
ATOM   1207 O  OE1 . GLU B 1 80 ? 5.059   -2.135  20.221  1.00 57.31  ? 80 GLU B OE1 1 
ATOM   1208 O  OE2 . GLU B 1 80 ? 3.221   -2.317  21.405  1.00 75.39  ? 80 GLU B OE2 1 
ATOM   1209 N  N   . LEU B 1 81 ? 3.404   -5.567  16.188  1.00 41.71  ? 81 LEU B N   1 
ATOM   1210 C  CA  . LEU B 1 81 ? 2.587   -6.632  15.606  1.00 40.54  ? 81 LEU B CA  1 
ATOM   1211 C  C   . LEU B 1 81 ? 3.020   -8.039  16.069  1.00 39.95  ? 81 LEU B C   1 
ATOM   1212 O  O   . LEU B 1 81 ? 2.174   -8.919  16.262  1.00 42.98  ? 81 LEU B O   1 
ATOM   1213 C  CB  . LEU B 1 81 ? 2.586   -6.524  14.077  1.00 46.24  ? 81 LEU B CB  1 
ATOM   1214 C  CG  . LEU B 1 81 ? 1.524   -7.318  13.314  1.00 47.42  ? 81 LEU B CG  1 
ATOM   1215 C  CD1 . LEU B 1 81 ? 0.179   -6.623  13.362  1.00 39.67  ? 81 LEU B CD1 1 
ATOM   1216 C  CD2 . LEU B 1 81 ? 1.966   -7.570  11.863  1.00 46.99  ? 81 LEU B CD2 1 
ATOM   1217 N  N   . SER B 1 82 ? 4.326   -8.249  16.250  1.00 44.21  ? 82 SER B N   1 
ATOM   1218 C  CA  . SER B 1 82 ? 4.836   -9.521  16.805  1.00 47.75  ? 82 SER B CA  1 
ATOM   1219 C  C   . SER B 1 82 ? 4.334   -9.770  18.230  1.00 34.20  ? 82 SER B C   1 
ATOM   1220 O  O   . SER B 1 82 ? 3.909   -10.880 18.553  1.00 48.40  ? 82 SER B O   1 
ATOM   1221 C  CB  . SER B 1 82 ? 6.366   -9.574  16.765  1.00 61.77  ? 82 SER B CB  1 
ATOM   1222 O  OG  . SER B 1 82 ? 6.838   -9.667  15.432  1.00 70.65  ? 82 SER B OG  1 
ATOM   1223 N  N   . LYS B 1 83 ? 4.377   -8.731  19.067  1.00 38.26  ? 83 LYS B N   1 
ATOM   1224 C  CA  . LYS B 1 83 ? 3.732   -8.731  20.388  1.00 39.10  ? 83 LYS B CA  1 
ATOM   1225 C  C   . LYS B 1 83 ? 2.284   -9.180  20.316  1.00 48.23  ? 83 LYS B C   1 
ATOM   1226 O  O   . LYS B 1 83 ? 1.848   -10.035 21.092  1.00 44.33  ? 83 LYS B O   1 
ATOM   1227 C  CB  . LYS B 1 83 ? 3.737   -7.324  20.995  1.00 44.57  ? 83 LYS B CB  1 
ATOM   1228 C  CG  . LYS B 1 83 ? 4.884   -6.996  21.923  1.00 62.78  ? 83 LYS B CG  1 
ATOM   1229 C  CD  . LYS B 1 83 ? 4.476   -5.840  22.835  1.00 54.25  ? 83 LYS B CD  1 
ATOM   1230 C  CE  . LYS B 1 83 ? 5.670   -5.014  23.273  1.00 79.41  ? 83 LYS B CE  1 
ATOM   1231 N  NZ  . LYS B 1 83 ? 5.228   -3.801  24.018  1.00 82.21  ? 83 LYS B NZ  1 
ATOM   1232 N  N   . LEU B 1 84 ? 1.534   -8.573  19.398  1.00 46.24  ? 84 LEU B N   1 
ATOM   1233 C  CA  . LEU B 1 84 ? 0.118   -8.887  19.240  1.00 43.59  ? 84 LEU B CA  1 
ATOM   1234 C  C   . LEU B 1 84 ? -0.090  -10.340 18.814  1.00 27.16  ? 84 LEU B C   1 
ATOM   1235 O  O   . LEU B 1 84 ? -0.943  -11.035 19.367  1.00 44.29  ? 84 LEU B O   1 
ATOM   1236 C  CB  . LEU B 1 84 ? -0.549  -7.914  18.261  1.00 41.69  ? 84 LEU B CB  1 
ATOM   1237 C  CG  . LEU B 1 84 ? -2.050  -8.041  17.975  1.00 48.66  ? 84 LEU B CG  1 
ATOM   1238 C  CD1 . LEU B 1 84 ? -2.887  -8.007  19.248  1.00 38.00  ? 84 LEU B CD1 1 
ATOM   1239 C  CD2 . LEU B 1 84 ? -2.478  -6.931  17.031  1.00 41.36  ? 84 LEU B CD2 1 
ATOM   1240 N  N   . HIS B 1 85 ? 0.689   -10.791 17.832  1.00 44.51  ? 85 HIS B N   1 
ATOM   1241 C  CA  . HIS B 1 85 ? 0.625   -12.179 17.378  1.00 46.72  ? 85 HIS B CA  1 
ATOM   1242 C  C   . HIS B 1 85 ? 0.904   -13.157 18.516  1.00 53.27  ? 85 HIS B C   1 
ATOM   1243 O  O   . HIS B 1 85 ? 0.178   -14.137 18.682  1.00 54.74  ? 85 HIS B O   1 
ATOM   1244 C  CB  . HIS B 1 85 ? 1.591   -12.421 16.215  1.00 51.43  ? 85 HIS B CB  1 
ATOM   1245 C  CG  . HIS B 1 85 ? 1.165   -11.773 14.933  1.00 66.08  ? 85 HIS B CG  1 
ATOM   1246 N  ND1 . HIS B 1 85 ? -0.158  -11.649 14.565  1.00 65.69  ? 85 HIS B ND1 1 
ATOM   1247 C  CD2 . HIS B 1 85 ? 1.888   -11.230 13.926  1.00 72.18  ? 85 HIS B CD2 1 
ATOM   1248 C  CE1 . HIS B 1 85 ? -0.232  -11.047 13.392  1.00 66.11  ? 85 HIS B CE1 1 
ATOM   1249 N  NE2 . HIS B 1 85 ? 0.996   -10.785 12.981  1.00 80.16  ? 85 HIS B NE2 1 
ATOM   1250 N  N   . GLU B 1 86 ? 1.954   -12.880 19.294  1.00 51.77  ? 86 GLU B N   1 
ATOM   1251 C  CA  . GLU B 1 86 ? 2.289   -13.667 20.480  1.00 56.81  ? 86 GLU B CA  1 
ATOM   1252 C  C   . GLU B 1 86 ? 1.134   -13.658 21.489  1.00 57.76  ? 86 GLU B C   1 
ATOM   1253 O  O   . GLU B 1 86 ? 0.771   -14.705 22.036  1.00 47.62  ? 86 GLU B O   1 
ATOM   1254 C  CB  . GLU B 1 86 ? 3.575   -13.138 21.120  1.00 64.64  ? 86 GLU B CB  1 
ATOM   1255 C  CG  . GLU B 1 86 ? 4.050   -13.913 22.341  1.00 71.85  ? 86 GLU B CG  1 
ATOM   1256 C  CD  . GLU B 1 86 ? 5.354   -13.374 22.903  1.00 79.44  ? 86 GLU B CD  1 
ATOM   1257 O  OE1 . GLU B 1 86 ? 6.201   -14.194 23.316  1.00 89.14  ? 86 GLU B OE1 1 
ATOM   1258 O  OE2 . GLU B 1 86 ? 5.538   -12.135 22.923  1.00 82.35  ? 86 GLU B OE2 1 
ATOM   1259 N  N   . ALA B 1 87 ? 0.559   -12.477 21.721  1.00 41.09  ? 87 ALA B N   1 
ATOM   1260 C  CA  . ALA B 1 87 ? -0.631  -12.338 22.576  1.00 47.57  ? 87 ALA B CA  1 
ATOM   1261 C  C   . ALA B 1 87 ? -1.830  -13.159 22.088  1.00 51.66  ? 87 ALA B C   1 
ATOM   1262 O  O   . ALA B 1 87 ? -2.527  -13.782 22.891  1.00 55.63  ? 87 ALA B O   1 
ATOM   1263 C  CB  . ALA B 1 87 ? -1.017  -10.874 22.720  1.00 43.93  ? 87 ALA B CB  1 
ATOM   1264 N  N   . PHE B 1 88 ? -2.067  -13.146 20.774  1.00 61.60  ? 88 PHE B N   1 
ATOM   1265 C  CA  . PHE B 1 88 ? -3.131  -13.947 20.157  1.00 51.37  ? 88 PHE B CA  1 
ATOM   1266 C  C   . PHE B 1 88 ? -3.026  -15.431 20.524  1.00 62.18  ? 88 PHE B C   1 
ATOM   1267 O  O   . PHE B 1 88 ? -4.035  -16.062 20.846  1.00 65.43  ? 88 PHE B O   1 
ATOM   1268 C  CB  . PHE B 1 88 ? -3.121  -13.808 18.627  1.00 63.70  ? 88 PHE B CB  1 
ATOM   1269 C  CG  . PHE B 1 88 ? -3.785  -12.554 18.102  1.00 58.62  ? 88 PHE B CG  1 
ATOM   1270 C  CD1 . PHE B 1 88 ? -3.397  -12.025 16.870  1.00 64.27  ? 88 PHE B CD1 1 
ATOM   1271 C  CD2 . PHE B 1 88 ? -4.797  -11.915 18.814  1.00 62.48  ? 88 PHE B CD2 1 
ATOM   1272 C  CE1 . PHE B 1 88 ? -4.005  -10.883 16.358  1.00 61.74  ? 88 PHE B CE1 1 
ATOM   1273 C  CE2 . PHE B 1 88 ? -5.409  -10.766 18.313  1.00 62.67  ? 88 PHE B CE2 1 
ATOM   1274 C  CZ  . PHE B 1 88 ? -5.011  -10.250 17.082  1.00 59.38  ? 88 PHE B CZ  1 
ATOM   1275 N  N   . THR B 1 89 ? -1.805  -15.972 20.475  1.00 55.88  ? 89 THR B N   1 
ATOM   1276 C  CA  . THR B 1 89 ? -1.528  -17.381 20.793  1.00 61.64  ? 89 THR B CA  1 
ATOM   1277 C  C   . THR B 1 89 ? -1.975  -17.784 22.207  1.00 54.70  ? 89 THR B C   1 
ATOM   1278 O  O   . THR B 1 89 ? -2.271  -18.955 22.455  1.00 54.00  ? 89 THR B O   1 
ATOM   1279 C  CB  . THR B 1 89 ? -0.018  -17.726 20.592  1.00 66.37  ? 89 THR B CB  1 
ATOM   1280 O  OG1 . THR B 1 89 ? 0.383   -17.391 19.258  1.00 69.65  ? 89 THR B OG1 1 
ATOM   1281 C  CG2 . THR B 1 89 ? 0.260   -19.212 20.822  1.00 80.77  ? 89 THR B CG2 1 
ATOM   1282 N  N   . LEU B 1 90 ? -2.042  -16.812 23.115  1.00 51.65  ? 90 LEU B N   1 
ATOM   1283 C  CA  . LEU B 1 90 ? -2.318  -17.080 24.532  1.00 56.78  ? 90 LEU B CA  1 
ATOM   1284 C  C   . LEU B 1 90 ? -3.778  -16.887 24.928  1.00 62.64  ? 90 LEU B C   1 
ATOM   1285 O  O   . LEU B 1 90 ? -4.258  -17.518 25.874  1.00 77.05  ? 90 LEU B O   1 
ATOM   1286 C  CB  . LEU B 1 90 ? -1.428  -16.206 25.424  1.00 50.87  ? 90 LEU B CB  1 
ATOM   1287 C  CG  . LEU B 1 90 ? 0.075   -16.213 25.156  1.00 51.98  ? 90 LEU B CG  1 
ATOM   1288 C  CD1 . LEU B 1 90 ? 0.766   -15.170 26.032  1.00 47.96  ? 90 LEU B CD1 1 
ATOM   1289 C  CD2 . LEU B 1 90 ? 0.675   -17.604 25.359  1.00 48.90  ? 90 LEU B CD2 1 
ATOM   1290 N  N   . VAL B 1 91 ? -4.477  -16.011 24.208  1.00 79.69  ? 91 VAL B N   1 
ATOM   1291 C  CA  . VAL B 1 91 ? -5.881  -15.705 24.491  1.00 88.61  ? 91 VAL B CA  1 
ATOM   1292 C  C   . VAL B 1 91 ? -6.811  -16.827 23.985  1.00 89.28  ? 91 VAL B C   1 
ATOM   1293 O  O   . VAL B 1 91 ? -6.372  -17.960 23.776  1.00 85.53  ? 91 VAL B O   1 
ATOM   1294 C  CB  . VAL B 1 91 ? -6.274  -14.287 23.950  1.00 87.46  ? 91 VAL B CB  1 
ATOM   1295 C  CG1 . VAL B 1 91 ? -6.480  -14.293 22.431  1.00 83.14  ? 91 VAL B CG1 1 
ATOM   1296 C  CG2 . VAL B 1 91 ? -7.499  -13.735 24.678  1.00 93.01  ? 91 VAL B CG2 1 
ATOM   1297 O  OXT . VAL B 1 91 ? -8.017  -16.662 23.780  1.00 94.43  ? 91 VAL B OXT 1 
# 
